data_6U3O
#
_entry.id   6U3O
#
_cell.length_a   69.057
_cell.length_b   157.650
_cell.length_c   106.100
_cell.angle_alpha   90.000
_cell.angle_beta   96.530
_cell.angle_gamma   90.000
#
_symmetry.space_group_name_H-M   'P 1 21 1'
#
loop_
_entity.id
_entity.type
_entity.pdbx_description
1 polymer 'T-CELL RECEPTOR, JR5.1 alpha'
2 polymer 'T-CELL RECEPTOR, JR5.1 beta'
3 polymer 'MHC class II HLA-DQ-alpha chain'
4 polymer 'MHC class II HLA-DQ-beta-1'
5 polymer Peptide
6 branched 2-acetamido-2-deoxy-beta-D-glucopyranose-(1-4)-2-acetamido-2-deoxy-beta-D-glucopyranose
7 water water
#
loop_
_entity_poly.entity_id
_entity_poly.type
_entity_poly.pdbx_seq_one_letter_code
_entity_poly.pdbx_strand_id
1 'polypeptide(L)'
;MKTTQPPSMDCAEGRAANLPCNHSTISGNEYVYWYRQIHSQGPQYIIHGLKNNETNEMASLIITEDRKSSTLILPHATLR
DTAVYYCIAFQGAQKLVFGQGTRLTINPNIQNPDPAVYQLRDSKSSDKSVCLFTDFDSQTNVSQSKDSDVYITDKCVLDM
RSMDFKSNSAVAWSNKSDFACANAFNNSIIPEDTFFPSPESS
;
G,A
2 'polypeptide(L)'
;MGVSQSPSNKVTEKGKDVELRCDPISGHTALYWYRQSLGQGLEFLIYFQGNSAPDKSGLPSDRFSAERTGGSVSTLTIQR
TQQEDSAVYLCASSFRALAADTQYFGPGTRLTVLEDLKNVFPPEVAVFEPSEAEISHTQKATLVCLATGFYPDHVELSWW
VNGKEVHSGVCTDPQPLKEQPALNDSRYALSSRLRVSATFWQNPRNHFRCQVQFYGLSENDEWTQDRAKPVTQIVSAEAW
GRAD
;
H,B
3 'polypeptide(L)'
;EDIVADHVASYGVNLYQSYGPSGQYTHEFDGDEQFYVDLGRKETVWSLPVLRQFRFDPQFALTNIAVLKHNLNSLIKRSN
STAATNEVPEVTVFSKSPVTLGQPNILICLVDNIFPPVVNITWLSNGHSVTEGVSETSFLSKSDHSFFKISYLTLLPSAE
ESYDCKVEHWGLDKPLLKHWEPETSGDDDDK
;
C,E
4 'polypeptide(L)'
;GGSGASRDSPEDFVYQFKGMCYFTNGTERVRLVSRSIYNREEIVRFDSDVGEFRAVTLLGLPAAEYWNSQKDILERKRAA
VDRVCRHNYQLELRTTLQRRVEPTVTISPSRTEALNHHNLLVCSVTDFYPAQIKVRWFRNDQEETAGVVSTPLIRNGDWT
FQILVMLEMTPQRGDVYTCHVEHPSLQSPITVEWRAQSTGGDDDDK
;
D,F
5 'polypeptide(L)' AVVQSELPYPEGSGGSIEGR I,J
#
# COMPACT_ATOMS: atom_id res chain seq x y z
N MET A 1 14.75 -15.65 3.66
CA MET A 1 13.66 -15.03 2.92
C MET A 1 13.41 -13.60 3.39
N LYS A 2 13.38 -12.67 2.44
CA LYS A 2 13.13 -11.26 2.74
C LYS A 2 11.66 -10.94 2.51
N THR A 3 11.24 -9.79 3.04
CA THR A 3 9.87 -9.32 2.92
C THR A 3 9.85 -7.97 2.22
N THR A 4 8.76 -7.71 1.51
CA THR A 4 8.53 -6.43 0.85
C THR A 4 7.21 -5.86 1.31
N GLN A 5 7.19 -4.55 1.53
CA GLN A 5 6.01 -3.82 1.96
C GLN A 5 5.92 -2.53 1.17
N PRO A 6 4.71 -1.99 0.98
CA PRO A 6 4.58 -0.66 0.39
C PRO A 6 5.25 0.37 1.28
N PRO A 7 6.09 1.25 0.70
CA PRO A 7 6.86 2.19 1.52
C PRO A 7 6.01 3.07 2.43
N SER A 8 4.88 3.56 1.93
CA SER A 8 4.03 4.42 2.74
C SER A 8 2.56 4.20 2.38
N MET A 9 1.70 4.32 3.38
CA MET A 9 0.27 4.14 3.21
C MET A 9 -0.48 5.14 4.08
N ASP A 10 -1.76 5.35 3.73
CA ASP A 10 -2.65 6.23 4.47
C ASP A 10 -3.91 5.46 4.84
N CYS A 11 -4.50 5.85 5.97
CA CYS A 11 -5.77 5.28 6.37
C CYS A 11 -6.54 6.32 7.19
N ALA A 12 -7.85 6.34 7.02
CA ALA A 12 -8.68 7.25 7.78
C ALA A 12 -8.94 6.68 9.17
N GLU A 13 -8.92 7.56 10.18
CA GLU A 13 -9.15 7.12 11.55
C GLU A 13 -10.55 6.53 11.68
N GLY A 14 -10.68 5.53 12.56
CA GLY A 14 -11.93 4.83 12.76
C GLY A 14 -12.18 3.70 11.78
N ARG A 15 -11.35 3.55 10.75
CA ARG A 15 -11.49 2.47 9.78
C ARG A 15 -10.40 1.43 9.99
N ALA A 16 -10.72 0.19 9.66
CA ALA A 16 -9.73 -0.88 9.74
C ALA A 16 -8.62 -0.63 8.74
N ALA A 17 -7.38 -0.71 9.22
CA ALA A 17 -6.20 -0.50 8.39
C ALA A 17 -5.60 -1.85 8.03
N ASN A 18 -5.47 -2.11 6.73
CA ASN A 18 -4.95 -3.37 6.22
C ASN A 18 -3.57 -3.13 5.62
N LEU A 19 -2.54 -3.71 6.25
CA LEU A 19 -1.16 -3.55 5.79
C LEU A 19 -0.71 -4.83 5.11
N PRO A 20 -0.31 -4.79 3.84
CA PRO A 20 0.09 -6.01 3.15
C PRO A 20 1.59 -6.27 3.24
N CYS A 21 1.95 -7.53 3.10
CA CYS A 21 3.34 -7.97 3.15
C CYS A 21 3.52 -9.15 2.22
N ASN A 22 4.54 -9.09 1.38
CA ASN A 22 4.85 -10.16 0.43
C ASN A 22 6.08 -10.92 0.90
N HIS A 23 5.99 -12.25 0.85
CA HIS A 23 7.11 -13.11 1.21
C HIS A 23 6.95 -14.46 0.51
N SER A 24 7.22 -14.48 -0.79
CA SER A 24 6.97 -15.68 -1.59
C SER A 24 8.00 -16.76 -1.32
N THR A 25 9.24 -16.40 -1.01
CA THR A 25 10.30 -17.36 -0.75
C THR A 25 10.39 -17.77 0.71
N ILE A 26 9.34 -17.56 1.49
CA ILE A 26 9.37 -17.90 2.89
C ILE A 26 9.43 -19.42 3.04
N SER A 27 10.16 -19.88 4.06
CA SER A 27 10.29 -21.30 4.33
C SER A 27 9.31 -21.73 5.42
N GLY A 28 9.23 -23.04 5.62
CA GLY A 28 8.28 -23.59 6.58
C GLY A 28 8.61 -23.27 8.03
N ASN A 29 9.87 -22.95 8.32
CA ASN A 29 10.30 -22.66 9.68
C ASN A 29 10.36 -21.17 9.98
N GLU A 30 9.97 -20.31 9.04
CA GLU A 30 10.04 -18.87 9.22
C GLU A 30 8.67 -18.34 9.62
N TYR A 31 8.61 -17.66 10.75
CA TYR A 31 7.38 -17.03 11.21
C TYR A 31 7.24 -15.63 10.61
N VAL A 32 5.99 -15.20 10.43
CA VAL A 32 5.70 -13.85 9.96
C VAL A 32 5.52 -12.97 11.20
N TYR A 33 6.48 -12.09 11.45
CA TYR A 33 6.47 -11.23 12.62
C TYR A 33 6.19 -9.79 12.21
N TRP A 34 5.47 -9.07 13.08
CA TRP A 34 5.13 -7.68 12.83
C TRP A 34 5.53 -6.82 14.02
N TYR A 35 6.31 -5.78 13.75
CA TYR A 35 6.66 -4.77 14.72
C TYR A 35 6.25 -3.40 14.19
N ARG A 36 6.06 -2.46 15.12
CA ARG A 36 5.90 -1.06 14.74
C ARG A 36 6.74 -0.19 15.65
N GLN A 37 7.23 0.92 15.10
CA GLN A 37 8.11 1.83 15.81
C GLN A 37 7.62 3.25 15.59
N ILE A 38 7.11 3.86 16.65
CA ILE A 38 6.65 5.24 16.60
C ILE A 38 7.86 6.16 16.69
N HIS A 39 7.84 7.25 15.92
CA HIS A 39 8.98 8.15 15.83
C HIS A 39 9.16 8.92 17.14
N SER A 40 10.28 8.70 17.81
CA SER A 40 11.27 7.70 17.44
C SER A 40 11.71 6.89 18.66
N GLN A 41 10.89 5.92 19.05
CA GLN A 41 11.06 5.17 20.28
C GLN A 41 11.51 3.74 19.97
N GLY A 42 11.33 2.85 20.95
CA GLY A 42 11.68 1.45 20.80
C GLY A 42 10.62 0.68 20.02
N PRO A 43 11.07 -0.32 19.25
CA PRO A 43 10.12 -1.14 18.49
C PRO A 43 9.13 -1.84 19.42
N GLN A 44 7.88 -1.89 18.99
CA GLN A 44 6.81 -2.54 19.73
C GLN A 44 6.37 -3.78 18.98
N TYR A 45 6.43 -4.93 19.65
CA TYR A 45 5.94 -6.17 19.05
C TYR A 45 4.43 -6.11 18.91
N ILE A 46 3.93 -6.44 17.72
CA ILE A 46 2.50 -6.39 17.45
C ILE A 46 1.91 -7.79 17.53
N ILE A 47 2.26 -8.63 16.55
CA ILE A 47 1.68 -9.96 16.46
C ILE A 47 2.60 -10.80 15.57
N HIS A 48 2.43 -12.12 15.64
CA HIS A 48 3.16 -13.03 14.76
C HIS A 48 2.34 -14.29 14.57
N GLY A 49 2.70 -15.05 13.55
CA GLY A 49 2.01 -16.30 13.24
C GLY A 49 2.82 -17.16 12.30
N LEU A 50 2.39 -18.42 12.20
CA LEU A 50 3.06 -19.37 11.32
C LEU A 50 2.20 -19.67 10.10
N LYS A 51 1.16 -20.48 10.29
CA LYS A 51 0.22 -20.82 9.22
C LYS A 51 -1.19 -20.34 9.49
N ASN A 52 -1.63 -20.40 10.75
CA ASN A 52 -3.01 -20.07 11.10
C ASN A 52 -3.21 -18.56 10.99
N ASN A 53 -4.38 -18.10 11.39
CA ASN A 53 -4.68 -16.68 11.55
C ASN A 53 -4.72 -16.35 13.03
N GLU A 54 -4.04 -15.27 13.42
CA GLU A 54 -3.92 -14.87 14.81
C GLU A 54 -4.65 -13.55 15.04
N THR A 55 -5.05 -13.35 16.29
CA THR A 55 -5.79 -12.13 16.68
C THR A 55 -5.29 -11.68 18.04
N ASN A 56 -4.70 -10.49 18.07
CA ASN A 56 -4.27 -9.87 19.32
C ASN A 56 -5.37 -8.97 19.86
N GLU A 57 -5.13 -8.42 21.04
CA GLU A 57 -5.88 -7.24 21.48
C GLU A 57 -5.42 -5.98 20.76
N MET A 58 -4.37 -6.07 19.94
CA MET A 58 -3.80 -4.95 19.22
C MET A 58 -4.08 -4.99 17.72
N ALA A 59 -4.10 -6.17 17.12
CA ALA A 59 -4.28 -6.30 15.68
C ALA A 59 -4.58 -7.75 15.35
N SER A 60 -4.80 -8.02 14.06
CA SER A 60 -4.98 -9.37 13.55
C SER A 60 -4.00 -9.61 12.41
N LEU A 61 -3.70 -10.89 12.16
CA LEU A 61 -2.75 -11.30 11.14
C LEU A 61 -3.38 -12.40 10.31
N ILE A 62 -3.48 -12.16 9.00
CA ILE A 62 -4.05 -13.13 8.07
C ILE A 62 -2.95 -13.60 7.13
N ILE A 63 -2.69 -14.91 7.14
CA ILE A 63 -1.66 -15.52 6.31
C ILE A 63 -2.34 -16.40 5.26
N THR A 64 -1.95 -16.22 4.00
CA THR A 64 -2.53 -17.00 2.92
C THR A 64 -2.18 -18.48 3.08
N GLU A 65 -2.98 -19.32 2.42
CA GLU A 65 -2.81 -20.77 2.55
C GLU A 65 -1.42 -21.21 2.11
N ASP A 66 -0.88 -20.59 1.05
CA ASP A 66 0.45 -20.91 0.56
C ASP A 66 1.55 -20.17 1.30
N ARG A 67 1.21 -19.36 2.30
CA ARG A 67 2.15 -18.61 3.14
C ARG A 67 3.00 -17.62 2.35
N LYS A 68 2.64 -17.30 1.11
CA LYS A 68 3.45 -16.42 0.28
C LYS A 68 3.14 -14.95 0.49
N SER A 69 2.10 -14.62 1.26
CA SER A 69 1.80 -13.22 1.57
C SER A 69 0.94 -13.19 2.83
N SER A 70 1.01 -12.06 3.54
CA SER A 70 0.31 -11.89 4.80
C SER A 70 -0.26 -10.49 4.89
N THR A 71 -1.18 -10.32 5.84
CA THR A 71 -1.85 -9.04 6.05
C THR A 71 -1.96 -8.75 7.54
N LEU A 72 -1.54 -7.56 7.93
CA LEU A 72 -1.75 -7.06 9.29
C LEU A 72 -2.98 -6.15 9.27
N ILE A 73 -3.88 -6.36 10.24
CA ILE A 73 -5.14 -5.62 10.29
C ILE A 73 -5.23 -4.92 11.64
N LEU A 74 -5.11 -3.60 11.62
CA LEU A 74 -5.39 -2.81 12.81
C LEU A 74 -6.90 -2.58 12.89
N PRO A 75 -7.56 -3.02 13.96
CA PRO A 75 -9.04 -3.09 13.93
C PRO A 75 -9.74 -1.75 13.80
N HIS A 76 -9.26 -0.72 14.49
CA HIS A 76 -9.99 0.55 14.57
C HIS A 76 -8.93 1.66 14.72
N ALA A 77 -8.38 2.07 13.58
CA ALA A 77 -7.21 2.93 13.57
C ALA A 77 -7.45 4.23 14.31
N THR A 78 -6.46 4.64 15.11
CA THR A 78 -6.43 5.91 15.80
C THR A 78 -5.13 6.62 15.45
N LEU A 79 -4.96 7.84 15.96
CA LEU A 79 -3.73 8.57 15.73
C LEU A 79 -2.52 7.86 16.32
N ARG A 80 -2.73 7.06 17.37
CA ARG A 80 -1.62 6.34 18.00
C ARG A 80 -1.07 5.24 17.11
N ASP A 81 -1.80 4.83 16.07
CA ASP A 81 -1.32 3.81 15.15
C ASP A 81 -0.43 4.37 14.05
N THR A 82 -0.19 5.68 14.03
CA THR A 82 0.74 6.28 13.07
C THR A 82 2.17 5.90 13.46
N ALA A 83 2.80 5.05 12.66
CA ALA A 83 4.15 4.57 12.94
C ALA A 83 4.66 3.86 11.69
N VAL A 84 5.91 3.39 11.78
CA VAL A 84 6.49 2.53 10.76
C VAL A 84 6.25 1.08 11.16
N TYR A 85 5.69 0.29 10.25
CA TYR A 85 5.33 -1.09 10.53
C TYR A 85 6.27 -2.02 9.77
N TYR A 86 6.94 -2.91 10.50
CA TYR A 86 7.92 -3.82 9.93
C TYR A 86 7.34 -5.24 9.88
N CYS A 87 7.43 -5.86 8.71
CA CYS A 87 7.04 -7.26 8.51
C CYS A 87 8.31 -8.08 8.28
N ILE A 88 8.52 -9.09 9.11
CA ILE A 88 9.77 -9.85 9.12
C ILE A 88 9.48 -11.34 9.03
N ALA A 89 10.28 -12.05 8.25
CA ALA A 89 10.31 -13.51 8.27
C ALA A 89 11.41 -13.93 9.24
N PHE A 90 11.04 -14.61 10.31
CA PHE A 90 11.92 -14.85 11.45
C PHE A 90 12.03 -16.33 11.74
N GLN A 91 13.27 -16.82 11.82
CA GLN A 91 13.56 -18.21 12.15
C GLN A 91 14.73 -18.23 13.13
N GLY A 92 15.14 -19.44 13.52
CA GLY A 92 16.18 -19.61 14.52
C GLY A 92 17.49 -18.94 14.17
N ALA A 93 17.73 -17.78 14.79
CA ALA A 93 18.91 -16.96 14.54
C ALA A 93 18.96 -15.87 15.60
N GLN A 94 20.16 -15.36 15.85
CA GLN A 94 20.32 -14.32 16.86
C GLN A 94 19.76 -12.98 16.35
N LYS A 95 20.00 -12.65 15.09
CA LYS A 95 19.69 -11.33 14.57
C LYS A 95 18.27 -11.27 14.01
N LEU A 96 17.54 -10.24 14.40
CA LEU A 96 16.27 -9.85 13.80
C LEU A 96 16.52 -8.62 12.94
N VAL A 97 16.10 -8.67 11.68
CA VAL A 97 16.45 -7.65 10.70
C VAL A 97 15.18 -6.90 10.30
N PHE A 98 15.29 -5.57 10.26
CA PHE A 98 14.20 -4.71 9.82
C PHE A 98 14.45 -4.26 8.39
N GLY A 99 13.41 -4.36 7.56
CA GLY A 99 13.45 -3.81 6.22
C GLY A 99 13.16 -2.32 6.23
N GLN A 100 12.56 -1.83 5.15
CA GLN A 100 12.16 -0.43 5.12
C GLN A 100 10.80 -0.21 5.77
N GLY A 101 9.97 -1.24 5.85
CA GLY A 101 8.69 -1.12 6.51
C GLY A 101 7.71 -0.24 5.76
N THR A 102 6.52 -0.11 6.34
CA THR A 102 5.47 0.75 5.80
C THR A 102 5.30 1.96 6.71
N ARG A 103 5.55 3.15 6.17
CA ARG A 103 5.27 4.40 6.86
C ARG A 103 3.77 4.63 6.87
N LEU A 104 3.08 4.17 7.91
CA LEU A 104 1.63 4.28 7.97
C LEU A 104 1.24 5.61 8.62
N THR A 105 0.39 6.37 7.92
CA THR A 105 -0.14 7.62 8.40
C THR A 105 -1.65 7.49 8.58
N ILE A 106 -2.14 7.85 9.76
CA ILE A 106 -3.57 7.84 10.05
C ILE A 106 -4.06 9.27 9.98
N ASN A 107 -4.87 9.57 8.96
CA ASN A 107 -5.32 10.94 8.78
C ASN A 107 -6.58 11.19 9.62
N PRO A 108 -6.66 12.34 10.27
CA PRO A 108 -7.88 12.67 11.02
C PRO A 108 -9.02 13.03 10.08
N ASN A 109 -10.24 12.68 10.50
CA ASN A 109 -11.44 13.01 9.73
C ASN A 109 -11.89 14.40 10.11
N ILE A 110 -11.39 15.40 9.39
CA ILE A 110 -11.72 16.80 9.63
C ILE A 110 -13.13 17.06 9.11
N GLN A 111 -14.08 17.30 10.02
CA GLN A 111 -15.46 17.50 9.63
C GLN A 111 -15.63 18.76 8.80
N ASN A 112 -15.23 19.91 9.34
CA ASN A 112 -15.41 21.20 8.67
C ASN A 112 -14.10 21.97 8.63
N PRO A 113 -13.36 21.93 7.52
CA PRO A 113 -12.12 22.71 7.43
C PRO A 113 -12.40 24.21 7.52
N ASP A 114 -11.52 24.91 8.24
CA ASP A 114 -11.66 26.35 8.46
C ASP A 114 -10.28 26.99 8.41
N PRO A 115 -9.62 26.96 7.24
CA PRO A 115 -8.23 27.40 7.15
C PRO A 115 -8.06 28.85 7.57
N ALA A 116 -6.98 29.12 8.31
CA ALA A 116 -6.72 30.46 8.84
C ALA A 116 -5.27 30.55 9.28
N VAL A 117 -4.78 31.78 9.34
CA VAL A 117 -3.45 32.10 9.85
C VAL A 117 -3.60 33.19 10.90
N TYR A 118 -2.96 32.99 12.05
CA TYR A 118 -3.12 33.90 13.17
C TYR A 118 -1.74 34.37 13.66
N GLN A 119 -1.77 35.44 14.44
CA GLN A 119 -0.58 36.02 15.05
C GLN A 119 -0.72 35.98 16.56
N LEU A 120 0.35 35.58 17.24
CA LEU A 120 0.35 35.37 18.68
C LEU A 120 1.40 36.24 19.34
N ARG A 121 1.13 36.67 20.57
CA ARG A 121 1.99 37.62 21.26
C ARG A 121 2.67 36.97 22.45
N ASP A 122 3.89 37.44 22.75
CA ASP A 122 4.67 36.88 23.85
C ASP A 122 4.10 37.31 25.19
N SER A 123 4.01 36.36 26.12
CA SER A 123 3.48 36.64 27.45
C SER A 123 4.43 37.53 28.25
N ASP A 127 10.46 36.06 20.22
CA ASP A 127 10.45 37.53 20.31
C ASP A 127 9.03 38.06 20.44
N LYS A 128 8.58 38.76 19.40
CA LYS A 128 7.26 39.40 19.43
C LYS A 128 6.17 38.40 19.05
N SER A 129 6.10 38.03 17.78
CA SER A 129 5.01 37.22 17.27
C SER A 129 5.50 35.94 16.61
N VAL A 130 4.55 35.01 16.44
CA VAL A 130 4.70 33.81 15.64
C VAL A 130 3.42 33.69 14.80
N CYS A 131 3.51 32.91 13.72
CA CYS A 131 2.39 32.71 12.81
C CYS A 131 1.94 31.26 12.89
N LEU A 132 0.68 31.05 13.26
CA LEU A 132 0.10 29.73 13.41
C LEU A 132 -0.96 29.52 12.33
N PHE A 133 -0.70 28.58 11.43
CA PHE A 133 -1.61 28.25 10.33
C PHE A 133 -2.32 26.94 10.68
N THR A 134 -3.60 27.03 11.02
CA THR A 134 -4.34 25.92 11.61
C THR A 134 -5.62 25.65 10.85
N ASP A 135 -6.28 24.55 11.24
CA ASP A 135 -7.61 24.16 10.78
C ASP A 135 -7.68 23.90 9.28
N PHE A 136 -6.56 23.62 8.63
CA PHE A 136 -6.59 23.32 7.21
C PHE A 136 -6.89 21.84 6.99
N ASP A 137 -7.07 21.48 5.72
CA ASP A 137 -7.44 20.14 5.33
C ASP A 137 -6.22 19.23 5.26
N SER A 138 -6.42 17.94 5.57
CA SER A 138 -5.34 16.98 5.52
C SER A 138 -4.82 16.73 4.12
N GLN A 139 -5.62 17.05 3.09
CA GLN A 139 -5.15 16.89 1.71
C GLN A 139 -3.97 17.81 1.42
N THR A 140 -4.04 19.06 1.89
CA THR A 140 -2.97 20.01 1.62
C THR A 140 -1.78 19.74 2.52
N ASN A 141 -0.58 19.94 1.97
CA ASN A 141 0.67 19.75 2.71
C ASN A 141 1.47 21.05 2.68
N VAL A 142 2.05 21.39 3.83
CA VAL A 142 2.81 22.64 3.95
C VAL A 142 4.21 22.44 3.36
N SER A 143 4.86 23.58 3.09
CA SER A 143 6.16 23.60 2.45
C SER A 143 7.12 24.49 3.24
N GLN A 144 8.41 24.21 3.09
CA GLN A 144 9.43 25.04 3.69
C GLN A 144 9.56 26.37 2.94
N SER A 145 10.20 27.34 3.58
CA SER A 145 10.46 28.65 3.01
C SER A 145 11.90 28.68 2.49
N LYS A 146 12.09 29.16 1.26
CA LYS A 146 13.44 29.32 0.75
C LYS A 146 14.25 30.30 1.59
N ASP A 147 13.60 31.31 2.15
CA ASP A 147 14.30 32.30 2.95
C ASP A 147 14.74 31.69 4.27
N SER A 148 15.94 32.06 4.71
CA SER A 148 16.42 31.66 6.03
C SER A 148 15.88 32.62 7.08
N ASP A 149 16.07 32.23 8.34
CA ASP A 149 15.61 32.99 9.50
C ASP A 149 14.09 33.01 9.63
N VAL A 150 13.36 32.68 8.56
CA VAL A 150 11.94 32.38 8.67
C VAL A 150 11.82 30.85 8.77
N TYR A 151 11.18 30.37 9.84
CA TYR A 151 11.07 28.94 10.11
C TYR A 151 9.63 28.49 9.95
N ILE A 152 9.45 27.31 9.35
CA ILE A 152 8.12 26.71 9.20
C ILE A 152 8.26 25.23 9.54
N THR A 153 7.65 24.81 10.65
CA THR A 153 7.65 23.41 11.02
C THR A 153 6.57 22.66 10.25
N ASP A 154 6.82 21.37 10.03
CA ASP A 154 5.84 20.53 9.34
C ASP A 154 4.54 20.46 10.14
N LYS A 155 3.45 20.21 9.42
CA LYS A 155 2.15 20.08 10.07
C LYS A 155 2.14 18.88 11.02
N CYS A 156 1.37 19.02 12.09
CA CYS A 156 1.12 17.88 12.97
C CYS A 156 -0.28 18.02 13.54
N VAL A 157 -0.96 16.88 13.67
CA VAL A 157 -2.39 16.88 13.94
C VAL A 157 -2.64 17.05 15.43
N LEU A 158 -3.45 18.05 15.78
CA LEU A 158 -3.84 18.32 17.15
C LEU A 158 -5.13 17.55 17.46
N ASP A 159 -5.24 17.04 18.68
CA ASP A 159 -6.41 16.26 19.09
C ASP A 159 -6.96 16.82 20.40
N MET A 160 -8.12 17.47 20.33
CA MET A 160 -8.85 17.92 21.52
C MET A 160 -9.91 16.87 21.82
N ARG A 161 -9.52 15.83 22.57
CA ARG A 161 -10.43 14.72 22.84
C ARG A 161 -11.64 15.16 23.66
N SER A 162 -11.49 16.22 24.46
CA SER A 162 -12.62 16.72 25.25
C SER A 162 -13.73 17.28 24.36
N MET A 163 -13.45 17.55 23.09
CA MET A 163 -14.44 18.10 22.17
C MET A 163 -14.70 17.23 20.95
N ASP A 164 -14.08 16.05 20.87
CA ASP A 164 -14.11 15.22 19.67
C ASP A 164 -13.62 15.96 18.43
N PHE A 165 -12.89 17.06 18.64
CA PHE A 165 -12.40 17.91 17.56
C PHE A 165 -10.92 17.67 17.32
N LYS A 166 -10.56 17.61 16.05
CA LYS A 166 -9.16 17.46 15.63
C LYS A 166 -8.83 18.54 14.62
N SER A 167 -7.55 18.93 14.59
CA SER A 167 -7.12 20.03 13.75
C SER A 167 -5.65 19.87 13.38
N ASN A 168 -5.32 20.23 12.15
CA ASN A 168 -3.93 20.33 11.72
C ASN A 168 -3.42 21.75 11.99
N SER A 169 -2.11 21.86 12.19
CA SER A 169 -1.54 23.16 12.52
C SER A 169 -0.05 23.16 12.18
N ALA A 170 0.43 24.30 11.71
CA ALA A 170 1.84 24.53 11.47
C ALA A 170 2.24 25.87 12.06
N VAL A 171 3.45 25.95 12.58
CA VAL A 171 3.94 27.13 13.29
C VAL A 171 5.09 27.73 12.50
N ALA A 172 5.07 29.06 12.36
CA ALA A 172 6.13 29.81 11.71
C ALA A 172 6.50 31.02 12.55
N TRP A 173 7.79 31.35 12.56
CA TRP A 173 8.26 32.51 13.31
C TRP A 173 9.52 33.07 12.68
N SER A 174 9.80 34.34 12.99
CA SER A 174 10.98 35.04 12.52
C SER A 174 11.19 36.29 13.36
N ASN A 175 12.42 36.80 13.34
CA ASN A 175 12.71 38.11 13.94
C ASN A 175 13.15 39.17 12.95
N LYS A 176 13.46 38.81 11.71
CA LYS A 176 13.86 39.76 10.67
C LYS A 176 12.80 39.90 9.58
N SER A 177 13.05 40.86 8.68
CA SER A 177 12.21 41.26 7.56
C SER A 177 10.87 41.87 7.98
N ASP A 178 10.69 42.19 9.26
CA ASP A 178 9.41 42.69 9.77
C ASP A 178 8.31 41.71 9.36
N PHE A 179 8.54 40.44 9.69
CA PHE A 179 7.69 39.35 9.26
C PHE A 179 6.23 39.55 9.62
N ALA A 180 5.40 39.60 8.58
CA ALA A 180 3.95 39.70 8.69
C ALA A 180 3.38 38.31 8.46
N CYS A 181 2.39 37.93 9.26
CA CYS A 181 1.79 36.60 9.10
C CYS A 181 1.00 36.54 7.80
N ALA A 182 1.64 36.93 6.71
CA ALA A 182 1.06 36.96 5.36
C ALA A 182 2.20 36.67 4.39
N ASN A 183 2.00 35.69 3.52
CA ASN A 183 2.95 35.20 2.52
C ASN A 183 4.01 34.30 3.16
N ALA A 184 4.10 34.24 4.49
CA ALA A 184 5.07 33.35 5.13
C ALA A 184 4.83 31.90 4.73
N PHE A 185 3.56 31.48 4.68
CA PHE A 185 3.19 30.14 4.25
C PHE A 185 2.86 30.06 2.76
N ASN A 186 2.92 31.19 2.03
CA ASN A 186 2.45 31.22 0.65
C ASN A 186 3.18 30.23 -0.25
N ASN A 187 4.41 29.85 0.11
CA ASN A 187 5.12 28.83 -0.66
C ASN A 187 4.38 27.49 -0.67
N SER A 188 3.36 27.31 0.17
CA SER A 188 2.64 26.05 0.23
C SER A 188 1.44 26.10 -0.71
N ILE A 189 0.70 25.00 -0.78
CA ILE A 189 -0.48 24.91 -1.62
C ILE A 189 -1.71 25.09 -0.73
N ILE A 190 -1.73 26.17 0.04
CA ILE A 190 -2.85 26.48 0.93
C ILE A 190 -4.06 26.85 0.08
N PRO A 191 -5.27 26.54 0.54
CA PRO A 191 -6.46 26.85 -0.25
C PRO A 191 -6.70 28.36 -0.37
N GLU A 192 -7.56 28.70 -1.32
CA GLU A 192 -7.90 30.11 -1.54
C GLU A 192 -8.82 30.64 -0.44
N ASP A 193 -9.67 29.78 0.12
CA ASP A 193 -10.62 30.18 1.15
C ASP A 193 -9.93 30.63 2.43
N THR A 194 -8.63 30.43 2.57
CA THR A 194 -7.91 30.88 3.76
C THR A 194 -7.99 32.39 3.87
N PHE A 195 -8.15 32.88 5.10
CA PHE A 195 -8.29 34.31 5.34
C PHE A 195 -7.22 34.82 6.30
N PHE A 196 -6.74 36.03 6.04
CA PHE A 196 -5.72 36.69 6.84
C PHE A 196 -6.34 37.87 7.57
N PRO A 197 -6.49 37.82 8.89
CA PRO A 197 -7.06 38.94 9.66
C PRO A 197 -6.19 40.19 9.64
N GLY B 2 7.81 -5.42 30.83
CA GLY B 2 8.52 -4.69 29.80
C GLY B 2 10.01 -4.61 30.06
N VAL B 3 10.80 -4.43 29.00
CA VAL B 3 12.24 -4.29 29.12
C VAL B 3 12.56 -2.87 29.55
N SER B 4 13.45 -2.73 30.54
CA SER B 4 13.86 -1.44 31.06
C SER B 4 15.28 -1.13 30.59
N GLN B 5 15.54 0.15 30.34
CA GLN B 5 16.86 0.62 29.94
C GLN B 5 17.15 1.94 30.60
N SER B 6 18.42 2.14 30.96
CA SER B 6 18.87 3.39 31.57
C SER B 6 20.31 3.63 31.15
N PRO B 7 20.72 4.88 30.95
CA PRO B 7 19.84 6.06 30.99
C PRO B 7 19.04 6.24 29.71
N SER B 8 18.02 7.08 29.73
CA SER B 8 17.26 7.33 28.51
C SER B 8 18.07 8.13 27.51
N ASN B 9 18.89 9.06 27.98
CA ASN B 9 19.73 9.87 27.11
C ASN B 9 21.13 9.96 27.70
N LYS B 10 22.12 10.10 26.82
CA LYS B 10 23.50 10.25 27.25
C LYS B 10 24.25 11.10 26.23
N VAL B 11 24.65 12.30 26.64
CA VAL B 11 25.52 13.16 25.86
C VAL B 11 26.89 13.14 26.55
N THR B 12 27.92 12.77 25.81
CA THR B 12 29.26 12.65 26.37
C THR B 12 30.29 13.20 25.39
N GLU B 13 31.40 13.65 25.94
CA GLU B 13 32.55 14.06 25.15
C GLU B 13 33.32 12.82 24.69
N LYS B 14 33.98 12.94 23.53
CA LYS B 14 34.73 11.82 23.01
C LYS B 14 35.87 11.46 23.95
N GLY B 15 36.20 10.18 23.99
CA GLY B 15 37.22 9.66 24.88
C GLY B 15 36.71 9.18 26.23
N LYS B 16 35.50 9.57 26.61
CA LYS B 16 34.92 9.12 27.86
C LYS B 16 34.30 7.74 27.70
N ASP B 17 34.22 7.01 28.81
CA ASP B 17 33.55 5.72 28.85
C ASP B 17 32.08 5.91 29.24
N VAL B 18 31.20 5.19 28.56
CA VAL B 18 29.78 5.23 28.87
C VAL B 18 29.31 3.81 29.17
N GLU B 19 28.32 3.71 30.05
CA GLU B 19 27.80 2.42 30.49
C GLU B 19 26.28 2.42 30.32
N LEU B 20 25.79 1.47 29.52
CA LEU B 20 24.36 1.31 29.28
C LEU B 20 23.83 0.13 30.09
N ARG B 21 22.60 0.26 30.56
CA ARG B 21 21.98 -0.72 31.43
C ARG B 21 20.72 -1.26 30.78
N CYS B 22 20.48 -2.56 30.94
CA CYS B 22 19.29 -3.19 30.41
C CYS B 22 18.72 -4.17 31.43
N ASP B 23 17.40 -4.14 31.59
CA ASP B 23 16.69 -5.00 32.53
C ASP B 23 15.73 -5.89 31.75
N PRO B 24 16.09 -7.13 31.47
CA PRO B 24 15.22 -7.99 30.64
C PRO B 24 13.94 -8.36 31.37
N ILE B 25 12.96 -8.80 30.57
CA ILE B 25 11.72 -9.33 31.13
C ILE B 25 12.03 -10.51 32.03
N SER B 26 11.32 -10.58 33.16
CA SER B 26 11.51 -11.68 34.10
C SER B 26 11.24 -13.02 33.41
N GLY B 27 12.17 -13.95 33.56
CA GLY B 27 12.05 -15.27 32.97
C GLY B 27 12.65 -15.39 31.59
N HIS B 28 13.19 -14.32 31.03
CA HIS B 28 13.81 -14.33 29.71
C HIS B 28 15.32 -14.54 29.88
N THR B 29 15.81 -15.70 29.45
CA THR B 29 17.22 -16.03 29.58
C THR B 29 18.06 -15.58 28.40
N ALA B 30 17.44 -15.14 27.31
CA ALA B 30 18.15 -14.59 26.16
C ALA B 30 18.00 -13.07 26.15
N LEU B 31 19.13 -12.38 25.96
CA LEU B 31 19.15 -10.92 25.97
C LEU B 31 19.96 -10.45 24.78
N TYR B 32 19.44 -9.46 24.05
CA TYR B 32 20.04 -8.99 22.82
C TYR B 32 20.37 -7.51 22.92
N TRP B 33 21.47 -7.11 22.28
CA TRP B 33 21.86 -5.72 22.17
C TRP B 33 21.86 -5.30 20.69
N TYR B 34 21.18 -4.21 20.40
CA TYR B 34 21.19 -3.60 19.07
C TYR B 34 21.53 -2.12 19.21
N ARG B 35 21.91 -1.51 18.09
CA ARG B 35 22.00 -0.07 17.99
C ARG B 35 21.39 0.36 16.67
N GLN B 36 20.81 1.56 16.67
CA GLN B 36 20.02 2.01 15.52
C GLN B 36 20.28 3.49 15.29
N SER B 37 20.77 3.82 14.10
CA SER B 37 20.76 5.19 13.61
C SER B 37 19.52 5.39 12.75
N LEU B 38 19.21 6.66 12.48
CA LEU B 38 18.10 7.01 11.60
C LEU B 38 18.49 8.25 10.82
N GLY B 39 18.55 8.15 9.49
CA GLY B 39 18.19 6.95 8.77
C GLY B 39 19.19 5.80 8.71
N GLN B 40 18.80 4.67 9.31
CA GLN B 40 19.59 3.45 9.33
C GLN B 40 18.71 2.36 9.95
N GLY B 41 19.13 1.11 9.81
CA GLY B 41 18.36 -0.02 10.30
C GLY B 41 18.86 -0.55 11.62
N LEU B 42 18.35 -1.72 11.99
CA LEU B 42 18.72 -2.39 13.23
C LEU B 42 20.06 -3.11 13.07
N GLU B 43 21.06 -2.67 13.83
CA GLU B 43 22.41 -3.22 13.77
C GLU B 43 22.61 -4.14 14.97
N PHE B 44 22.77 -5.44 14.70
CA PHE B 44 22.98 -6.40 15.78
C PHE B 44 24.37 -6.24 16.38
N LEU B 45 24.47 -6.42 17.70
CA LEU B 45 25.73 -6.24 18.42
C LEU B 45 26.17 -7.52 19.13
N ILE B 46 25.36 -8.05 20.04
CA ILE B 46 25.77 -9.19 20.85
C ILE B 46 24.52 -9.75 21.52
N TYR B 47 24.57 -11.03 21.91
CA TYR B 47 23.46 -11.63 22.64
C TYR B 47 24.01 -12.55 23.71
N PHE B 48 23.16 -12.81 24.71
CA PHE B 48 23.52 -13.62 25.87
C PHE B 48 22.51 -14.76 26.02
N GLN B 49 23.01 -15.96 26.28
CA GLN B 49 22.21 -17.06 26.77
C GLN B 49 22.65 -17.34 28.20
N GLY B 50 21.75 -17.13 29.15
CA GLY B 50 22.17 -17.13 30.55
C GLY B 50 23.17 -16.01 30.76
N ASN B 51 24.28 -16.33 31.41
CA ASN B 51 25.32 -15.34 31.69
C ASN B 51 26.45 -15.34 30.67
N SER B 52 26.34 -16.15 29.62
CA SER B 52 27.40 -16.31 28.64
C SER B 52 26.96 -15.75 27.29
N ALA B 53 27.91 -15.16 26.56
CA ALA B 53 27.67 -14.64 25.23
C ALA B 53 28.40 -15.51 24.21
N PRO B 54 27.72 -16.45 23.56
CA PRO B 54 28.41 -17.29 22.55
C PRO B 54 28.86 -16.52 21.33
N ASP B 55 28.24 -15.37 21.05
CA ASP B 55 28.51 -14.59 19.85
C ASP B 55 29.18 -13.28 20.26
N LYS B 56 30.52 -13.29 20.29
CA LYS B 56 31.25 -12.08 20.62
C LYS B 56 31.46 -11.18 19.40
N SER B 57 31.39 -11.75 18.19
CA SER B 57 31.46 -10.95 16.99
C SER B 57 30.18 -10.12 16.82
N GLY B 58 30.24 -9.17 15.90
CA GLY B 58 29.18 -8.20 15.74
C GLY B 58 29.42 -6.89 16.45
N LEU B 59 30.26 -6.89 17.48
CA LEU B 59 30.65 -5.64 18.12
C LEU B 59 31.44 -4.78 17.14
N PRO B 60 31.19 -3.47 17.10
CA PRO B 60 31.90 -2.62 16.12
C PRO B 60 33.41 -2.61 16.29
N SER B 61 33.91 -2.69 17.52
CA SER B 61 35.34 -2.70 17.77
C SER B 61 35.59 -3.32 19.14
N ASP B 62 36.86 -3.36 19.54
CA ASP B 62 37.24 -3.88 20.84
C ASP B 62 36.93 -2.92 21.98
N ARG B 63 36.59 -1.67 21.69
CA ARG B 63 36.15 -0.74 22.72
C ARG B 63 34.79 -1.09 23.27
N PHE B 64 34.01 -1.90 22.55
CA PHE B 64 32.71 -2.36 23.02
C PHE B 64 32.87 -3.67 23.79
N SER B 65 32.22 -3.73 24.95
CA SER B 65 32.22 -4.94 25.75
C SER B 65 30.89 -5.01 26.50
N ALA B 66 30.35 -6.21 26.62
CA ALA B 66 29.07 -6.43 27.27
C ALA B 66 29.23 -7.46 28.38
N GLU B 67 28.38 -7.36 29.39
CA GLU B 67 28.38 -8.26 30.54
C GLU B 67 26.96 -8.56 30.94
N ARG B 68 26.71 -9.80 31.38
CA ARG B 68 25.45 -10.22 31.96
C ARG B 68 25.74 -11.21 33.06
N THR B 69 26.58 -10.80 34.02
CA THR B 69 27.15 -11.73 35.00
C THR B 69 26.06 -12.41 35.82
N GLY B 70 25.05 -11.66 36.24
CA GLY B 70 24.00 -12.22 37.07
C GLY B 70 23.06 -13.16 36.35
N GLY B 71 23.09 -13.18 35.02
CA GLY B 71 22.12 -13.91 34.25
C GLY B 71 20.82 -13.17 34.03
N SER B 72 20.70 -11.96 34.56
CA SER B 72 19.52 -11.13 34.41
C SER B 72 19.91 -9.82 33.77
N VAL B 73 20.19 -8.80 34.60
CA VAL B 73 20.54 -7.48 34.10
C VAL B 73 21.85 -7.55 33.35
N SER B 74 21.91 -6.88 32.19
CA SER B 74 23.11 -6.80 31.39
C SER B 74 23.56 -5.35 31.26
N THR B 75 24.85 -5.19 30.98
CA THR B 75 25.44 -3.86 30.84
C THR B 75 26.35 -3.84 29.62
N LEU B 76 26.28 -2.78 28.84
CA LEU B 76 27.12 -2.58 27.66
C LEU B 76 27.99 -1.36 27.90
N THR B 77 29.30 -1.54 27.76
CA THR B 77 30.27 -0.50 28.05
C THR B 77 31.00 -0.12 26.77
N ILE B 78 31.10 1.18 26.51
CA ILE B 78 31.79 1.72 25.34
C ILE B 78 32.93 2.57 25.87
N GLN B 79 34.15 2.04 25.83
CA GLN B 79 35.31 2.77 26.32
C GLN B 79 35.83 3.72 25.26
N ARG B 80 36.29 4.89 25.70
CA ARG B 80 36.89 5.90 24.82
C ARG B 80 36.04 6.12 23.57
N THR B 81 34.89 6.75 23.81
CA THR B 81 33.86 6.86 22.78
C THR B 81 34.37 7.68 21.59
N GLN B 82 33.83 7.38 20.42
CA GLN B 82 34.16 8.04 19.18
C GLN B 82 32.93 8.74 18.62
N GLN B 83 33.14 9.54 17.58
CA GLN B 83 32.03 10.21 16.92
C GLN B 83 31.03 9.22 16.36
N GLU B 84 31.52 8.14 15.72
CA GLU B 84 30.67 7.17 15.06
C GLU B 84 29.86 6.30 16.03
N ASP B 85 30.11 6.40 17.34
CA ASP B 85 29.38 5.59 18.31
C ASP B 85 27.97 6.13 18.56
N SER B 86 27.67 7.34 18.13
CA SER B 86 26.36 7.94 18.40
C SER B 86 25.26 7.16 17.70
N ALA B 87 24.29 6.68 18.48
CA ALA B 87 23.17 5.90 17.97
C ALA B 87 22.16 5.73 19.09
N VAL B 88 21.07 5.04 18.78
CA VAL B 88 20.09 4.62 19.77
C VAL B 88 20.35 3.14 20.04
N TYR B 89 20.79 2.82 21.25
CA TYR B 89 21.16 1.46 21.61
C TYR B 89 19.94 0.75 22.19
N LEU B 90 19.44 -0.24 21.46
CA LEU B 90 18.24 -0.96 21.84
C LEU B 90 18.60 -2.28 22.50
N CYS B 91 17.80 -2.67 23.49
CA CYS B 91 17.96 -3.94 24.19
C CYS B 91 16.71 -4.77 24.00
N ALA B 92 16.88 -6.09 23.90
CA ALA B 92 15.74 -6.99 23.75
C ALA B 92 15.97 -8.24 24.59
N SER B 93 14.88 -8.96 24.83
CA SER B 93 14.94 -10.20 25.58
C SER B 93 13.88 -11.16 25.08
N SER B 94 14.17 -12.45 25.20
CA SER B 94 13.23 -13.50 24.82
C SER B 94 13.42 -14.68 25.77
N PHE B 95 12.46 -15.60 25.73
CA PHE B 95 12.56 -16.85 26.49
C PHE B 95 13.95 -17.46 26.35
N ARG B 96 14.38 -17.61 25.10
CA ARG B 96 15.55 -18.42 24.78
C ARG B 96 16.13 -17.91 23.47
N ALA B 97 17.42 -18.16 23.28
CA ALA B 97 18.12 -17.75 22.06
C ALA B 97 18.04 -18.84 21.02
N LEU B 98 18.12 -18.43 19.75
CA LEU B 98 18.17 -19.32 18.59
C LEU B 98 16.93 -20.21 18.48
N ALA B 99 15.82 -19.82 19.10
CA ALA B 99 14.59 -20.60 19.05
C ALA B 99 13.47 -19.87 18.32
N ALA B 100 13.78 -18.76 17.66
CA ALA B 100 12.77 -17.92 17.01
C ALA B 100 11.73 -17.43 18.02
N ASP B 101 12.15 -17.20 19.25
CA ASP B 101 11.25 -16.68 20.27
C ASP B 101 11.04 -15.18 20.06
N THR B 102 9.86 -14.70 20.46
CA THR B 102 9.53 -13.29 20.31
C THR B 102 10.50 -12.44 21.10
N GLN B 103 11.16 -11.50 20.42
CA GLN B 103 12.09 -10.58 21.07
C GLN B 103 11.34 -9.30 21.43
N TYR B 104 11.35 -8.94 22.71
CA TYR B 104 10.71 -7.74 23.21
C TYR B 104 11.75 -6.67 23.51
N PHE B 105 11.52 -5.46 23.02
CA PHE B 105 12.50 -4.39 23.08
C PHE B 105 12.23 -3.45 24.25
N GLY B 106 13.24 -2.64 24.57
CA GLY B 106 13.12 -1.60 25.57
C GLY B 106 13.07 -0.23 24.96
N PRO B 107 13.01 0.82 25.79
CA PRO B 107 12.91 2.18 25.25
C PRO B 107 14.18 2.66 24.56
N GLY B 108 15.31 2.00 24.79
CA GLY B 108 16.56 2.40 24.18
C GLY B 108 17.28 3.52 24.93
N THR B 109 18.55 3.69 24.57
CA THR B 109 19.39 4.78 25.10
C THR B 109 19.94 5.56 23.92
N ARG B 110 19.52 6.81 23.76
CA ARG B 110 20.04 7.64 22.68
C ARG B 110 21.38 8.22 23.12
N LEU B 111 22.47 7.75 22.52
CA LEU B 111 23.80 8.22 22.83
C LEU B 111 24.27 9.20 21.75
N THR B 112 24.83 10.32 22.19
CA THR B 112 25.41 11.30 21.28
C THR B 112 26.80 11.66 21.78
N VAL B 113 27.81 11.41 20.94
CA VAL B 113 29.20 11.69 21.28
C VAL B 113 29.67 12.86 20.44
N LEU B 114 30.33 13.82 21.09
CA LEU B 114 30.73 15.07 20.48
C LEU B 114 32.25 15.21 20.51
N GLU B 115 32.80 15.90 19.52
CA GLU B 115 34.23 16.18 19.52
C GLU B 115 34.60 17.10 20.69
N ASP B 116 33.81 18.14 20.91
CA ASP B 116 33.98 19.00 22.08
C ASP B 116 32.62 19.45 22.56
N LEU B 117 32.59 19.91 23.81
CA LEU B 117 31.37 20.36 24.47
C LEU B 117 31.13 21.86 24.32
N LYS B 118 31.86 22.53 23.44
CA LYS B 118 31.81 23.99 23.37
C LYS B 118 30.47 24.49 22.84
N ASN B 119 29.92 23.84 21.81
CA ASN B 119 28.66 24.29 21.23
C ASN B 119 27.44 23.81 22.01
N VAL B 120 27.63 23.12 23.13
CA VAL B 120 26.50 22.66 23.94
C VAL B 120 25.92 23.84 24.70
N PHE B 121 24.60 24.01 24.60
CA PHE B 121 23.89 25.11 25.23
C PHE B 121 22.45 24.68 25.51
N PRO B 122 21.85 25.16 26.59
CA PRO B 122 20.48 24.75 26.93
C PRO B 122 19.46 25.44 26.04
N PRO B 123 18.21 24.97 26.05
CA PRO B 123 17.19 25.62 25.21
C PRO B 123 16.66 26.89 25.85
N GLU B 124 16.07 27.73 25.00
CA GLU B 124 15.34 28.91 25.43
C GLU B 124 13.86 28.68 25.16
N VAL B 125 13.06 28.66 26.23
CA VAL B 125 11.63 28.35 26.15
C VAL B 125 10.84 29.64 26.21
N ALA B 126 9.78 29.72 25.40
CA ALA B 126 8.89 30.86 25.38
C ALA B 126 7.50 30.40 24.99
N VAL B 127 6.49 30.85 25.73
CA VAL B 127 5.10 30.53 25.46
C VAL B 127 4.45 31.73 24.77
N PHE B 128 3.57 31.46 23.81
CA PHE B 128 2.90 32.48 23.03
C PHE B 128 1.40 32.37 23.25
N GLU B 129 0.77 33.47 23.68
CA GLU B 129 -0.63 33.48 24.06
C GLU B 129 -1.53 33.45 22.82
N PRO B 130 -2.75 32.94 22.96
CA PRO B 130 -3.63 32.75 21.80
C PRO B 130 -3.94 34.04 21.06
N SER B 131 -4.23 33.90 19.77
CA SER B 131 -4.60 35.03 18.93
C SER B 131 -6.01 35.51 19.25
N GLU B 132 -6.17 36.83 19.29
CA GLU B 132 -7.49 37.42 19.53
C GLU B 132 -8.46 37.05 18.41
N ALA B 133 -7.98 36.99 17.17
CA ALA B 133 -8.83 36.62 16.06
C ALA B 133 -9.26 35.15 16.11
N GLU B 134 -8.40 34.28 16.64
CA GLU B 134 -8.75 32.87 16.75
C GLU B 134 -9.85 32.66 17.80
N ILE B 135 -9.78 33.40 18.91
CA ILE B 135 -10.78 33.23 19.96
C ILE B 135 -12.14 33.75 19.49
N SER B 136 -12.16 34.79 18.66
CA SER B 136 -13.42 35.35 18.18
C SER B 136 -14.03 34.49 17.09
N HIS B 137 -13.20 33.91 16.21
CA HIS B 137 -13.71 33.21 15.04
C HIS B 137 -14.17 31.79 15.36
N THR B 138 -13.41 31.06 16.17
CA THR B 138 -13.67 29.63 16.37
C THR B 138 -13.91 29.23 17.82
N GLN B 139 -13.91 30.17 18.76
CA GLN B 139 -14.12 29.88 20.18
C GLN B 139 -13.12 28.85 20.71
N LYS B 140 -11.93 28.80 20.11
CA LYS B 140 -10.87 27.92 20.54
C LYS B 140 -9.58 28.72 20.64
N ALA B 141 -8.74 28.38 21.62
CA ALA B 141 -7.51 29.11 21.90
C ALA B 141 -6.33 28.17 21.73
N THR B 142 -5.46 28.49 20.77
CA THR B 142 -4.24 27.73 20.52
C THR B 142 -3.05 28.55 20.99
N LEU B 143 -2.29 28.02 21.94
CA LEU B 143 -1.05 28.63 22.40
C LEU B 143 0.13 27.77 21.95
N VAL B 144 1.21 28.45 21.54
CA VAL B 144 2.35 27.81 20.91
C VAL B 144 3.57 28.00 21.80
N CYS B 145 4.34 26.93 21.98
CA CYS B 145 5.59 26.96 22.72
C CYS B 145 6.76 26.76 21.76
N LEU B 146 7.84 27.49 21.99
CA LEU B 146 9.02 27.46 21.13
C LEU B 146 10.27 27.29 21.98
N ALA B 147 10.90 26.12 21.87
CA ALA B 147 12.20 25.87 22.48
C ALA B 147 13.26 26.03 21.41
N THR B 148 14.15 27.01 21.59
CA THR B 148 15.10 27.38 20.55
C THR B 148 16.52 27.44 21.12
N GLY B 149 17.48 27.33 20.22
CA GLY B 149 18.88 27.53 20.56
C GLY B 149 19.49 26.47 21.45
N PHE B 150 19.08 25.20 21.30
CA PHE B 150 19.65 24.11 22.07
C PHE B 150 20.41 23.15 21.17
N TYR B 151 21.41 22.48 21.75
CA TYR B 151 22.25 21.52 21.07
C TYR B 151 22.90 20.61 22.12
N PRO B 152 22.82 19.29 21.97
CA PRO B 152 22.21 18.54 20.86
C PRO B 152 20.68 18.47 20.93
N ASP B 153 20.08 17.58 20.14
CA ASP B 153 18.65 17.50 19.96
C ASP B 153 17.96 16.65 21.03
N HIS B 154 18.53 16.58 22.23
CA HIS B 154 17.97 15.77 23.31
C HIS B 154 17.04 16.65 24.15
N VAL B 155 15.76 16.70 23.77
CA VAL B 155 14.78 17.52 24.46
C VAL B 155 13.48 16.74 24.59
N GLU B 156 12.79 16.94 25.71
CA GLU B 156 11.47 16.40 25.95
C GLU B 156 10.56 17.53 26.40
N LEU B 157 9.55 17.84 25.61
CA LEU B 157 8.66 18.96 25.86
C LEU B 157 7.31 18.45 26.36
N SER B 158 6.79 19.10 27.40
CA SER B 158 5.51 18.75 28.00
C SER B 158 4.76 20.01 28.41
N TRP B 159 3.43 19.92 28.37
CA TRP B 159 2.57 21.01 28.77
C TRP B 159 1.97 20.72 30.15
N TRP B 160 1.88 21.75 30.98
CA TRP B 160 1.37 21.61 32.34
C TRP B 160 0.31 22.68 32.60
N VAL B 161 -0.92 22.23 32.84
CA VAL B 161 -2.05 23.12 33.11
C VAL B 161 -2.44 22.97 34.57
N ASN B 162 -2.32 24.06 35.33
CA ASN B 162 -2.70 24.10 36.75
C ASN B 162 -1.91 23.07 37.57
N GLY B 163 -0.65 22.86 37.21
CA GLY B 163 0.21 21.98 37.96
C GLY B 163 0.10 20.51 37.63
N LYS B 164 -0.74 20.15 36.66
CA LYS B 164 -0.92 18.77 36.24
C LYS B 164 -0.59 18.65 34.76
N GLU B 165 0.24 17.66 34.41
CA GLU B 165 0.63 17.47 33.02
C GLU B 165 -0.57 17.07 32.18
N VAL B 166 -0.63 17.61 30.96
CA VAL B 166 -1.75 17.35 30.06
C VAL B 166 -1.24 16.72 28.78
N HIS B 167 -2.09 15.90 28.17
CA HIS B 167 -1.81 15.28 26.88
C HIS B 167 -2.86 15.58 25.84
N SER B 168 -4.12 15.78 26.26
CA SER B 168 -5.16 16.17 25.32
C SER B 168 -4.92 17.59 24.82
N GLY B 169 -5.16 17.79 23.52
CA GLY B 169 -4.99 19.10 22.93
C GLY B 169 -3.55 19.51 22.71
N VAL B 170 -2.61 18.57 22.65
CA VAL B 170 -1.20 18.86 22.49
C VAL B 170 -0.71 18.22 21.20
N CYS B 171 0.16 18.94 20.48
CA CYS B 171 0.91 18.36 19.38
C CYS B 171 2.27 19.02 19.31
N THR B 172 3.32 18.23 19.52
CA THR B 172 4.70 18.68 19.43
C THR B 172 5.33 18.15 18.15
N ASP B 173 6.18 18.95 17.53
CA ASP B 173 6.90 18.50 16.35
C ASP B 173 7.64 17.21 16.66
N PRO B 174 7.45 16.15 15.87
CA PRO B 174 8.09 14.86 16.19
C PRO B 174 9.61 14.90 16.16
N GLN B 175 10.21 15.83 15.42
CA GLN B 175 11.64 15.91 15.30
C GLN B 175 12.09 17.36 15.27
N PRO B 176 13.14 17.72 16.01
CA PRO B 176 13.63 19.10 15.96
C PRO B 176 14.28 19.41 14.62
N LEU B 177 14.23 20.68 14.24
CA LEU B 177 14.84 21.17 13.01
C LEU B 177 16.04 22.05 13.32
N LYS B 178 17.07 21.92 12.48
CA LYS B 178 18.30 22.68 12.68
C LYS B 178 18.11 24.13 12.24
N GLU B 179 18.57 25.07 13.08
CA GLU B 179 18.38 26.48 12.78
C GLU B 179 19.21 26.92 11.58
N GLN B 180 20.45 26.43 11.46
CA GLN B 180 21.32 26.72 10.32
C GLN B 180 21.51 25.44 9.55
N PRO B 181 20.63 25.11 8.61
CA PRO B 181 20.69 23.79 7.94
C PRO B 181 21.99 23.52 7.20
N ALA B 182 22.74 24.56 6.82
CA ALA B 182 23.95 24.34 6.04
C ALA B 182 25.13 23.96 6.93
N LEU B 183 25.23 24.58 8.10
CA LEU B 183 26.37 24.33 8.98
C LEU B 183 26.36 22.90 9.50
N ASN B 184 27.55 22.39 9.80
CA ASN B 184 27.68 21.02 10.31
C ASN B 184 27.22 20.94 11.75
N ASP B 185 27.72 21.83 12.61
CA ASP B 185 27.37 21.82 14.03
C ASP B 185 26.33 22.91 14.34
N SER B 186 25.18 22.78 13.69
CA SER B 186 24.09 23.73 13.86
C SER B 186 23.28 23.43 15.11
N ARG B 187 22.65 24.46 15.66
CA ARG B 187 21.80 24.32 16.83
C ARG B 187 20.35 24.05 16.39
N TYR B 188 19.53 23.63 17.35
CA TYR B 188 18.20 23.10 17.07
C TYR B 188 17.11 24.00 17.64
N ALA B 189 15.89 23.74 17.18
CA ALA B 189 14.69 24.45 17.63
C ALA B 189 13.50 23.50 17.55
N LEU B 190 12.54 23.69 18.45
CA LEU B 190 11.38 22.80 18.55
C LEU B 190 10.14 23.62 18.86
N SER B 191 9.00 23.21 18.30
CA SER B 191 7.73 23.89 18.50
C SER B 191 6.69 22.90 18.97
N SER B 192 5.67 23.42 19.66
CA SER B 192 4.56 22.62 20.14
C SER B 192 3.33 23.50 20.27
N ARG B 193 2.15 22.89 20.15
CA ARG B 193 0.89 23.60 20.23
C ARG B 193 0.02 23.01 21.33
N LEU B 194 -0.65 23.89 22.06
CA LEU B 194 -1.67 23.49 23.05
C LEU B 194 -2.94 24.25 22.74
N ARG B 195 -4.01 23.52 22.45
CA ARG B 195 -5.30 24.12 22.11
C ARG B 195 -6.31 23.81 23.18
N VAL B 196 -6.97 24.86 23.68
CA VAL B 196 -8.01 24.73 24.70
C VAL B 196 -9.20 25.56 24.26
N SER B 197 -10.30 25.43 24.99
CA SER B 197 -11.50 26.18 24.67
C SER B 197 -11.32 27.66 24.98
N ALA B 198 -12.20 28.49 24.41
CA ALA B 198 -12.14 29.92 24.64
C ALA B 198 -12.38 30.27 26.10
N THR B 199 -13.41 29.67 26.71
CA THR B 199 -13.73 29.98 28.09
C THR B 199 -12.63 29.53 29.05
N PHE B 200 -11.90 28.47 28.72
CA PHE B 200 -10.83 28.01 29.60
C PHE B 200 -9.65 28.97 29.55
N TRP B 201 -9.35 29.52 28.38
CA TRP B 201 -8.25 30.50 28.28
C TRP B 201 -8.65 31.83 28.90
N GLN B 202 -9.89 32.29 28.63
CA GLN B 202 -10.35 33.57 29.17
C GLN B 202 -10.41 33.57 30.68
N ASN B 203 -10.27 32.41 31.33
CA ASN B 203 -10.23 32.33 32.77
C ASN B 203 -8.86 32.78 33.27
N PRO B 204 -8.78 33.87 34.05
CA PRO B 204 -7.46 34.35 34.51
C PRO B 204 -6.84 33.52 35.62
N ARG B 205 -7.56 32.53 36.15
CA ARG B 205 -7.05 31.67 37.21
C ARG B 205 -6.53 30.33 36.69
N ASN B 206 -6.43 30.18 35.38
CA ASN B 206 -5.88 28.98 34.76
C ASN B 206 -4.41 29.21 34.43
N HIS B 207 -3.55 28.30 34.87
CA HIS B 207 -2.11 28.41 34.73
C HIS B 207 -1.63 27.50 33.61
N PHE B 208 -0.79 28.05 32.72
CA PHE B 208 -0.26 27.31 31.58
C PHE B 208 1.25 27.39 31.62
N ARG B 209 1.91 26.25 31.63
CA ARG B 209 3.37 26.20 31.67
C ARG B 209 3.89 25.22 30.63
N CYS B 210 4.93 25.65 29.90
CA CYS B 210 5.62 24.82 28.92
C CYS B 210 6.95 24.39 29.52
N GLN B 211 7.13 23.08 29.66
CA GLN B 211 8.32 22.51 30.29
C GLN B 211 9.16 21.79 29.24
N VAL B 212 10.46 22.04 29.27
CA VAL B 212 11.40 21.42 28.34
C VAL B 212 12.52 20.77 29.15
N GLN B 213 12.62 19.45 29.09
CA GLN B 213 13.70 18.71 29.71
C GLN B 213 14.89 18.67 28.75
N PHE B 214 16.01 19.23 29.19
CA PHE B 214 17.23 19.25 28.39
C PHE B 214 18.24 18.29 29.00
N TYR B 215 18.84 17.47 28.15
CA TYR B 215 19.87 16.52 28.57
C TYR B 215 21.23 17.02 28.07
N GLY B 216 22.12 17.32 29.01
CA GLY B 216 23.44 17.81 28.68
C GLY B 216 24.52 17.19 29.55
N LEU B 217 25.27 18.04 30.24
CA LEU B 217 26.35 17.58 31.10
C LEU B 217 25.80 17.13 32.45
N SER B 218 26.68 16.64 33.31
CA SER B 218 26.32 16.22 34.66
C SER B 218 27.29 16.87 35.65
N GLU B 219 27.12 16.53 36.93
CA GLU B 219 28.02 17.04 37.95
C GLU B 219 29.42 16.46 37.82
N ASN B 220 29.55 15.30 37.17
CA ASN B 220 30.87 14.70 36.96
C ASN B 220 31.63 15.45 35.89
N ASP B 221 30.94 15.94 34.86
CA ASP B 221 31.61 16.61 33.75
C ASP B 221 32.15 17.96 34.20
N GLU B 222 33.38 18.25 33.80
CA GLU B 222 34.04 19.50 34.13
C GLU B 222 33.83 20.53 33.03
N TRP B 223 33.65 21.78 33.43
CA TRP B 223 33.36 22.88 32.52
C TRP B 223 34.47 23.92 32.59
N THR B 224 34.91 24.40 31.42
CA THR B 224 36.01 25.35 31.33
C THR B 224 35.58 26.76 30.96
N GLN B 225 34.52 26.91 30.16
CA GLN B 225 34.06 28.23 29.74
C GLN B 225 33.62 29.06 30.94
N ASP B 226 33.53 30.37 30.71
CA ASP B 226 32.95 31.27 31.70
C ASP B 226 31.43 31.34 31.62
N ARG B 227 30.83 30.78 30.57
CA ARG B 227 29.39 30.72 30.46
C ARG B 227 28.83 29.65 31.40
N ALA B 228 27.51 29.60 31.51
CA ALA B 228 26.86 28.63 32.37
C ALA B 228 27.09 27.22 31.84
N LYS B 229 27.43 26.30 32.74
CA LYS B 229 27.65 24.91 32.37
C LYS B 229 26.35 24.31 31.83
N PRO B 230 26.29 23.99 30.53
CA PRO B 230 25.04 23.43 29.97
C PRO B 230 24.72 22.06 30.55
N VAL B 231 24.22 22.07 31.78
CA VAL B 231 23.92 20.84 32.50
C VAL B 231 22.53 20.34 32.12
N THR B 232 22.26 19.08 32.43
CA THR B 232 20.91 18.56 32.32
C THR B 232 19.98 19.35 33.23
N GLN B 233 18.97 19.97 32.66
CA GLN B 233 18.14 20.91 33.40
C GLN B 233 16.76 20.99 32.77
N ILE B 234 15.88 21.70 33.46
CA ILE B 234 14.52 21.98 32.99
C ILE B 234 14.38 23.48 32.80
N VAL B 235 13.92 23.88 31.62
CA VAL B 235 13.68 25.28 31.29
C VAL B 235 12.20 25.44 31.02
N SER B 236 11.58 26.42 31.68
CA SER B 236 10.13 26.59 31.62
C SER B 236 9.78 28.00 31.18
N ALA B 237 8.56 28.12 30.65
CA ALA B 237 7.98 29.42 30.32
C ALA B 237 6.50 29.34 30.60
N GLU B 238 5.99 30.26 31.40
CA GLU B 238 4.61 30.21 31.87
C GLU B 238 3.82 31.41 31.36
N ALA B 239 2.50 31.24 31.33
CA ALA B 239 1.57 32.29 30.97
C ALA B 239 0.26 32.05 31.69
N TRP B 240 -0.41 33.15 32.05
CA TRP B 240 -1.68 33.09 32.75
C TRP B 240 -2.81 33.47 31.80
N GLY B 241 -4.02 33.02 32.16
CA GLY B 241 -5.19 33.42 31.39
C GLY B 241 -5.39 34.91 31.41
N ARG B 242 -6.03 35.41 30.35
CA ARG B 242 -6.21 36.84 30.15
C ARG B 242 -7.65 37.16 29.80
N ALA B 243 -8.18 38.21 30.42
CA ALA B 243 -9.56 38.64 30.16
C ALA B 243 -9.58 39.84 29.24
N MET C 1 -13.74 16.39 -3.90
CA MET C 1 -13.20 15.31 -3.09
C MET C 1 -11.97 14.68 -3.77
N LYS C 2 -10.88 14.59 -3.04
CA LYS C 2 -9.65 13.98 -3.55
C LYS C 2 -9.53 12.53 -3.08
N THR C 3 -8.61 11.82 -3.72
CA THR C 3 -8.34 10.42 -3.42
C THR C 3 -6.88 10.27 -3.01
N THR C 4 -6.61 9.30 -2.15
CA THR C 4 -5.26 8.98 -1.72
C THR C 4 -4.96 7.52 -1.99
N GLN C 5 -3.74 7.25 -2.45
CA GLN C 5 -3.26 5.91 -2.74
C GLN C 5 -1.84 5.75 -2.22
N PRO C 6 -1.42 4.53 -1.90
CA PRO C 6 -0.01 4.31 -1.58
C PRO C 6 0.86 4.62 -2.79
N PRO C 7 1.94 5.39 -2.59
CA PRO C 7 2.75 5.82 -3.74
C PRO C 7 3.28 4.67 -4.58
N SER C 8 3.72 3.58 -3.95
CA SER C 8 4.26 2.45 -4.69
C SER C 8 3.93 1.16 -3.95
N MET C 9 3.70 0.10 -4.71
CA MET C 9 3.38 -1.21 -4.17
C MET C 9 4.06 -2.28 -5.00
N ASP C 10 4.19 -3.47 -4.41
CA ASP C 10 4.77 -4.63 -5.07
C ASP C 10 3.78 -5.77 -5.04
N CYS C 11 3.83 -6.62 -6.05
CA CYS C 11 3.02 -7.83 -6.10
C CYS C 11 3.76 -8.89 -6.89
N ALA C 12 3.63 -10.14 -6.46
CA ALA C 12 4.23 -11.26 -7.19
C ALA C 12 3.36 -11.64 -8.37
N GLU C 13 4.02 -11.97 -9.49
CA GLU C 13 3.30 -12.36 -10.69
C GLU C 13 2.48 -13.63 -10.44
N GLY C 14 1.33 -13.71 -11.11
CA GLY C 14 0.43 -14.83 -10.94
C GLY C 14 -0.49 -14.74 -9.75
N ARG C 15 -0.33 -13.74 -8.89
CA ARG C 15 -1.18 -13.55 -7.71
C ARG C 15 -2.13 -12.40 -7.94
N ALA C 16 -3.30 -12.48 -7.32
CA ALA C 16 -4.26 -11.38 -7.39
C ALA C 16 -3.67 -10.14 -6.71
N ALA C 17 -3.72 -9.02 -7.42
CA ALA C 17 -3.21 -7.75 -6.92
C ALA C 17 -4.36 -6.90 -6.42
N ASN C 18 -4.29 -6.49 -5.15
CA ASN C 18 -5.33 -5.68 -4.53
C ASN C 18 -4.78 -4.28 -4.31
N LEU C 19 -5.32 -3.29 -5.03
CA LEU C 19 -4.88 -1.92 -4.93
C LEU C 19 -5.89 -1.10 -4.14
N PRO C 20 -5.50 -0.49 -3.03
CA PRO C 20 -6.46 0.27 -2.22
C PRO C 20 -6.50 1.76 -2.61
N CYS C 21 -7.65 2.36 -2.32
CA CYS C 21 -7.89 3.77 -2.59
C CYS C 21 -8.80 4.32 -1.50
N ASN C 22 -8.43 5.45 -0.93
CA ASN C 22 -9.20 6.10 0.12
C ASN C 22 -9.88 7.34 -0.44
N HIS C 23 -11.17 7.50 -0.12
CA HIS C 23 -11.93 8.67 -0.53
C HIS C 23 -13.10 8.87 0.41
N SER C 24 -12.81 9.37 1.63
CA SER C 24 -13.83 9.48 2.66
C SER C 24 -14.81 10.62 2.40
N THR C 25 -14.34 11.71 1.79
CA THR C 25 -15.19 12.87 1.52
C THR C 25 -15.91 12.78 0.18
N ILE C 26 -16.04 11.58 -0.38
CA ILE C 26 -16.67 11.42 -1.69
C ILE C 26 -18.15 11.80 -1.59
N SER C 27 -18.67 12.40 -2.65
CA SER C 27 -20.06 12.82 -2.71
C SER C 27 -20.90 11.79 -3.46
N GLY C 28 -22.21 11.97 -3.40
CA GLY C 28 -23.13 11.01 -4.01
C GLY C 28 -23.08 10.95 -5.51
N ASN C 29 -22.61 12.01 -6.17
CA ASN C 29 -22.57 12.07 -7.63
C ASN C 29 -21.20 11.69 -8.20
N GLU C 30 -20.25 11.30 -7.36
CA GLU C 30 -18.89 11.02 -7.79
C GLU C 30 -18.69 9.52 -7.98
N TYR C 31 -18.30 9.13 -9.18
CA TYR C 31 -17.97 7.75 -9.49
C TYR C 31 -16.51 7.47 -9.15
N VAL C 32 -16.23 6.22 -8.80
CA VAL C 32 -14.86 5.77 -8.54
C VAL C 32 -14.31 5.23 -9.86
N TYR C 33 -13.38 5.95 -10.45
CA TYR C 33 -12.78 5.59 -11.73
C TYR C 33 -11.33 5.15 -11.53
N TRP C 34 -10.91 4.17 -12.32
CA TRP C 34 -9.55 3.65 -12.27
C TRP C 34 -8.92 3.67 -13.66
N TYR C 35 -7.76 4.29 -13.75
CA TYR C 35 -6.94 4.29 -14.95
C TYR C 35 -5.56 3.74 -14.62
N ARG C 36 -4.86 3.26 -15.64
CA ARG C 36 -3.45 2.91 -15.53
C ARG C 36 -2.70 3.48 -16.72
N GLN C 37 -1.43 3.82 -16.49
CA GLN C 37 -0.60 4.43 -17.52
C GLN C 37 0.76 3.73 -17.54
N ILE C 38 1.02 2.98 -18.59
CA ILE C 38 2.32 2.35 -18.79
C ILE C 38 3.28 3.38 -19.37
N HIS C 39 4.53 3.35 -18.91
CA HIS C 39 5.50 4.37 -19.29
C HIS C 39 5.89 4.23 -20.76
N SER C 40 5.61 5.26 -21.55
CA SER C 40 4.86 6.44 -21.11
C SER C 40 3.85 6.77 -22.18
N GLN C 41 2.75 6.04 -22.19
CA GLN C 41 1.76 6.08 -23.25
C GLN C 41 0.49 6.79 -22.77
N GLY C 42 -0.61 6.58 -23.48
CA GLY C 42 -1.87 7.15 -23.10
C GLY C 42 -2.51 6.38 -21.99
N PRO C 43 -3.19 7.07 -21.08
CA PRO C 43 -3.87 6.38 -19.98
C PRO C 43 -4.90 5.40 -20.50
N GLN C 44 -4.98 4.25 -19.84
CA GLN C 44 -5.90 3.18 -20.23
C GLN C 44 -7.00 3.08 -19.17
N TYR C 45 -8.25 3.21 -19.60
CA TYR C 45 -9.38 3.04 -18.69
C TYR C 45 -9.47 1.59 -18.24
N ILE C 46 -9.62 1.38 -16.93
CA ILE C 46 -9.70 0.04 -16.38
C ILE C 46 -11.15 -0.30 -16.06
N ILE C 47 -11.71 0.34 -15.04
CA ILE C 47 -13.05 0.02 -14.56
C ILE C 47 -13.56 1.21 -13.75
N HIS C 48 -14.87 1.25 -13.53
CA HIS C 48 -15.48 2.26 -12.67
C HIS C 48 -16.77 1.71 -12.09
N GLY C 49 -17.24 2.38 -11.03
CA GLY C 49 -18.46 1.96 -10.37
C GLY C 49 -18.97 3.06 -9.47
N LEU C 50 -20.23 2.89 -9.05
CA LEU C 50 -20.89 3.86 -8.17
C LEU C 50 -21.06 3.28 -6.77
N LYS C 51 -22.01 2.36 -6.58
CA LYS C 51 -22.25 1.71 -5.30
C LYS C 51 -21.96 0.22 -5.30
N ASN C 52 -22.30 -0.47 -6.39
CA ASN C 52 -22.16 -1.92 -6.45
C ASN C 52 -20.68 -2.28 -6.56
N ASN C 53 -20.42 -3.57 -6.76
CA ASN C 53 -19.11 -4.08 -7.11
C ASN C 53 -19.12 -4.46 -8.58
N GLU C 54 -18.11 -4.02 -9.32
CA GLU C 54 -18.05 -4.23 -10.75
C GLU C 54 -16.92 -5.19 -11.09
N THR C 55 -17.05 -5.88 -12.23
CA THR C 55 -16.07 -6.86 -12.67
C THR C 55 -15.91 -6.75 -14.18
N ASN C 56 -14.71 -6.38 -14.61
CA ASN C 56 -14.36 -6.32 -16.02
C ASN C 56 -13.72 -7.64 -16.46
N GLU C 57 -13.41 -7.73 -17.75
CA GLU C 57 -12.46 -8.74 -18.21
C GLU C 57 -11.03 -8.38 -17.85
N MET C 58 -10.82 -7.20 -17.26
CA MET C 58 -9.50 -6.71 -16.88
C MET C 58 -9.25 -6.71 -15.38
N ALA C 59 -10.26 -6.43 -14.57
CA ALA C 59 -10.09 -6.30 -13.13
C ALA C 59 -11.46 -6.29 -12.47
N SER C 60 -11.45 -6.22 -11.13
CA SER C 60 -12.65 -6.07 -10.34
C SER C 60 -12.51 -4.84 -9.43
N LEU C 61 -13.64 -4.28 -9.04
CA LEU C 61 -13.67 -3.08 -8.21
C LEU C 61 -14.64 -3.31 -7.07
N ILE C 62 -14.14 -3.19 -5.84
CA ILE C 62 -14.93 -3.36 -4.63
C ILE C 62 -15.02 -2.02 -3.93
N ILE C 63 -16.24 -1.52 -3.77
CA ILE C 63 -16.50 -0.27 -3.08
C ILE C 63 -17.24 -0.59 -1.79
N THR C 64 -16.73 -0.07 -0.67
CA THR C 64 -17.36 -0.32 0.61
C THR C 64 -18.77 0.28 0.62
N GLU C 65 -19.61 -0.25 1.52
CA GLU C 65 -21.00 0.20 1.58
C GLU C 65 -21.10 1.69 1.87
N ASP C 66 -20.20 2.21 2.69
CA ASP C 66 -20.20 3.64 3.00
C ASP C 66 -19.48 4.46 1.93
N ARG C 67 -18.99 3.83 0.88
CA ARG C 67 -18.36 4.45 -0.28
C ARG C 67 -17.12 5.26 0.08
N LYS C 68 -16.59 5.10 1.29
CA LYS C 68 -15.44 5.87 1.73
C LYS C 68 -14.10 5.27 1.33
N SER C 69 -14.10 4.06 0.77
CA SER C 69 -12.86 3.46 0.28
C SER C 69 -13.22 2.39 -0.74
N SER C 70 -12.28 2.12 -1.65
CA SER C 70 -12.48 1.16 -2.72
C SER C 70 -11.19 0.39 -2.94
N THR C 71 -11.32 -0.74 -3.65
CA THR C 71 -10.19 -1.61 -3.92
C THR C 71 -10.28 -2.12 -5.36
N LEU C 72 -9.19 -2.00 -6.10
CA LEU C 72 -9.07 -2.59 -7.43
C LEU C 72 -8.36 -3.93 -7.32
N ILE C 73 -8.89 -4.94 -7.99
CA ILE C 73 -8.38 -6.30 -7.90
C ILE C 73 -8.01 -6.77 -9.30
N LEU C 74 -6.71 -6.89 -9.55
CA LEU C 74 -6.24 -7.52 -10.77
C LEU C 74 -6.23 -9.04 -10.59
N PRO C 75 -6.96 -9.79 -11.41
CA PRO C 75 -7.20 -11.21 -11.07
C PRO C 75 -5.94 -12.05 -11.05
N HIS C 76 -5.04 -11.87 -12.01
CA HIS C 76 -3.88 -12.76 -12.17
C HIS C 76 -2.74 -11.91 -12.73
N ALA C 77 -2.06 -11.18 -11.84
CA ALA C 77 -1.11 -10.16 -12.24
C ALA C 77 0.01 -10.75 -13.10
N THR C 78 0.36 -10.02 -14.17
CA THR C 78 1.49 -10.34 -15.03
C THR C 78 2.40 -9.12 -15.11
N LEU C 79 3.53 -9.27 -15.80
CA LEU C 79 4.44 -8.14 -15.95
C LEU C 79 3.80 -7.00 -16.71
N ARG C 80 2.84 -7.29 -17.59
CA ARG C 80 2.15 -6.27 -18.35
C ARG C 80 1.26 -5.38 -17.49
N ASP C 81 0.97 -5.81 -16.26
CA ASP C 81 0.20 -4.99 -15.32
C ASP C 81 1.07 -4.02 -14.55
N THR C 82 2.38 -4.04 -14.77
CA THR C 82 3.28 -3.07 -14.14
C THR C 82 3.05 -1.69 -14.76
N ALA C 83 2.46 -0.79 -13.98
CA ALA C 83 2.12 0.55 -14.46
C ALA C 83 1.77 1.41 -13.25
N VAL C 84 1.46 2.68 -13.51
CA VAL C 84 0.94 3.59 -12.50
C VAL C 84 -0.57 3.53 -12.55
N TYR C 85 -1.20 3.30 -11.40
CA TYR C 85 -2.65 3.14 -11.31
C TYR C 85 -3.25 4.36 -10.63
N TYR C 86 -4.18 5.03 -11.33
CA TYR C 86 -4.79 6.25 -10.84
C TYR C 86 -6.23 5.97 -10.41
N CYS C 87 -6.56 6.38 -9.19
CA CYS C 87 -7.91 6.29 -8.64
C CYS C 87 -8.47 7.71 -8.54
N ILE C 88 -9.63 7.93 -9.17
CA ILE C 88 -10.20 9.27 -9.30
C ILE C 88 -11.65 9.26 -8.82
N ALA C 89 -12.03 10.30 -8.09
CA ALA C 89 -13.44 10.58 -7.81
C ALA C 89 -13.95 11.51 -8.89
N PHE C 90 -14.90 11.04 -9.69
CA PHE C 90 -15.28 11.69 -10.94
C PHE C 90 -16.77 11.99 -10.93
N GLN C 91 -17.14 13.24 -11.20
CA GLN C 91 -18.54 13.65 -11.30
C GLN C 91 -18.69 14.56 -12.51
N GLY C 92 -19.93 15.01 -12.74
CA GLY C 92 -20.23 15.84 -13.89
C GLY C 92 -19.42 17.11 -13.91
N ALA C 93 -18.36 17.11 -14.72
CA ALA C 93 -17.44 18.24 -14.77
C ALA C 93 -16.53 18.05 -15.97
N GLN C 94 -15.97 19.17 -16.43
CA GLN C 94 -15.03 19.13 -17.54
C GLN C 94 -13.71 18.48 -17.13
N LYS C 95 -13.28 18.72 -15.89
CA LYS C 95 -11.94 18.36 -15.46
C LYS C 95 -11.88 16.92 -14.97
N LEU C 96 -10.94 16.16 -15.52
CA LEU C 96 -10.51 14.88 -14.97
C LEU C 96 -9.11 15.06 -14.42
N VAL C 97 -8.90 14.73 -13.15
CA VAL C 97 -7.65 15.00 -12.45
C VAL C 97 -7.00 13.69 -12.02
N PHE C 98 -5.71 13.58 -12.26
CA PHE C 98 -4.91 12.45 -11.80
C PHE C 98 -4.17 12.84 -10.54
N GLY C 99 -4.22 11.98 -9.52
CA GLY C 99 -3.43 12.17 -8.33
C GLY C 99 -2.00 11.71 -8.54
N GLN C 100 -1.38 11.25 -7.46
CA GLN C 100 -0.04 10.70 -7.59
C GLN C 100 -0.06 9.24 -7.99
N GLY C 101 -1.16 8.54 -7.74
CA GLY C 101 -1.32 7.16 -8.17
C GLY C 101 -0.40 6.20 -7.40
N THR C 102 -0.54 4.93 -7.75
CA THR C 102 0.27 3.85 -7.18
C THR C 102 1.18 3.28 -8.26
N ARG C 103 2.49 3.40 -8.05
CA ARG C 103 3.45 2.71 -8.91
C ARG C 103 3.45 1.23 -8.61
N LEU C 104 2.66 0.45 -9.35
CA LEU C 104 2.57 -0.98 -9.11
C LEU C 104 3.66 -1.69 -9.90
N THR C 105 4.45 -2.49 -9.19
CA THR C 105 5.50 -3.29 -9.79
C THR C 105 5.16 -4.75 -9.61
N ILE C 106 5.17 -5.50 -10.71
CA ILE C 106 4.90 -6.93 -10.68
C ILE C 106 6.24 -7.65 -10.82
N ASN C 107 6.68 -8.30 -9.74
CA ASN C 107 7.98 -8.97 -9.71
C ASN C 107 7.89 -10.39 -10.26
N PRO C 108 8.87 -10.80 -11.05
CA PRO C 108 8.87 -12.17 -11.58
C PRO C 108 9.22 -13.18 -10.50
N ASN C 109 8.64 -14.37 -10.64
CA ASN C 109 8.91 -15.49 -9.72
C ASN C 109 10.17 -16.20 -10.20
N ILE C 110 11.31 -15.78 -9.67
CA ILE C 110 12.58 -16.39 -10.06
C ILE C 110 12.63 -17.79 -9.44
N GLN C 111 12.53 -18.81 -10.30
CA GLN C 111 12.49 -20.19 -9.81
C GLN C 111 13.80 -20.55 -9.14
N ASN C 112 14.91 -20.41 -9.85
CA ASN C 112 16.23 -20.75 -9.34
C ASN C 112 17.15 -19.55 -9.57
N PRO C 113 17.35 -18.70 -8.56
CA PRO C 113 18.25 -17.56 -8.72
C PRO C 113 19.67 -18.01 -9.00
N ASP C 114 20.33 -17.30 -9.90
CA ASP C 114 21.70 -17.62 -10.32
C ASP C 114 22.50 -16.34 -10.50
N PRO C 115 22.71 -15.58 -9.42
CA PRO C 115 23.32 -14.26 -9.54
C PRO C 115 24.72 -14.34 -10.15
N ALA C 116 25.01 -13.41 -11.06
CA ALA C 116 26.27 -13.42 -11.78
C ALA C 116 26.47 -12.07 -12.47
N VAL C 117 27.74 -11.77 -12.77
CA VAL C 117 28.13 -10.58 -13.53
C VAL C 117 29.00 -11.03 -14.69
N TYR C 118 28.69 -10.53 -15.89
CA TYR C 118 29.40 -10.93 -17.09
C TYR C 118 29.91 -9.69 -17.83
N GLN C 119 30.86 -9.92 -18.74
CA GLN C 119 31.43 -8.87 -19.57
C GLN C 119 31.17 -9.16 -21.03
N LEU C 120 30.77 -8.14 -21.78
CA LEU C 120 30.40 -8.28 -23.18
C LEU C 120 31.25 -7.37 -24.05
N ARG C 121 31.53 -7.84 -25.27
CA ARG C 121 32.45 -7.17 -26.17
C ARG C 121 31.72 -6.65 -27.42
N ASP C 122 32.22 -5.54 -27.95
CA ASP C 122 31.61 -4.94 -29.13
C ASP C 122 31.92 -5.76 -30.38
N SER C 123 30.89 -5.95 -31.20
CA SER C 123 31.03 -6.72 -32.44
C SER C 123 31.89 -6.01 -33.48
N ASP C 127 35.07 -2.14 -28.94
CA ASP C 127 35.48 -1.42 -27.74
C ASP C 127 34.62 -0.19 -27.48
N LYS C 128 34.38 0.13 -26.21
CA LYS C 128 34.81 -0.70 -25.10
C LYS C 128 33.83 -1.82 -24.76
N SER C 129 33.68 -2.11 -23.48
CA SER C 129 32.91 -3.26 -23.01
C SER C 129 31.78 -2.78 -22.09
N VAL C 130 30.85 -3.69 -21.81
CA VAL C 130 29.79 -3.45 -20.84
C VAL C 130 29.72 -4.61 -19.87
N CYS C 131 29.11 -4.34 -18.72
CA CYS C 131 28.97 -5.31 -17.64
C CYS C 131 27.48 -5.62 -17.47
N LEU C 132 27.12 -6.89 -17.59
CA LEU C 132 25.73 -7.33 -17.47
C LEU C 132 25.58 -8.13 -16.19
N PHE C 133 24.80 -7.60 -15.25
CA PHE C 133 24.51 -8.26 -13.99
C PHE C 133 23.10 -8.82 -14.06
N THR C 134 23.00 -10.15 -14.23
CA THR C 134 21.74 -10.80 -14.55
C THR C 134 21.46 -11.94 -13.59
N ASP C 135 20.26 -12.51 -13.73
CA ASP C 135 19.82 -13.71 -13.02
C ASP C 135 19.79 -13.54 -11.51
N PHE C 136 19.73 -12.31 -11.01
CA PHE C 136 19.65 -12.13 -9.57
C PHE C 136 18.19 -12.23 -9.11
N ASP C 137 18.00 -12.23 -7.80
CA ASP C 137 16.68 -12.41 -7.22
C ASP C 137 15.95 -11.06 -7.16
N SER C 138 14.62 -11.12 -7.28
CA SER C 138 13.81 -9.91 -7.23
C SER C 138 13.88 -9.21 -5.88
N GLN C 139 14.32 -9.91 -4.83
CA GLN C 139 14.45 -9.30 -3.52
C GLN C 139 15.45 -8.16 -3.54
N THR C 140 16.57 -8.35 -4.25
CA THR C 140 17.63 -7.36 -4.31
C THR C 140 17.26 -6.20 -5.22
N ASN C 141 17.77 -5.02 -4.88
CA ASN C 141 17.53 -3.80 -5.64
C ASN C 141 18.84 -3.28 -6.18
N VAL C 142 18.85 -2.88 -7.45
CA VAL C 142 20.06 -2.35 -8.05
C VAL C 142 20.20 -0.88 -7.67
N SER C 143 21.40 -0.34 -7.85
CA SER C 143 21.70 1.02 -7.45
C SER C 143 22.31 1.78 -8.62
N GLN C 144 22.11 3.09 -8.60
CA GLN C 144 22.72 3.95 -9.59
C GLN C 144 24.21 4.09 -9.30
N SER C 145 24.93 4.74 -10.21
CA SER C 145 26.37 4.82 -10.10
C SER C 145 26.80 6.03 -9.28
N LYS C 146 27.60 5.77 -8.25
CA LYS C 146 28.22 6.84 -7.48
C LYS C 146 29.22 7.61 -8.32
N ASP C 147 29.89 6.93 -9.26
CA ASP C 147 30.80 7.59 -10.17
C ASP C 147 30.02 8.42 -11.18
N SER C 148 30.64 9.52 -11.62
CA SER C 148 29.95 10.42 -12.56
C SER C 148 29.96 9.89 -13.99
N ASP C 149 31.07 9.31 -14.44
CA ASP C 149 31.18 8.83 -15.82
C ASP C 149 30.74 7.38 -15.97
N VAL C 150 30.52 6.66 -14.88
CA VAL C 150 29.99 5.30 -14.94
C VAL C 150 28.46 5.36 -15.01
N TYR C 151 27.89 4.64 -15.98
CA TYR C 151 26.46 4.63 -16.21
C TYR C 151 25.93 3.29 -15.74
N ILE C 152 24.81 3.32 -15.02
CA ILE C 152 24.17 2.10 -14.53
C ILE C 152 22.67 2.25 -14.76
N THR C 153 22.11 1.43 -15.64
CA THR C 153 20.69 1.45 -15.88
C THR C 153 19.95 0.69 -14.79
N ASP C 154 18.73 1.13 -14.52
CA ASP C 154 17.90 0.43 -13.55
C ASP C 154 17.59 -0.97 -14.06
N LYS C 155 17.35 -1.89 -13.13
CA LYS C 155 17.03 -3.26 -13.52
C LYS C 155 15.70 -3.29 -14.28
N CYS C 156 15.59 -4.23 -15.21
CA CYS C 156 14.32 -4.44 -15.89
C CYS C 156 14.18 -5.92 -16.21
N VAL C 157 12.96 -6.42 -16.09
CA VAL C 157 12.71 -7.86 -16.10
C VAL C 157 12.66 -8.37 -17.53
N LEU C 158 13.47 -9.38 -17.82
CA LEU C 158 13.49 -10.05 -19.10
C LEU C 158 12.52 -11.22 -19.06
N ASP C 159 11.82 -11.46 -20.17
CA ASP C 159 10.84 -12.55 -20.26
C ASP C 159 11.13 -13.38 -21.50
N MET C 160 11.64 -14.60 -21.30
CA MET C 160 11.85 -15.55 -22.38
C MET C 160 10.65 -16.48 -22.42
N ARG C 161 9.61 -16.08 -23.14
CA ARG C 161 8.39 -16.87 -23.21
C ARG C 161 8.62 -18.20 -23.89
N SER C 162 9.61 -18.28 -24.78
CA SER C 162 9.94 -19.54 -25.44
C SER C 162 10.51 -20.56 -24.47
N MET C 163 10.94 -20.13 -23.29
CA MET C 163 11.51 -21.03 -22.29
C MET C 163 10.75 -20.98 -20.96
N ASP C 164 9.67 -20.20 -20.88
CA ASP C 164 8.95 -19.96 -19.62
C ASP C 164 9.88 -19.43 -18.53
N PHE C 165 11.04 -18.92 -18.91
CA PHE C 165 12.05 -18.43 -17.98
C PHE C 165 12.04 -16.92 -17.96
N LYS C 166 12.14 -16.35 -16.76
CA LYS C 166 12.19 -14.91 -16.59
C LYS C 166 13.41 -14.57 -15.76
N SER C 167 13.97 -13.38 -16.00
CA SER C 167 15.21 -12.99 -15.35
C SER C 167 15.29 -11.48 -15.24
N ASN C 168 15.84 -11.01 -14.14
CA ASN C 168 16.17 -9.61 -13.97
C ASN C 168 17.60 -9.36 -14.45
N SER C 169 17.85 -8.13 -14.88
CA SER C 169 19.16 -7.79 -15.43
C SER C 169 19.37 -6.29 -15.35
N ALA C 170 20.61 -5.89 -15.07
CA ALA C 170 21.02 -4.50 -15.09
C ALA C 170 22.32 -4.38 -15.86
N VAL C 171 22.47 -3.27 -16.59
CA VAL C 171 23.61 -3.05 -17.46
C VAL C 171 24.39 -1.84 -16.95
N ALA C 172 25.71 -1.97 -16.91
CA ALA C 172 26.58 -0.87 -16.55
C ALA C 172 27.72 -0.78 -17.56
N TRP C 173 28.10 0.45 -17.90
CA TRP C 173 29.17 0.70 -18.84
C TRP C 173 29.78 2.05 -18.51
N SER C 174 30.88 2.37 -19.18
CA SER C 174 31.58 3.60 -18.91
C SER C 174 32.34 4.03 -20.16
N ASN C 175 32.78 5.28 -20.15
CA ASN C 175 33.60 5.84 -21.21
C ASN C 175 35.07 5.86 -20.82
N LYS C 176 35.40 5.44 -19.60
CA LYS C 176 36.80 5.34 -19.24
C LYS C 176 37.36 4.04 -19.84
N SER C 177 38.67 3.88 -19.77
CA SER C 177 39.33 2.78 -20.45
C SER C 177 39.49 1.58 -19.54
N ASP C 178 39.15 0.40 -20.06
CA ASP C 178 39.21 -0.87 -19.34
C ASP C 178 38.40 -0.85 -18.04
N PHE C 179 37.13 -0.44 -18.16
CA PHE C 179 36.21 -0.52 -17.03
C PHE C 179 36.14 -1.98 -16.57
N ALA C 180 36.40 -2.21 -15.29
CA ALA C 180 36.45 -3.58 -14.80
C ALA C 180 35.09 -4.00 -14.25
N CYS C 181 34.59 -5.13 -14.74
CA CYS C 181 33.32 -5.69 -14.31
C CYS C 181 33.44 -6.35 -12.94
N ALA C 182 34.00 -5.64 -11.98
CA ALA C 182 34.18 -6.19 -10.64
C ALA C 182 34.01 -5.06 -9.64
N ASN C 183 33.10 -5.24 -8.68
CA ASN C 183 32.78 -4.26 -7.65
C ASN C 183 31.98 -3.10 -8.26
N ALA C 184 31.86 -3.10 -9.58
CA ALA C 184 31.10 -2.05 -10.27
C ALA C 184 29.67 -1.98 -9.76
N PHE C 185 29.04 -3.14 -9.55
CA PHE C 185 27.70 -3.19 -8.97
C PHE C 185 27.73 -3.34 -7.45
N ASN C 186 28.91 -3.46 -6.84
CA ASN C 186 28.98 -3.76 -5.42
C ASN C 186 28.36 -2.65 -4.57
N ASN C 187 28.34 -1.42 -5.08
CA ASN C 187 27.66 -0.31 -4.41
C ASN C 187 26.14 -0.48 -4.34
N SER C 188 25.63 -1.70 -4.53
CA SER C 188 24.19 -1.91 -4.56
C SER C 188 23.57 -2.28 -3.19
N ILE C 189 24.02 -3.36 -2.53
CA ILE C 189 25.12 -4.26 -2.90
C ILE C 189 24.63 -5.56 -3.51
N ILE C 190 25.48 -6.17 -4.34
CA ILE C 190 25.21 -7.46 -4.95
C ILE C 190 25.25 -8.56 -3.89
N PRO C 191 24.48 -9.64 -4.05
CA PRO C 191 24.49 -10.71 -3.04
C PRO C 191 25.84 -11.40 -2.99
N GLU C 192 26.03 -12.19 -1.92
CA GLU C 192 27.32 -12.87 -1.72
C GLU C 192 27.53 -14.02 -2.69
N ASP C 193 26.46 -14.73 -3.06
CA ASP C 193 26.59 -15.86 -3.97
C ASP C 193 27.01 -15.46 -5.38
N THR C 194 27.02 -14.16 -5.69
CA THR C 194 27.43 -13.69 -7.01
C THR C 194 28.90 -14.02 -7.27
N PHE C 195 29.21 -14.41 -8.50
CA PHE C 195 30.56 -14.76 -8.89
C PHE C 195 30.98 -13.93 -10.09
N PHE C 196 32.26 -13.51 -10.09
CA PHE C 196 32.81 -12.70 -11.16
C PHE C 196 33.84 -13.51 -11.94
N PRO C 197 33.56 -13.91 -13.19
CA PRO C 197 34.54 -14.67 -13.98
C PRO C 197 35.78 -13.85 -14.34
N GLY D 2 -10.62 2.67 -30.75
CA GLY D 2 -9.65 3.44 -30.00
C GLY D 2 -9.46 4.85 -30.53
N VAL D 3 -8.99 5.74 -29.67
CA VAL D 3 -8.72 7.11 -30.06
C VAL D 3 -7.39 7.16 -30.82
N SER D 4 -7.37 7.86 -31.95
CA SER D 4 -6.19 8.00 -32.77
C SER D 4 -5.62 9.41 -32.64
N GLN D 5 -4.29 9.50 -32.69
CA GLN D 5 -3.59 10.78 -32.65
C GLN D 5 -2.42 10.75 -33.62
N SER D 6 -2.13 11.90 -34.22
CA SER D 6 -1.03 12.04 -35.15
C SER D 6 -0.47 13.45 -35.04
N PRO D 7 0.85 13.63 -35.19
CA PRO D 7 1.81 12.53 -35.34
C PRO D 7 2.18 11.93 -33.99
N SER D 8 2.83 10.77 -34.00
CA SER D 8 3.25 10.16 -32.73
C SER D 8 4.38 10.96 -32.09
N ASN D 9 5.27 11.55 -32.91
CA ASN D 9 6.38 12.35 -32.42
C ASN D 9 6.47 13.62 -33.24
N LYS D 10 6.98 14.68 -32.61
CA LYS D 10 7.17 15.95 -33.31
C LYS D 10 8.36 16.67 -32.68
N VAL D 11 9.45 16.78 -33.42
CA VAL D 11 10.60 17.58 -33.04
C VAL D 11 10.61 18.81 -33.94
N THR D 12 10.59 19.99 -33.34
CA THR D 12 10.53 21.23 -34.09
C THR D 12 11.41 22.29 -33.43
N GLU D 13 11.88 23.22 -34.24
CA GLU D 13 12.56 24.40 -33.73
C GLU D 13 11.54 25.39 -33.18
N LYS D 14 11.95 26.14 -32.16
CA LYS D 14 11.05 27.11 -31.56
C LYS D 14 10.74 28.23 -32.54
N GLY D 15 9.52 28.75 -32.45
CA GLY D 15 9.03 29.74 -33.37
C GLY D 15 8.25 29.19 -34.56
N LYS D 16 8.39 27.89 -34.83
CA LYS D 16 7.62 27.25 -35.90
C LYS D 16 6.24 26.88 -35.39
N ASP D 17 5.29 26.77 -36.32
CA ASP D 17 3.94 26.35 -35.99
C ASP D 17 3.82 24.84 -36.14
N VAL D 18 3.13 24.21 -35.18
CA VAL D 18 2.87 22.78 -35.19
C VAL D 18 1.37 22.53 -35.09
N GLU D 19 0.93 21.43 -35.68
CA GLU D 19 -0.48 21.06 -35.72
C GLU D 19 -0.64 19.63 -35.23
N LEU D 20 -1.43 19.45 -34.18
CA LEU D 20 -1.71 18.13 -33.64
C LEU D 20 -3.11 17.69 -34.06
N ARG D 21 -3.27 16.40 -34.32
CA ARG D 21 -4.51 15.84 -34.84
C ARG D 21 -5.03 14.76 -33.90
N CYS D 22 -6.35 14.69 -33.75
CA CYS D 22 -6.99 13.68 -32.92
C CYS D 22 -8.23 13.14 -33.61
N ASP D 23 -8.39 11.82 -33.54
CA ASP D 23 -9.52 11.12 -34.16
C ASP D 23 -10.31 10.41 -33.07
N PRO D 24 -11.43 11.00 -32.63
CA PRO D 24 -12.18 10.42 -31.51
C PRO D 24 -12.84 9.10 -31.89
N ILE D 25 -13.21 8.35 -30.84
CA ILE D 25 -13.99 7.13 -31.02
C ILE D 25 -15.31 7.46 -31.72
N SER D 26 -15.71 6.58 -32.64
CA SER D 26 -16.98 6.75 -33.33
C SER D 26 -18.13 6.80 -32.33
N GLY D 27 -18.99 7.81 -32.47
CA GLY D 27 -20.12 7.98 -31.60
C GLY D 27 -19.87 8.82 -30.37
N HIS D 28 -18.64 9.31 -30.18
CA HIS D 28 -18.30 10.16 -29.03
C HIS D 28 -18.41 11.61 -29.48
N THR D 29 -19.39 12.33 -28.93
CA THR D 29 -19.60 13.73 -29.29
C THR D 29 -18.82 14.69 -28.41
N ALA D 30 -18.21 14.21 -27.33
CA ALA D 30 -17.36 15.01 -26.47
C ALA D 30 -15.91 14.64 -26.72
N LEU D 31 -15.06 15.65 -26.89
CA LEU D 31 -13.64 15.43 -27.14
C LEU D 31 -12.84 16.36 -26.24
N TYR D 32 -11.81 15.82 -25.61
CA TYR D 32 -11.00 16.55 -24.64
C TYR D 32 -9.54 16.58 -25.09
N TRP D 33 -8.87 17.69 -24.79
CA TRP D 33 -7.44 17.84 -25.01
C TRP D 33 -6.74 18.01 -23.67
N TYR D 34 -5.70 17.21 -23.45
CA TYR D 34 -4.83 17.35 -22.28
C TYR D 34 -3.39 17.40 -22.75
N ARG D 35 -2.52 17.86 -21.86
CA ARG D 35 -1.09 17.72 -22.05
C ARG D 35 -0.47 17.29 -20.72
N GLN D 36 0.60 16.51 -20.81
CA GLN D 36 1.19 15.89 -19.62
C GLN D 36 2.70 15.95 -19.72
N SER D 37 3.33 16.61 -18.76
CA SER D 37 4.77 16.50 -18.53
C SER D 37 5.02 15.45 -17.45
N LEU D 38 6.27 15.03 -17.36
CA LEU D 38 6.69 14.10 -16.31
C LEU D 38 8.10 14.47 -15.90
N GLY D 39 8.30 14.84 -14.64
CA GLY D 39 7.26 14.82 -13.62
C GLY D 39 6.26 15.96 -13.60
N GLN D 40 5.01 15.60 -13.87
CA GLN D 40 3.87 16.51 -13.84
C GLN D 40 2.62 15.65 -14.05
N GLY D 41 1.45 16.25 -13.78
CA GLY D 41 0.20 15.54 -13.89
C GLY D 41 -0.53 15.85 -15.19
N LEU D 42 -1.80 15.47 -15.23
CA LEU D 42 -2.64 15.70 -16.39
C LEU D 42 -3.09 17.16 -16.39
N GLU D 43 -2.66 17.92 -17.39
CA GLU D 43 -2.96 19.34 -17.50
C GLU D 43 -4.08 19.51 -18.52
N PHE D 44 -5.25 19.95 -18.06
CA PHE D 44 -6.38 20.15 -18.94
C PHE D 44 -6.16 21.36 -19.83
N LEU D 45 -6.64 21.28 -21.07
CA LEU D 45 -6.46 22.34 -22.06
C LEU D 45 -7.79 22.88 -22.55
N ILE D 46 -8.64 22.03 -23.14
CA ILE D 46 -9.89 22.48 -23.74
C ILE D 46 -10.73 21.25 -24.03
N TYR D 47 -12.05 21.44 -24.15
CA TYR D 47 -12.95 20.34 -24.49
C TYR D 47 -14.01 20.84 -25.47
N PHE D 48 -14.57 19.89 -26.22
CA PHE D 48 -15.57 20.16 -27.25
C PHE D 48 -16.81 19.33 -27.00
N GLN D 49 -17.98 19.95 -27.10
CA GLN D 49 -19.24 19.24 -27.26
C GLN D 49 -19.77 19.52 -28.65
N GLY D 50 -19.85 18.48 -29.47
CA GLY D 50 -20.09 18.70 -30.88
C GLY D 50 -18.92 19.49 -31.48
N ASN D 51 -19.25 20.53 -32.24
CA ASN D 51 -18.24 21.35 -32.89
C ASN D 51 -17.89 22.60 -32.10
N SER D 52 -18.43 22.75 -30.89
CA SER D 52 -18.27 23.97 -30.10
C SER D 52 -17.43 23.71 -28.86
N ALA D 53 -16.61 24.69 -28.51
CA ALA D 53 -15.81 24.64 -27.28
C ALA D 53 -16.35 25.68 -26.31
N PRO D 54 -17.20 25.29 -25.35
CA PRO D 54 -17.74 26.29 -24.40
C PRO D 54 -16.68 26.85 -23.46
N ASP D 55 -15.60 26.13 -23.23
CA ASP D 55 -14.57 26.52 -22.25
C ASP D 55 -13.29 26.83 -23.01
N LYS D 56 -13.10 28.10 -23.36
CA LYS D 56 -11.90 28.52 -24.06
C LYS D 56 -10.73 28.75 -23.11
N SER D 57 -10.99 29.02 -21.83
CA SER D 57 -9.92 29.14 -20.86
C SER D 57 -9.29 27.77 -20.60
N GLY D 58 -8.13 27.79 -19.92
CA GLY D 58 -7.33 26.62 -19.74
C GLY D 58 -6.20 26.49 -20.74
N LEU D 59 -6.30 27.14 -21.88
CA LEU D 59 -5.18 27.20 -22.82
C LEU D 59 -4.03 27.98 -22.17
N PRO D 60 -2.78 27.53 -22.35
CA PRO D 60 -1.67 28.24 -21.73
C PRO D 60 -1.53 29.68 -22.22
N SER D 61 -1.84 29.95 -23.48
CA SER D 61 -1.77 31.30 -24.03
C SER D 61 -2.66 31.35 -25.27
N ASP D 62 -2.68 32.52 -25.92
CA ASP D 62 -3.44 32.68 -27.15
C ASP D 62 -2.75 32.05 -28.35
N ARG D 63 -1.50 31.62 -28.21
CA ARG D 63 -0.84 30.88 -29.29
C ARG D 63 -1.45 29.49 -29.45
N PHE D 64 -2.16 29.00 -28.45
CA PHE D 64 -2.86 27.73 -28.54
C PHE D 64 -4.28 27.96 -29.04
N SER D 65 -4.69 27.16 -30.03
CA SER D 65 -6.05 27.24 -30.53
C SER D 65 -6.46 25.85 -31.01
N ALA D 66 -7.71 25.48 -30.74
CA ALA D 66 -8.23 24.17 -31.12
C ALA D 66 -9.51 24.35 -31.92
N GLU D 67 -9.77 23.36 -32.78
CA GLU D 67 -10.95 23.36 -33.63
C GLU D 67 -11.48 21.94 -33.76
N ARG D 68 -12.80 21.80 -33.81
CA ARG D 68 -13.46 20.53 -34.09
C ARG D 68 -14.70 20.77 -34.95
N THR D 69 -14.50 21.44 -36.09
CA THR D 69 -15.62 21.97 -36.86
C THR D 69 -16.59 20.88 -37.30
N GLY D 70 -16.06 19.75 -37.77
CA GLY D 70 -16.92 18.69 -38.27
C GLY D 70 -17.68 17.93 -37.18
N GLY D 71 -17.29 18.09 -35.92
CA GLY D 71 -17.83 17.25 -34.88
C GLY D 71 -17.15 15.90 -34.76
N SER D 72 -16.13 15.64 -35.60
CA SER D 72 -15.39 14.39 -35.56
C SER D 72 -13.93 14.69 -35.30
N VAL D 73 -13.13 14.82 -36.36
CA VAL D 73 -11.71 15.07 -36.21
C VAL D 73 -11.50 16.45 -35.62
N SER D 74 -10.59 16.55 -34.65
CA SER D 74 -10.21 17.82 -34.04
C SER D 74 -8.73 18.07 -34.28
N THR D 75 -8.36 19.35 -34.21
CA THR D 75 -6.99 19.79 -34.44
C THR D 75 -6.59 20.80 -33.39
N LEU D 76 -5.36 20.68 -32.88
CA LEU D 76 -4.80 21.62 -31.92
C LEU D 76 -3.59 22.29 -32.56
N THR D 77 -3.61 23.62 -32.60
CA THR D 77 -2.57 24.40 -33.25
C THR D 77 -1.82 25.24 -32.22
N ILE D 78 -0.49 25.17 -32.26
CA ILE D 78 0.37 25.92 -31.35
C ILE D 78 1.25 26.81 -32.23
N GLN D 79 0.93 28.10 -32.30
CA GLN D 79 1.71 29.01 -33.12
C GLN D 79 2.94 29.50 -32.36
N ARG D 80 4.04 29.65 -33.09
CA ARG D 80 5.31 30.15 -32.57
C ARG D 80 5.67 29.47 -31.23
N THR D 81 6.04 28.21 -31.35
CA THR D 81 6.22 27.37 -30.17
C THR D 81 7.37 27.86 -29.30
N GLN D 82 7.25 27.61 -28.01
CA GLN D 82 8.23 28.00 -27.00
C GLN D 82 8.77 26.76 -26.30
N GLN D 83 9.80 26.99 -25.47
CA GLN D 83 10.36 25.89 -24.69
C GLN D 83 9.32 25.26 -23.76
N GLU D 84 8.52 26.07 -23.10
CA GLU D 84 7.55 25.55 -22.13
C GLU D 84 6.41 24.79 -22.78
N ASP D 85 6.32 24.78 -24.11
CA ASP D 85 5.26 24.04 -24.78
C ASP D 85 5.55 22.53 -24.85
N SER D 86 6.79 22.12 -24.59
CA SER D 86 7.17 20.72 -24.73
C SER D 86 6.43 19.85 -23.71
N ALA D 87 5.70 18.85 -24.21
CA ALA D 87 4.92 17.94 -23.38
C ALA D 87 4.40 16.84 -24.27
N VAL D 88 3.67 15.90 -23.67
CA VAL D 88 2.92 14.88 -24.39
C VAL D 88 1.46 15.32 -24.40
N TYR D 89 0.94 15.64 -25.58
CA TYR D 89 -0.41 16.17 -25.71
C TYR D 89 -1.37 15.01 -25.91
N LEU D 90 -2.24 14.77 -24.93
CA LEU D 90 -3.15 13.64 -24.93
C LEU D 90 -4.55 14.09 -25.34
N CYS D 91 -5.24 13.21 -26.06
CA CYS D 91 -6.60 13.45 -26.51
C CYS D 91 -7.52 12.39 -25.93
N ALA D 92 -8.75 12.78 -25.62
CA ALA D 92 -9.73 11.86 -25.08
C ALA D 92 -11.09 12.15 -25.69
N SER D 93 -12.00 11.18 -25.57
CA SER D 93 -13.34 11.35 -26.08
C SER D 93 -14.30 10.55 -25.21
N SER D 94 -15.54 11.03 -25.14
CA SER D 94 -16.59 10.36 -24.38
C SER D 94 -17.92 10.58 -25.10
N PHE D 95 -18.93 9.80 -24.70
CA PHE D 95 -20.28 10.00 -25.19
C PHE D 95 -20.67 11.46 -25.18
N ARG D 96 -20.47 12.12 -24.04
CA ARG D 96 -21.03 13.45 -23.81
C ARG D 96 -20.19 14.15 -22.75
N ALA D 97 -20.22 15.48 -22.78
CA ALA D 97 -19.47 16.29 -21.84
C ALA D 97 -20.31 16.60 -20.60
N LEU D 98 -19.62 16.80 -19.47
CA LEU D 98 -20.22 17.19 -18.19
C LEU D 98 -21.22 16.16 -17.68
N ALA D 99 -21.15 14.93 -18.14
CA ALA D 99 -22.05 13.87 -17.71
C ALA D 99 -21.34 12.77 -16.94
N ALA D 100 -20.07 12.98 -16.58
CA ALA D 100 -19.25 11.96 -15.94
C ALA D 100 -19.14 10.71 -16.80
N ASP D 101 -19.12 10.90 -18.11
CA ASP D 101 -18.94 9.77 -19.03
C ASP D 101 -17.48 9.35 -19.07
N THR D 102 -17.25 8.06 -19.31
CA THR D 102 -15.90 7.52 -19.36
C THR D 102 -15.11 8.17 -20.49
N GLN D 103 -13.96 8.76 -20.15
CA GLN D 103 -13.07 9.34 -21.14
C GLN D 103 -12.01 8.34 -21.55
N TYR D 104 -11.93 8.05 -22.84
CA TYR D 104 -10.95 7.11 -23.38
C TYR D 104 -9.86 7.90 -24.09
N PHE D 105 -8.60 7.59 -23.78
CA PHE D 105 -7.47 8.36 -24.25
C PHE D 105 -6.84 7.75 -25.49
N GLY D 106 -6.02 8.57 -26.16
CA GLY D 106 -5.26 8.13 -27.31
C GLY D 106 -3.78 7.98 -26.97
N PRO D 107 -2.97 7.65 -27.98
CA PRO D 107 -1.54 7.43 -27.72
C PRO D 107 -0.78 8.70 -27.40
N GLY D 108 -1.33 9.87 -27.70
CA GLY D 108 -0.66 11.12 -27.43
C GLY D 108 0.33 11.51 -28.51
N THR D 109 0.75 12.76 -28.46
CA THR D 109 1.78 13.32 -29.34
C THR D 109 2.86 13.93 -28.46
N ARG D 110 4.05 13.32 -28.46
CA ARG D 110 5.17 13.84 -27.69
C ARG D 110 5.83 14.95 -28.49
N LEU D 111 5.67 16.19 -28.01
CA LEU D 111 6.23 17.36 -28.67
C LEU D 111 7.47 17.82 -27.92
N THR D 112 8.54 18.12 -28.66
CA THR D 112 9.77 18.66 -28.11
C THR D 112 10.15 19.90 -28.89
N VAL D 113 10.24 21.03 -28.20
CA VAL D 113 10.59 22.31 -28.80
C VAL D 113 12.00 22.67 -28.35
N LEU D 114 12.84 23.08 -29.29
CA LEU D 114 14.25 23.30 -29.04
C LEU D 114 14.62 24.76 -29.22
N GLU D 115 15.60 25.22 -28.43
CA GLU D 115 16.14 26.57 -28.60
C GLU D 115 16.89 26.68 -29.92
N ASP D 116 17.73 25.70 -30.25
CA ASP D 116 18.41 25.64 -31.53
C ASP D 116 18.53 24.18 -31.95
N LEU D 117 18.79 23.97 -33.24
CA LEU D 117 18.96 22.63 -33.78
C LEU D 117 20.41 22.17 -33.76
N LYS D 118 21.29 22.95 -33.11
CA LYS D 118 22.73 22.65 -33.16
C LYS D 118 23.06 21.43 -32.33
N ASN D 119 22.43 21.29 -31.16
CA ASN D 119 22.70 20.18 -30.25
C ASN D 119 21.96 18.90 -30.63
N VAL D 120 21.20 18.90 -31.71
CA VAL D 120 20.50 17.70 -32.16
C VAL D 120 21.50 16.77 -32.86
N PHE D 121 21.51 15.50 -32.45
CA PHE D 121 22.40 14.53 -33.08
C PHE D 121 21.78 13.15 -32.99
N PRO D 122 22.02 12.29 -33.97
CA PRO D 122 21.42 10.95 -33.95
C PRO D 122 22.16 10.03 -32.99
N PRO D 123 21.61 8.86 -32.68
CA PRO D 123 22.28 7.94 -31.77
C PRO D 123 23.41 7.16 -32.43
N GLU D 124 24.30 6.65 -31.59
CA GLU D 124 25.33 5.71 -31.99
C GLU D 124 24.98 4.36 -31.38
N VAL D 125 24.72 3.38 -32.23
CA VAL D 125 24.25 2.07 -31.81
C VAL D 125 25.43 1.09 -31.82
N ALA D 126 25.48 0.23 -30.81
CA ALA D 126 26.51 -0.79 -30.72
C ALA D 126 25.94 -2.01 -30.02
N VAL D 127 26.18 -3.18 -30.60
CA VAL D 127 25.73 -4.46 -30.04
C VAL D 127 26.92 -5.11 -29.36
N PHE D 128 26.68 -5.77 -28.24
CA PHE D 128 27.73 -6.40 -27.45
C PHE D 128 27.45 -7.89 -27.37
N GLU D 129 28.43 -8.70 -27.77
CA GLU D 129 28.20 -10.13 -27.90
C GLU D 129 28.17 -10.79 -26.53
N PRO D 130 27.46 -11.91 -26.39
CA PRO D 130 27.31 -12.54 -25.07
C PRO D 130 28.64 -12.98 -24.48
N SER D 131 28.69 -13.02 -23.15
CA SER D 131 29.86 -13.49 -22.46
C SER D 131 29.98 -15.01 -22.56
N GLU D 132 31.19 -15.49 -22.83
CA GLU D 132 31.42 -16.92 -22.85
C GLU D 132 31.17 -17.55 -21.50
N ALA D 133 31.47 -16.82 -20.42
CA ALA D 133 31.18 -17.34 -19.08
C ALA D 133 29.68 -17.45 -18.85
N GLU D 134 28.88 -16.58 -19.45
CA GLU D 134 27.43 -16.70 -19.33
C GLU D 134 26.93 -17.93 -20.08
N ILE D 135 27.53 -18.22 -21.23
CA ILE D 135 27.10 -19.38 -22.02
C ILE D 135 27.44 -20.67 -21.29
N SER D 136 28.56 -20.70 -20.57
CA SER D 136 28.97 -21.92 -19.88
C SER D 136 28.19 -22.15 -18.59
N HIS D 137 27.89 -21.07 -17.85
CA HIS D 137 27.30 -21.24 -16.52
C HIS D 137 25.81 -21.51 -16.59
N THR D 138 25.08 -20.79 -17.46
CA THR D 138 23.62 -20.86 -17.48
C THR D 138 23.05 -21.32 -18.82
N GLN D 139 23.91 -21.62 -19.80
CA GLN D 139 23.46 -22.06 -21.12
C GLN D 139 22.49 -21.07 -21.77
N LYS D 140 22.63 -19.79 -21.44
CA LYS D 140 21.82 -18.74 -22.04
C LYS D 140 22.74 -17.61 -22.47
N ALA D 141 22.40 -16.98 -23.60
CA ALA D 141 23.22 -15.93 -24.20
C ALA D 141 22.43 -14.63 -24.22
N THR D 142 22.91 -13.64 -23.48
CA THR D 142 22.33 -12.31 -23.46
C THR D 142 23.27 -11.36 -24.17
N LEU D 143 22.79 -10.73 -25.24
CA LEU D 143 23.53 -9.69 -25.94
C LEU D 143 22.85 -8.35 -25.68
N VAL D 144 23.66 -7.31 -25.50
CA VAL D 144 23.20 -6.01 -25.03
C VAL D 144 23.43 -4.98 -26.14
N CYS D 145 22.43 -4.14 -26.36
CA CYS D 145 22.51 -3.05 -27.32
C CYS D 145 22.56 -1.72 -26.58
N LEU D 146 23.38 -0.79 -27.09
CA LEU D 146 23.57 0.52 -26.48
C LEU D 146 23.42 1.59 -27.54
N ALA D 147 22.35 2.38 -27.44
CA ALA D 147 22.18 3.57 -28.28
C ALA D 147 22.62 4.77 -27.46
N THR D 148 23.65 5.45 -27.91
CA THR D 148 24.29 6.50 -27.13
C THR D 148 24.45 7.76 -27.96
N GLY D 149 24.59 8.89 -27.25
CA GLY D 149 24.92 10.15 -27.88
C GLY D 149 23.84 10.72 -28.77
N PHE D 150 22.57 10.55 -28.41
CA PHE D 150 21.47 11.11 -29.20
C PHE D 150 20.74 12.19 -28.41
N TYR D 151 20.15 13.12 -29.14
CA TYR D 151 19.38 14.23 -28.59
C TYR D 151 18.46 14.77 -29.68
N PRO D 152 17.15 14.93 -29.40
CA PRO D 152 16.46 14.66 -28.14
C PRO D 152 16.17 13.18 -27.88
N ASP D 153 15.30 12.90 -26.90
CA ASP D 153 15.04 11.54 -26.42
C ASP D 153 13.96 10.82 -27.20
N HIS D 154 13.76 11.15 -28.48
CA HIS D 154 12.74 10.50 -29.30
C HIS D 154 13.38 9.33 -30.01
N VAL D 155 13.36 8.16 -29.37
CA VAL D 155 13.97 6.95 -29.92
C VAL D 155 13.05 5.76 -29.67
N GLU D 156 13.03 4.84 -30.62
CA GLU D 156 12.34 3.56 -30.49
C GLU D 156 13.30 2.45 -30.87
N LEU D 157 13.62 1.57 -29.92
CA LEU D 157 14.59 0.51 -30.11
C LEU D 157 13.87 -0.82 -30.32
N SER D 158 14.35 -1.59 -31.30
CA SER D 158 13.76 -2.88 -31.62
C SER D 158 14.86 -3.85 -32.01
N TRP D 159 14.62 -5.13 -31.72
CA TRP D 159 15.54 -6.21 -32.05
C TRP D 159 15.03 -6.98 -33.27
N TRP D 160 15.94 -7.34 -34.16
CA TRP D 160 15.61 -8.08 -35.37
C TRP D 160 16.54 -9.27 -35.48
N VAL D 161 15.97 -10.47 -35.42
CA VAL D 161 16.72 -11.72 -35.50
C VAL D 161 16.37 -12.38 -36.82
N ASN D 162 17.37 -12.55 -37.68
CA ASN D 162 17.20 -13.18 -39.00
C ASN D 162 16.19 -12.42 -39.85
N GLY D 163 16.17 -11.10 -39.70
CA GLY D 163 15.31 -10.26 -40.52
C GLY D 163 13.89 -10.10 -40.01
N LYS D 164 13.56 -10.67 -38.86
CA LYS D 164 12.22 -10.56 -38.29
C LYS D 164 12.31 -9.93 -36.90
N GLU D 165 11.49 -8.92 -36.65
CA GLU D 165 11.48 -8.25 -35.36
C GLU D 165 10.99 -9.22 -34.28
N VAL D 166 11.60 -9.14 -33.10
CA VAL D 166 11.26 -10.02 -32.00
C VAL D 166 10.82 -9.19 -30.81
N HIS D 167 9.95 -9.78 -29.99
CA HIS D 167 9.48 -9.17 -28.76
C HIS D 167 9.74 -10.03 -27.53
N SER D 168 9.71 -11.34 -27.68
CA SER D 168 10.07 -12.24 -26.58
C SER D 168 11.57 -12.16 -26.31
N GLY D 169 11.93 -12.21 -25.03
CA GLY D 169 13.33 -12.19 -24.65
C GLY D 169 13.98 -10.83 -24.76
N VAL D 170 13.20 -9.76 -24.78
CA VAL D 170 13.71 -8.40 -24.90
C VAL D 170 13.32 -7.63 -23.65
N CYS D 171 14.24 -6.78 -23.19
CA CYS D 171 13.90 -5.79 -22.16
C CYS D 171 14.72 -4.54 -22.44
N THR D 172 14.03 -3.45 -22.75
CA THR D 172 14.65 -2.16 -23.00
C THR D 172 14.39 -1.23 -21.82
N ASP D 173 15.39 -0.40 -21.50
CA ASP D 173 15.22 0.58 -20.44
C ASP D 173 13.99 1.44 -20.72
N PRO D 174 13.06 1.57 -19.77
CA PRO D 174 11.83 2.34 -20.05
C PRO D 174 12.09 3.81 -20.33
N GLN D 175 13.20 4.36 -19.85
CA GLN D 175 13.52 5.77 -20.03
C GLN D 175 15.02 5.94 -20.26
N PRO D 176 15.41 6.77 -21.24
CA PRO D 176 16.83 7.03 -21.43
C PRO D 176 17.41 7.83 -20.28
N LEU D 177 18.71 7.66 -20.06
CA LEU D 177 19.43 8.38 -19.02
C LEU D 177 20.35 9.41 -19.66
N LYS D 178 20.46 10.57 -19.02
CA LYS D 178 21.30 11.63 -19.55
C LYS D 178 22.76 11.31 -19.30
N GLU D 179 23.59 11.46 -20.33
CA GLU D 179 25.01 11.13 -20.19
C GLU D 179 25.72 12.14 -19.30
N GLN D 180 25.43 13.43 -19.47
CA GLN D 180 25.98 14.49 -18.64
C GLN D 180 24.85 15.15 -17.86
N PRO D 181 24.52 14.65 -16.67
CA PRO D 181 23.35 15.18 -15.95
C PRO D 181 23.46 16.66 -15.61
N ALA D 182 24.68 17.22 -15.59
CA ALA D 182 24.85 18.62 -15.23
C ALA D 182 24.60 19.56 -16.40
N LEU D 183 25.01 19.16 -17.61
CA LEU D 183 24.92 20.05 -18.77
C LEU D 183 23.47 20.35 -19.13
N ASN D 184 23.25 21.53 -19.71
CA ASN D 184 21.91 21.94 -20.11
C ASN D 184 21.44 21.17 -21.35
N ASP D 185 22.27 21.14 -22.39
CA ASP D 185 21.94 20.45 -23.63
C ASP D 185 22.67 19.11 -23.70
N SER D 186 22.39 18.26 -22.71
CA SER D 186 23.04 16.97 -22.62
C SER D 186 22.41 15.96 -23.57
N ARG D 187 23.22 14.99 -24.00
CA ARG D 187 22.75 13.92 -24.87
C ARG D 187 22.32 12.72 -24.04
N TYR D 188 21.61 11.79 -24.69
CA TYR D 188 20.96 10.68 -24.01
C TYR D 188 21.59 9.36 -24.42
N ALA D 189 21.26 8.32 -23.66
CA ALA D 189 21.72 6.97 -23.95
C ALA D 189 20.66 5.98 -23.48
N LEU D 190 20.56 4.86 -24.20
CA LEU D 190 19.54 3.85 -23.93
C LEU D 190 20.13 2.46 -24.12
N SER D 191 19.70 1.51 -23.29
CA SER D 191 20.19 0.14 -23.35
C SER D 191 19.02 -0.83 -23.43
N SER D 192 19.30 -2.00 -24.00
CA SER D 192 18.31 -3.06 -24.12
C SER D 192 19.04 -4.40 -24.17
N ARG D 193 18.34 -5.45 -23.74
CA ARG D 193 18.89 -6.79 -23.68
C ARG D 193 18.05 -7.75 -24.50
N LEU D 194 18.71 -8.66 -25.20
CA LEU D 194 18.05 -9.74 -25.91
C LEU D 194 18.70 -11.05 -25.47
N ARG D 195 17.90 -11.95 -24.90
CA ARG D 195 18.40 -13.22 -24.38
C ARG D 195 17.85 -14.37 -25.21
N VAL D 196 18.74 -15.25 -25.67
CA VAL D 196 18.39 -16.42 -26.43
C VAL D 196 19.11 -17.62 -25.82
N SER D 197 18.78 -18.81 -26.33
CA SER D 197 19.40 -20.02 -25.82
C SER D 197 20.86 -20.09 -26.25
N ALA D 198 21.63 -20.94 -25.56
CA ALA D 198 23.03 -21.11 -25.90
C ALA D 198 23.19 -21.69 -27.30
N THR D 199 22.39 -22.70 -27.63
CA THR D 199 22.49 -23.34 -28.94
C THR D 199 22.12 -22.37 -30.06
N PHE D 200 21.21 -21.43 -29.81
CA PHE D 200 20.81 -20.49 -30.85
C PHE D 200 21.92 -19.48 -31.15
N TRP D 201 22.63 -19.01 -30.12
CA TRP D 201 23.68 -18.02 -30.36
C TRP D 201 24.90 -18.67 -31.01
N GLN D 202 25.29 -19.86 -30.54
CA GLN D 202 26.47 -20.53 -31.08
C GLN D 202 26.34 -20.87 -32.55
N ASN D 203 25.15 -20.72 -33.13
CA ASN D 203 24.95 -20.95 -34.55
C ASN D 203 25.51 -19.75 -35.33
N PRO D 204 26.51 -19.95 -36.20
CA PRO D 204 27.08 -18.80 -36.92
C PRO D 204 26.20 -18.28 -38.06
N ARG D 205 25.09 -18.95 -38.38
CA ARG D 205 24.20 -18.48 -39.42
C ARG D 205 22.98 -17.74 -38.85
N ASN D 206 22.96 -17.48 -37.55
CA ASN D 206 21.91 -16.70 -36.92
C ASN D 206 22.36 -15.25 -36.84
N HIS D 207 21.53 -14.35 -37.37
CA HIS D 207 21.86 -12.94 -37.53
C HIS D 207 21.10 -12.14 -36.48
N PHE D 208 21.81 -11.23 -35.81
CA PHE D 208 21.25 -10.38 -34.76
C PHE D 208 21.49 -8.92 -35.12
N ARG D 209 20.42 -8.13 -35.17
CA ARG D 209 20.51 -6.72 -35.49
C ARG D 209 19.70 -5.90 -34.49
N CYS D 210 20.30 -4.81 -34.04
CA CYS D 210 19.64 -3.86 -33.14
C CYS D 210 19.27 -2.62 -33.93
N GLN D 211 17.98 -2.29 -33.95
CA GLN D 211 17.44 -1.19 -34.74
C GLN D 211 16.96 -0.08 -33.81
N VAL D 212 17.34 1.16 -34.13
CA VAL D 212 16.96 2.33 -33.33
C VAL D 212 16.35 3.37 -34.27
N GLN D 213 15.06 3.66 -34.07
CA GLN D 213 14.38 4.70 -34.82
C GLN D 213 14.61 6.05 -34.14
N PHE D 214 15.24 6.98 -34.84
CA PHE D 214 15.51 8.31 -34.31
C PHE D 214 14.63 9.33 -35.02
N TYR D 215 13.99 10.20 -34.25
CA TYR D 215 13.16 11.27 -34.77
C TYR D 215 13.91 12.59 -34.62
N GLY D 216 14.18 13.25 -35.74
CA GLY D 216 14.91 14.51 -35.71
C GLY D 216 14.34 15.55 -36.66
N LEU D 217 15.19 16.07 -37.55
CA LEU D 217 14.76 17.09 -38.49
C LEU D 217 14.09 16.44 -39.70
N SER D 218 13.57 17.30 -40.59
CA SER D 218 12.97 16.88 -41.84
C SER D 218 13.58 17.68 -42.99
N GLU D 219 13.05 17.46 -44.19
CA GLU D 219 13.54 18.19 -45.36
C GLU D 219 13.20 19.66 -45.32
N ASN D 220 12.18 20.06 -44.56
CA ASN D 220 11.81 21.47 -44.50
C ASN D 220 12.84 22.28 -43.70
N ASP D 221 13.38 21.70 -42.64
CA ASP D 221 14.33 22.42 -41.79
C ASP D 221 15.66 22.62 -42.50
N GLU D 222 16.22 23.82 -42.36
CA GLU D 222 17.50 24.15 -42.95
C GLU D 222 18.62 23.89 -41.95
N TRP D 223 19.75 23.40 -42.45
CA TRP D 223 20.87 23.01 -41.62
C TRP D 223 22.08 23.88 -41.92
N THR D 224 22.77 24.32 -40.86
CA THR D 224 23.89 25.23 -40.98
C THR D 224 25.25 24.60 -40.71
N GLN D 225 25.32 23.60 -39.84
CA GLN D 225 26.59 22.95 -39.54
C GLN D 225 27.17 22.28 -40.78
N ASP D 226 28.46 22.01 -40.73
CA ASP D 226 29.11 21.18 -41.73
C ASP D 226 29.02 19.70 -41.40
N ARG D 227 28.56 19.35 -40.20
CA ARG D 227 28.33 17.96 -39.83
C ARG D 227 27.06 17.44 -40.50
N ALA D 228 26.83 16.14 -40.33
CA ALA D 228 25.66 15.50 -40.92
C ALA D 228 24.38 16.05 -40.31
N LYS D 229 23.40 16.35 -41.17
CA LYS D 229 22.10 16.86 -40.77
C LYS D 229 21.36 15.83 -39.92
N PRO D 230 21.17 16.10 -38.62
CA PRO D 230 20.48 15.13 -37.76
C PRO D 230 19.02 14.94 -38.15
N VAL D 231 18.80 14.21 -39.23
CA VAL D 231 17.46 13.99 -39.76
C VAL D 231 16.86 12.77 -39.07
N THR D 232 15.55 12.63 -39.19
CA THR D 232 14.88 11.41 -38.76
C THR D 232 15.43 10.22 -39.52
N GLN D 233 16.00 9.25 -38.80
CA GLN D 233 16.71 8.16 -39.43
C GLN D 233 16.68 6.92 -38.54
N ILE D 234 17.18 5.82 -39.08
CA ILE D 234 17.33 4.56 -38.37
C ILE D 234 18.83 4.23 -38.30
N VAL D 235 19.32 3.94 -37.11
CA VAL D 235 20.72 3.55 -36.90
C VAL D 235 20.74 2.13 -36.37
N SER D 236 21.54 1.27 -37.00
CA SER D 236 21.57 -0.14 -36.68
C SER D 236 22.99 -0.60 -36.37
N ALA D 237 23.07 -1.72 -35.66
CA ALA D 237 24.33 -2.39 -35.36
C ALA D 237 24.07 -3.89 -35.33
N GLU D 238 24.85 -4.64 -36.09
CA GLU D 238 24.62 -6.06 -36.27
C GLU D 238 25.73 -6.90 -35.65
N ALA D 239 25.39 -8.16 -35.37
CA ALA D 239 26.35 -9.14 -34.88
C ALA D 239 25.92 -10.52 -35.33
N TRP D 240 26.89 -11.37 -35.60
CA TRP D 240 26.64 -12.74 -36.05
C TRP D 240 26.92 -13.73 -34.93
N GLY D 241 26.28 -14.89 -35.03
CA GLY D 241 26.57 -15.97 -34.11
C GLY D 241 28.00 -16.43 -34.22
N ARG D 242 28.53 -16.98 -33.13
CA ARG D 242 29.92 -17.38 -33.05
C ARG D 242 30.00 -18.80 -32.49
N ALA D 243 30.83 -19.63 -33.11
CA ALA D 243 31.00 -21.02 -32.68
C ALA D 243 32.28 -21.19 -31.88
N ILE E 3 -48.20 11.89 -14.45
CA ILE E 3 -49.19 12.75 -15.07
C ILE E 3 -49.97 13.52 -14.01
N VAL E 4 -49.94 12.99 -12.78
CA VAL E 4 -50.61 13.60 -11.64
C VAL E 4 -49.61 13.71 -10.50
N ALA E 5 -49.50 14.90 -9.90
CA ALA E 5 -48.56 15.11 -8.81
C ALA E 5 -48.97 16.37 -8.03
N ASP E 6 -48.29 16.59 -6.90
CA ASP E 6 -48.49 17.79 -6.11
C ASP E 6 -47.74 18.97 -6.71
N HIS E 7 -46.52 18.74 -7.18
CA HIS E 7 -45.72 19.75 -7.84
C HIS E 7 -45.03 19.11 -9.03
N VAL E 8 -44.95 19.85 -10.13
CA VAL E 8 -44.24 19.41 -11.32
C VAL E 8 -43.21 20.47 -11.68
N ALA E 9 -41.99 20.02 -11.96
CA ALA E 9 -40.89 20.91 -12.29
C ALA E 9 -40.19 20.39 -13.52
N SER E 10 -39.71 21.31 -14.34
CA SER E 10 -38.90 20.98 -15.51
C SER E 10 -37.49 21.46 -15.20
N TYR E 11 -36.65 20.53 -14.72
CA TYR E 11 -35.25 20.84 -14.42
C TYR E 11 -34.43 20.65 -15.69
N GLY E 12 -34.63 21.59 -16.60
CA GLY E 12 -34.13 21.50 -17.96
C GLY E 12 -35.26 21.50 -18.98
N VAL E 13 -35.59 22.68 -19.50
CA VAL E 13 -36.37 22.81 -20.72
C VAL E 13 -35.39 23.21 -21.81
N ASN E 14 -35.09 22.26 -22.70
CA ASN E 14 -34.07 22.42 -23.72
C ASN E 14 -34.75 22.62 -25.07
N LEU E 15 -34.41 23.70 -25.75
CA LEU E 15 -34.99 24.03 -27.04
C LEU E 15 -33.88 24.31 -28.04
N TYR E 16 -34.00 23.72 -29.23
CA TYR E 16 -33.14 24.05 -30.36
C TYR E 16 -33.95 23.92 -31.64
N GLN E 17 -33.82 24.92 -32.51
CA GLN E 17 -34.54 24.93 -33.78
C GLN E 17 -33.63 25.48 -34.86
N SER E 18 -33.84 24.99 -36.08
CA SER E 18 -32.97 25.32 -37.20
C SER E 18 -33.16 26.74 -37.71
N TYR E 19 -34.26 27.41 -37.34
CA TYR E 19 -34.62 28.66 -38.01
C TYR E 19 -33.55 29.72 -37.84
N GLY E 20 -33.22 30.05 -36.60
CA GLY E 20 -32.23 31.08 -36.32
C GLY E 20 -30.89 30.84 -36.98
N PRO E 21 -30.19 29.76 -36.60
CA PRO E 21 -30.58 28.77 -35.58
C PRO E 21 -30.54 29.37 -34.19
N SER E 22 -31.49 28.98 -33.35
CA SER E 22 -31.60 29.56 -32.01
C SER E 22 -31.87 28.44 -31.02
N GLY E 23 -31.50 28.71 -29.77
CA GLY E 23 -31.74 27.77 -28.70
C GLY E 23 -32.18 28.50 -27.45
N GLN E 24 -32.75 27.75 -26.52
CA GLN E 24 -33.19 28.31 -25.26
C GLN E 24 -33.02 27.25 -24.18
N TYR E 25 -32.59 27.68 -23.00
CA TYR E 25 -32.46 26.80 -21.84
C TYR E 25 -33.09 27.47 -20.64
N THR E 26 -34.05 26.78 -20.01
CA THR E 26 -34.76 27.32 -18.86
C THR E 26 -35.04 26.19 -17.88
N HIS E 27 -35.31 26.58 -16.64
CA HIS E 27 -35.83 25.70 -15.61
C HIS E 27 -37.18 26.23 -15.16
N GLU E 28 -38.14 25.33 -14.98
CA GLU E 28 -39.49 25.70 -14.58
C GLU E 28 -39.88 24.93 -13.33
N PHE E 29 -40.67 25.60 -12.48
CA PHE E 29 -41.21 24.98 -11.27
C PHE E 29 -42.65 25.42 -11.12
N ASP E 30 -43.57 24.45 -11.13
CA ASP E 30 -45.00 24.71 -10.97
C ASP E 30 -45.51 25.72 -12.00
N GLY E 31 -44.94 25.70 -13.20
CA GLY E 31 -45.43 26.53 -14.28
C GLY E 31 -44.79 27.90 -14.41
N ASP E 32 -43.75 28.19 -13.64
CA ASP E 32 -43.10 29.49 -13.66
C ASP E 32 -41.62 29.33 -13.96
N GLU E 33 -41.05 30.36 -14.61
CA GLU E 33 -39.66 30.32 -15.04
C GLU E 33 -38.76 30.59 -13.84
N GLN E 34 -37.99 29.59 -13.43
CA GLN E 34 -37.01 29.80 -12.37
C GLN E 34 -35.82 30.62 -12.88
N PHE E 35 -35.23 30.21 -13.99
CA PHE E 35 -34.13 30.96 -14.59
C PHE E 35 -34.00 30.56 -16.05
N TYR E 36 -33.26 31.38 -16.78
CA TYR E 36 -32.81 31.05 -18.13
C TYR E 36 -31.31 31.26 -18.21
N VAL E 37 -30.70 30.70 -19.25
CA VAL E 37 -29.28 30.87 -19.52
C VAL E 37 -29.14 31.69 -20.78
N ASP E 38 -28.45 32.83 -20.68
CA ASP E 38 -28.14 33.65 -21.84
C ASP E 38 -27.00 32.95 -22.58
N LEU E 39 -27.35 32.23 -23.64
CA LEU E 39 -26.36 31.43 -24.35
C LEU E 39 -25.30 32.30 -25.00
N GLY E 40 -25.64 33.54 -25.35
CA GLY E 40 -24.66 34.45 -25.92
C GLY E 40 -23.72 35.02 -24.87
N ARG E 41 -24.26 35.46 -23.74
CA ARG E 41 -23.44 36.01 -22.68
C ARG E 41 -22.85 34.96 -21.76
N LYS E 42 -23.34 33.71 -21.83
CA LYS E 42 -22.83 32.60 -21.03
C LYS E 42 -23.00 32.88 -19.53
N GLU E 43 -24.16 33.40 -19.14
CA GLU E 43 -24.45 33.64 -17.74
C GLU E 43 -25.86 33.15 -17.41
N THR E 44 -26.04 32.76 -16.16
CA THR E 44 -27.36 32.36 -15.65
C THR E 44 -28.10 33.58 -15.13
N VAL E 45 -29.31 33.80 -15.62
CA VAL E 45 -30.12 34.94 -15.25
C VAL E 45 -31.33 34.42 -14.48
N TRP E 46 -31.40 34.75 -13.20
CA TRP E 46 -32.48 34.27 -12.35
C TRP E 46 -33.69 35.18 -12.47
N SER E 47 -34.86 34.56 -12.53
CA SER E 47 -36.12 35.31 -12.67
C SER E 47 -36.77 35.62 -11.33
N LEU E 48 -36.32 35.00 -10.25
CA LEU E 48 -36.83 35.25 -8.92
C LEU E 48 -35.69 35.69 -8.01
N PRO E 49 -35.81 36.83 -7.32
CA PRO E 49 -34.68 37.34 -6.54
C PRO E 49 -34.14 36.36 -5.51
N VAL E 50 -35.01 35.59 -4.86
CA VAL E 50 -34.58 34.66 -3.82
C VAL E 50 -33.68 33.57 -4.39
N LEU E 51 -33.77 33.30 -5.69
CA LEU E 51 -33.00 32.21 -6.29
C LEU E 51 -31.58 32.63 -6.66
N ARG E 52 -31.24 33.92 -6.53
CA ARG E 52 -29.90 34.37 -6.86
C ARG E 52 -28.85 33.78 -5.91
N GLN E 53 -29.26 33.23 -4.76
CA GLN E 53 -28.34 32.61 -3.84
C GLN E 53 -27.75 31.31 -4.38
N PHE E 54 -28.26 30.80 -5.50
CA PHE E 54 -27.80 29.55 -6.08
C PHE E 54 -26.87 29.82 -7.25
N ARG E 55 -26.26 28.74 -7.74
CA ARG E 55 -25.36 28.78 -8.89
C ARG E 55 -25.77 27.70 -9.88
N PHE E 56 -25.61 28.01 -11.16
CA PHE E 56 -25.82 27.03 -12.22
C PHE E 56 -24.79 27.30 -13.31
N ASP E 57 -23.95 26.32 -13.58
CA ASP E 57 -22.89 26.48 -14.56
C ASP E 57 -23.50 26.56 -15.95
N PRO E 58 -23.37 27.68 -16.66
CA PRO E 58 -24.01 27.79 -17.99
C PRO E 58 -23.53 26.76 -18.99
N GLN E 59 -22.38 26.13 -18.75
CA GLN E 59 -21.88 25.11 -19.67
C GLN E 59 -22.81 23.89 -19.72
N PHE E 60 -23.61 23.67 -18.68
CA PHE E 60 -24.64 22.65 -18.76
C PHE E 60 -25.65 22.99 -19.85
N ALA E 61 -26.06 24.27 -19.92
CA ALA E 61 -26.97 24.70 -20.98
C ALA E 61 -26.30 24.66 -22.35
N LEU E 62 -25.06 25.15 -22.44
CA LEU E 62 -24.37 25.22 -23.72
C LEU E 62 -24.15 23.83 -24.31
N THR E 63 -23.75 22.87 -23.48
CA THR E 63 -23.53 21.51 -23.98
C THR E 63 -24.84 20.80 -24.26
N ASN E 64 -25.88 21.08 -23.48
CA ASN E 64 -27.19 20.48 -23.74
C ASN E 64 -27.71 20.87 -25.12
N ILE E 65 -27.61 22.17 -25.46
CA ILE E 65 -28.09 22.64 -26.75
C ILE E 65 -27.25 22.05 -27.88
N ALA E 66 -25.95 21.88 -27.64
CA ALA E 66 -25.10 21.26 -28.65
C ALA E 66 -25.50 19.81 -28.88
N VAL E 67 -25.98 19.13 -27.85
CA VAL E 67 -26.50 17.77 -28.03
C VAL E 67 -27.83 17.79 -28.77
N LEU E 68 -28.69 18.77 -28.47
CA LEU E 68 -29.94 18.90 -29.20
C LEU E 68 -29.69 19.20 -30.67
N LYS E 69 -28.76 20.13 -30.95
CA LYS E 69 -28.37 20.41 -32.33
C LYS E 69 -27.94 19.15 -33.05
N HIS E 70 -27.24 18.26 -32.33
CA HIS E 70 -26.87 16.96 -32.89
C HIS E 70 -28.10 16.10 -33.16
N ASN E 71 -28.95 15.90 -32.14
CA ASN E 71 -30.12 15.06 -32.31
C ASN E 71 -31.11 15.62 -33.32
N LEU E 72 -31.19 16.94 -33.45
CA LEU E 72 -32.08 17.53 -34.43
C LEU E 72 -31.67 17.15 -35.86
N ASN E 73 -30.37 17.29 -36.16
CA ASN E 73 -29.87 16.89 -37.47
C ASN E 73 -30.13 15.41 -37.75
N SER E 74 -30.13 14.57 -36.72
CA SER E 74 -30.48 13.17 -36.91
C SER E 74 -31.95 13.00 -37.26
N LEU E 75 -32.84 13.70 -36.53
CA LEU E 75 -34.26 13.52 -36.74
C LEU E 75 -34.73 14.15 -38.04
N ILE E 76 -34.11 15.26 -38.46
CA ILE E 76 -34.38 15.81 -39.79
C ILE E 76 -34.12 14.74 -40.84
N LYS E 77 -32.98 14.06 -40.74
CA LYS E 77 -32.63 13.00 -41.68
C LYS E 77 -33.60 11.82 -41.58
N ARG E 78 -33.88 11.36 -40.36
CA ARG E 78 -34.68 10.14 -40.19
C ARG E 78 -36.10 10.33 -40.70
N SER E 79 -36.66 11.52 -40.55
CA SER E 79 -38.03 11.78 -40.97
C SER E 79 -38.13 12.35 -42.38
N ASN E 80 -37.04 12.29 -43.15
CA ASN E 80 -36.97 12.85 -44.50
C ASN E 80 -37.42 14.32 -44.51
N SER E 81 -36.83 15.09 -43.60
CA SER E 81 -37.01 16.55 -43.54
C SER E 81 -38.47 16.93 -43.35
N THR E 82 -39.10 16.31 -42.36
CA THR E 82 -40.45 16.70 -41.96
C THR E 82 -40.36 17.94 -41.09
N ALA E 83 -40.91 19.04 -41.59
CA ALA E 83 -40.80 20.32 -40.90
C ALA E 83 -41.90 20.48 -39.87
N ALA E 84 -41.77 21.51 -39.05
CA ALA E 84 -42.74 21.80 -38.02
C ALA E 84 -43.98 22.42 -38.65
N THR E 85 -45.14 22.12 -38.04
CA THR E 85 -46.40 22.68 -38.48
C THR E 85 -46.65 23.99 -37.75
N ASN E 86 -46.97 25.04 -38.50
CA ASN E 86 -47.25 26.34 -37.90
C ASN E 86 -48.61 26.29 -37.21
N GLU E 87 -48.62 26.60 -35.92
CA GLU E 87 -49.84 26.65 -35.15
C GLU E 87 -50.35 28.09 -35.07
N VAL E 88 -51.66 28.23 -35.01
CA VAL E 88 -52.30 29.54 -34.87
C VAL E 88 -52.26 29.95 -33.40
N PRO E 89 -51.51 30.99 -33.03
CA PRO E 89 -51.47 31.41 -31.62
C PRO E 89 -52.78 32.07 -31.20
N GLU E 90 -53.02 32.02 -29.89
CA GLU E 90 -54.17 32.65 -29.27
C GLU E 90 -53.68 33.73 -28.31
N VAL E 91 -54.19 34.95 -28.46
CA VAL E 91 -53.69 36.11 -27.74
C VAL E 91 -54.81 36.69 -26.88
N THR E 92 -54.48 36.98 -25.61
CA THR E 92 -55.37 37.69 -24.70
C THR E 92 -54.57 38.73 -23.94
N VAL E 93 -55.15 39.92 -23.75
CA VAL E 93 -54.49 41.03 -23.07
C VAL E 93 -55.32 41.42 -21.85
N PHE E 94 -54.64 41.67 -20.74
CA PHE E 94 -55.29 42.06 -19.49
C PHE E 94 -54.29 42.79 -18.62
N SER E 95 -54.81 43.43 -17.58
CA SER E 95 -54.00 44.23 -16.67
C SER E 95 -53.63 43.43 -15.43
N LYS E 96 -52.43 43.70 -14.91
CA LYS E 96 -51.93 42.97 -13.74
C LYS E 96 -52.75 43.27 -12.50
N SER E 97 -53.21 44.50 -12.35
CA SER E 97 -53.97 44.95 -11.20
C SER E 97 -55.23 45.66 -11.70
N PRO E 98 -56.19 45.91 -10.81
CA PRO E 98 -57.39 46.64 -11.24
C PRO E 98 -57.04 47.99 -11.85
N VAL E 99 -57.85 48.41 -12.82
CA VAL E 99 -57.57 49.65 -13.53
C VAL E 99 -58.02 50.82 -12.67
N THR E 100 -57.09 51.71 -12.35
CA THR E 100 -57.38 52.98 -11.70
C THR E 100 -56.60 54.05 -12.43
N LEU E 101 -57.30 55.09 -12.90
CA LEU E 101 -56.72 56.05 -13.82
C LEU E 101 -55.45 56.69 -13.27
N GLY E 102 -55.34 56.83 -11.96
CA GLY E 102 -54.13 57.37 -11.37
C GLY E 102 -53.02 56.36 -11.19
N GLN E 103 -53.37 55.15 -10.75
CA GLN E 103 -52.37 54.23 -10.24
C GLN E 103 -51.55 53.61 -11.37
N PRO E 104 -50.26 53.40 -11.16
CA PRO E 104 -49.47 52.64 -12.14
C PRO E 104 -49.99 51.22 -12.27
N ASN E 105 -49.75 50.62 -13.44
CA ASN E 105 -50.23 49.28 -13.74
C ASN E 105 -49.25 48.62 -14.70
N ILE E 106 -49.58 47.40 -15.11
CA ILE E 106 -48.78 46.64 -16.08
C ILE E 106 -49.74 45.92 -17.03
N LEU E 107 -49.56 46.14 -18.33
CA LEU E 107 -50.35 45.44 -19.34
C LEU E 107 -49.69 44.10 -19.64
N ILE E 108 -50.47 43.02 -19.55
CA ILE E 108 -49.98 41.67 -19.77
C ILE E 108 -50.56 41.17 -21.09
N CYS E 109 -49.68 40.73 -21.99
CA CYS E 109 -50.08 40.15 -23.27
C CYS E 109 -49.67 38.68 -23.28
N LEU E 110 -50.64 37.79 -23.18
CA LEU E 110 -50.40 36.35 -23.18
C LEU E 110 -50.56 35.81 -24.60
N VAL E 111 -49.48 35.23 -25.13
CA VAL E 111 -49.48 34.63 -26.46
C VAL E 111 -49.35 33.13 -26.27
N ASP E 112 -50.45 32.40 -26.45
CA ASP E 112 -50.53 30.98 -26.16
C ASP E 112 -50.54 30.16 -27.45
N ASN E 113 -50.21 28.88 -27.30
CA ASN E 113 -50.21 27.91 -28.41
C ASN E 113 -49.27 28.35 -29.52
N ILE E 114 -48.04 28.68 -29.15
CA ILE E 114 -47.02 29.10 -30.10
C ILE E 114 -46.27 27.87 -30.58
N PHE E 115 -46.24 27.67 -31.91
CA PHE E 115 -45.35 26.69 -32.49
C PHE E 115 -45.21 26.94 -33.98
N PRO E 116 -43.97 27.00 -34.51
CA PRO E 116 -42.71 26.86 -33.77
C PRO E 116 -42.41 28.08 -32.89
N PRO E 117 -41.49 27.92 -31.92
CA PRO E 117 -41.19 29.03 -31.01
C PRO E 117 -40.44 30.16 -31.70
N VAL E 118 -41.11 30.85 -32.62
CA VAL E 118 -40.58 32.02 -33.32
C VAL E 118 -41.72 33.01 -33.44
N VAL E 119 -41.61 34.14 -32.75
CA VAL E 119 -42.70 35.11 -32.72
C VAL E 119 -42.13 36.50 -32.47
N ASN E 120 -42.87 37.51 -32.94
CA ASN E 120 -42.57 38.91 -32.69
C ASN E 120 -43.73 39.48 -31.87
N ILE E 121 -43.42 40.07 -30.73
CA ILE E 121 -44.43 40.66 -29.84
C ILE E 121 -44.03 42.11 -29.59
N THR E 122 -44.86 43.02 -30.07
CA THR E 122 -44.62 44.45 -29.92
C THR E 122 -45.88 45.12 -29.40
N TRP E 123 -45.68 46.23 -28.68
CA TRP E 123 -46.79 47.00 -28.10
C TRP E 123 -47.02 48.24 -28.95
N LEU E 124 -48.28 48.51 -29.25
CA LEU E 124 -48.70 49.68 -30.01
C LEU E 124 -49.72 50.47 -29.22
N SER E 125 -49.56 51.79 -29.22
CA SER E 125 -50.57 52.68 -28.64
C SER E 125 -50.96 53.68 -29.71
N ASN E 126 -52.22 53.63 -30.11
CA ASN E 126 -52.77 54.53 -31.12
C ASN E 126 -51.92 54.53 -32.38
N GLY E 127 -51.47 53.34 -32.78
CA GLY E 127 -50.82 53.14 -34.05
C GLY E 127 -49.31 53.27 -34.09
N HIS E 128 -48.62 53.28 -32.94
CA HIS E 128 -47.17 53.32 -32.97
C HIS E 128 -46.59 52.45 -31.85
N SER E 129 -45.38 51.96 -32.10
CA SER E 129 -44.68 51.06 -31.19
C SER E 129 -44.23 51.77 -29.91
N VAL E 130 -44.26 51.04 -28.81
CA VAL E 130 -43.82 51.51 -27.50
C VAL E 130 -42.53 50.79 -27.13
N THR E 131 -41.55 51.55 -26.65
CA THR E 131 -40.24 51.01 -26.28
C THR E 131 -39.98 51.05 -24.78
N GLU E 132 -40.32 52.14 -24.12
CA GLU E 132 -40.06 52.27 -22.69
C GLU E 132 -40.95 51.31 -21.90
N GLY E 133 -40.34 50.56 -21.00
CA GLY E 133 -41.10 49.76 -20.06
C GLY E 133 -41.68 48.48 -20.60
N VAL E 134 -41.06 47.87 -21.60
CA VAL E 134 -41.51 46.59 -22.14
C VAL E 134 -40.53 45.50 -21.73
N SER E 135 -41.08 44.36 -21.31
CA SER E 135 -40.29 43.21 -20.91
C SER E 135 -40.98 41.94 -21.41
N GLU E 136 -40.25 40.84 -21.37
CA GLU E 136 -40.70 39.57 -21.92
C GLU E 136 -40.28 38.42 -21.02
N THR E 137 -41.10 37.37 -21.00
CA THR E 137 -40.68 36.10 -20.46
C THR E 137 -40.06 35.26 -21.58
N SER E 138 -39.36 34.21 -21.19
CA SER E 138 -38.86 33.26 -22.17
C SER E 138 -40.00 32.38 -22.67
N PHE E 139 -39.70 31.57 -23.68
CA PHE E 139 -40.69 30.60 -24.15
C PHE E 139 -40.95 29.58 -23.06
N LEU E 140 -42.18 29.58 -22.54
CA LEU E 140 -42.56 28.70 -21.45
C LEU E 140 -43.23 27.46 -22.02
N SER E 141 -42.86 26.29 -21.49
CA SER E 141 -43.26 25.02 -22.07
C SER E 141 -44.72 24.70 -21.73
N LYS E 142 -45.32 23.88 -22.58
CA LYS E 142 -46.68 23.40 -22.40
C LYS E 142 -46.70 21.88 -22.54
N SER E 143 -47.75 21.27 -21.96
CA SER E 143 -47.87 19.81 -21.98
C SER E 143 -47.91 19.27 -23.40
N ASP E 144 -48.61 19.96 -24.31
CA ASP E 144 -48.70 19.52 -25.70
C ASP E 144 -47.47 19.90 -26.52
N HIS E 145 -46.39 20.32 -25.86
CA HIS E 145 -45.10 20.62 -26.47
C HIS E 145 -45.16 21.82 -27.41
N SER E 146 -46.21 22.62 -27.33
CA SER E 146 -46.19 23.99 -27.85
C SER E 146 -45.66 24.90 -26.74
N PHE E 147 -45.58 26.19 -27.01
CA PHE E 147 -45.09 27.14 -26.02
C PHE E 147 -46.09 28.26 -25.83
N PHE E 148 -45.88 29.03 -24.77
CA PHE E 148 -46.52 30.33 -24.62
C PHE E 148 -45.48 31.33 -24.13
N LYS E 149 -45.75 32.61 -24.37
CA LYS E 149 -44.84 33.68 -24.01
C LYS E 149 -45.66 34.88 -23.55
N ILE E 150 -45.15 35.60 -22.56
CA ILE E 150 -45.84 36.73 -21.96
C ILE E 150 -44.99 37.97 -22.09
N SER E 151 -45.59 39.06 -22.54
CA SER E 151 -44.92 40.34 -22.69
C SER E 151 -45.60 41.37 -21.80
N TYR E 152 -44.78 42.21 -21.16
CA TYR E 152 -45.26 43.20 -20.21
C TYR E 152 -44.98 44.61 -20.70
N LEU E 153 -45.88 45.54 -20.36
CA LEU E 153 -45.69 46.95 -20.65
C LEU E 153 -46.15 47.76 -19.44
N THR E 154 -45.21 48.40 -18.76
CA THR E 154 -45.56 49.27 -17.65
C THR E 154 -46.17 50.56 -18.18
N LEU E 155 -47.31 50.96 -17.63
CA LEU E 155 -48.03 52.11 -18.15
C LEU E 155 -48.68 52.87 -17.01
N LEU E 156 -49.08 54.10 -17.33
CA LEU E 156 -49.85 54.95 -16.42
C LEU E 156 -51.18 55.23 -17.11
N PRO E 157 -52.25 54.53 -16.74
CA PRO E 157 -53.48 54.60 -17.54
C PRO E 157 -54.01 56.02 -17.70
N SER E 158 -54.39 56.35 -18.93
CA SER E 158 -55.01 57.63 -19.26
C SER E 158 -56.27 57.35 -20.06
N ALA E 159 -57.25 58.26 -19.93
CA ALA E 159 -58.58 57.98 -20.48
C ALA E 159 -58.56 57.82 -21.99
N GLU E 160 -57.67 58.52 -22.68
CA GLU E 160 -57.63 58.48 -24.14
C GLU E 160 -56.47 57.68 -24.69
N GLU E 161 -55.67 57.04 -23.85
CA GLU E 161 -54.52 56.26 -24.29
C GLU E 161 -54.93 54.79 -24.31
N SER E 162 -55.09 54.24 -25.51
CA SER E 162 -55.37 52.83 -25.71
C SER E 162 -54.15 52.15 -26.29
N TYR E 163 -54.04 50.84 -26.07
CA TYR E 163 -52.86 50.09 -26.44
C TYR E 163 -53.24 48.87 -27.26
N ASP E 164 -52.28 48.39 -28.04
CA ASP E 164 -52.43 47.21 -28.88
C ASP E 164 -51.23 46.30 -28.69
N CYS E 165 -51.48 44.99 -28.67
CA CYS E 165 -50.43 43.99 -28.65
C CYS E 165 -50.36 43.35 -30.04
N LYS E 166 -49.27 43.57 -30.74
CA LYS E 166 -49.09 43.09 -32.10
C LYS E 166 -48.29 41.80 -32.09
N VAL E 167 -48.81 40.76 -32.72
CA VAL E 167 -48.21 39.43 -32.73
C VAL E 167 -47.97 39.03 -34.18
N GLU E 168 -46.73 38.66 -34.48
CA GLU E 168 -46.33 38.23 -35.83
C GLU E 168 -45.92 36.77 -35.75
N HIS E 169 -46.60 35.92 -36.53
CA HIS E 169 -46.31 34.50 -36.52
C HIS E 169 -46.70 33.91 -37.87
N TRP E 170 -45.98 32.86 -38.26
CA TRP E 170 -46.21 32.23 -39.56
C TRP E 170 -47.56 31.54 -39.63
N GLY E 171 -48.12 31.12 -38.50
CA GLY E 171 -49.47 30.60 -38.49
C GLY E 171 -50.54 31.65 -38.72
N LEU E 172 -50.16 32.92 -38.66
CA LEU E 172 -51.07 34.03 -38.90
C LEU E 172 -50.84 34.57 -40.30
N ASP E 173 -51.92 34.75 -41.06
CA ASP E 173 -51.82 35.32 -42.39
C ASP E 173 -51.66 36.83 -42.37
N LYS E 174 -52.05 37.47 -41.28
CA LYS E 174 -51.83 38.89 -41.04
C LYS E 174 -51.53 39.09 -39.57
N PRO E 175 -50.76 40.13 -39.22
CA PRO E 175 -50.46 40.38 -37.80
C PRO E 175 -51.72 40.49 -36.97
N LEU E 176 -51.72 39.80 -35.83
CA LEU E 176 -52.85 39.80 -34.91
C LEU E 176 -52.69 40.97 -33.94
N LEU E 177 -53.71 41.82 -33.87
CA LEU E 177 -53.72 42.96 -32.97
C LEU E 177 -54.81 42.76 -31.91
N LYS E 178 -54.41 42.81 -30.65
CA LYS E 178 -55.34 42.74 -29.52
C LYS E 178 -55.40 44.10 -28.84
N HIS E 179 -56.60 44.69 -28.81
CA HIS E 179 -56.79 46.03 -28.28
C HIS E 179 -57.01 46.00 -26.78
N TRP E 180 -56.60 47.08 -26.12
CA TRP E 180 -56.85 47.27 -24.69
C TRP E 180 -57.23 48.73 -24.46
N GLU E 181 -58.39 48.96 -23.87
CA GLU E 181 -58.88 50.29 -23.58
C GLU E 181 -59.03 50.48 -22.08
N PRO E 182 -58.65 51.64 -21.54
CA PRO E 182 -58.79 51.86 -20.10
C PRO E 182 -60.24 51.89 -19.62
N GLU E 183 -61.20 52.17 -20.50
CA GLU E 183 -62.62 52.14 -20.16
C GLU E 183 -62.95 53.11 -19.03
N SER F 9 -43.32 32.08 -46.02
CA SER F 9 -43.41 31.22 -44.86
C SER F 9 -42.17 30.34 -44.73
N PRO F 10 -41.27 30.72 -43.81
CA PRO F 10 -40.02 29.97 -43.66
C PRO F 10 -40.24 28.58 -43.10
N GLU F 11 -39.28 27.70 -43.39
CA GLU F 11 -39.26 26.34 -42.89
C GLU F 11 -38.50 26.28 -41.56
N ASP F 12 -38.93 25.37 -40.68
CA ASP F 12 -38.31 25.27 -39.37
C ASP F 12 -38.40 23.84 -38.85
N PHE F 13 -37.31 23.38 -38.24
CA PHE F 13 -37.24 22.07 -37.60
C PHE F 13 -36.89 22.27 -36.13
N VAL F 14 -37.70 21.72 -35.23
CA VAL F 14 -37.61 22.00 -33.81
C VAL F 14 -37.33 20.71 -33.05
N TYR F 15 -36.48 20.80 -32.03
CA TYR F 15 -36.19 19.69 -31.14
C TYR F 15 -36.30 20.15 -29.70
N GLN F 16 -36.92 19.34 -28.86
CA GLN F 16 -37.13 19.65 -27.46
C GLN F 16 -36.67 18.50 -26.58
N PHE F 17 -36.09 18.84 -25.43
CA PHE F 17 -35.77 17.87 -24.39
C PHE F 17 -36.23 18.42 -23.05
N LYS F 18 -37.11 17.68 -22.38
CA LYS F 18 -37.71 18.11 -21.12
C LYS F 18 -37.37 17.10 -20.04
N GLY F 19 -36.59 17.52 -19.05
CA GLY F 19 -36.33 16.69 -17.88
C GLY F 19 -37.26 17.06 -16.75
N MET F 20 -38.38 16.35 -16.66
CA MET F 20 -39.49 16.73 -15.79
C MET F 20 -39.51 15.85 -14.54
N CYS F 21 -39.67 16.48 -13.38
CA CYS F 21 -39.79 15.78 -12.11
C CYS F 21 -41.18 15.98 -11.55
N TYR F 22 -41.77 14.91 -11.02
CA TYR F 22 -43.13 14.93 -10.49
C TYR F 22 -43.08 14.58 -9.02
N PHE F 23 -43.51 15.52 -8.17
CA PHE F 23 -43.42 15.39 -6.73
C PHE F 23 -44.80 15.21 -6.11
N THR F 24 -44.90 14.32 -5.13
CA THR F 24 -46.15 14.07 -4.42
C THR F 24 -45.84 13.72 -2.98
N ASN F 25 -46.59 14.31 -2.06
CA ASN F 25 -46.44 14.06 -0.62
C ASN F 25 -45.00 14.29 -0.17
N GLY F 26 -44.45 15.44 -0.56
CA GLY F 26 -43.06 15.71 -0.26
C GLY F 26 -42.15 14.82 -1.08
N THR F 27 -41.20 14.17 -0.42
CA THR F 27 -40.27 13.26 -1.07
C THR F 27 -40.75 11.81 -1.06
N GLU F 28 -41.96 11.56 -0.54
CA GLU F 28 -42.47 10.19 -0.50
C GLU F 28 -42.61 9.60 -1.90
N ARG F 29 -43.10 10.40 -2.85
CA ARG F 29 -43.27 9.98 -4.24
C ARG F 29 -42.50 10.93 -5.13
N VAL F 30 -41.56 10.39 -5.91
CA VAL F 30 -40.79 11.15 -6.89
C VAL F 30 -40.74 10.35 -8.18
N ARG F 31 -40.95 11.03 -9.30
CA ARG F 31 -40.96 10.40 -10.61
C ARG F 31 -40.25 11.30 -11.61
N LEU F 32 -39.35 10.72 -12.40
CA LEU F 32 -38.59 11.45 -13.41
C LEU F 32 -38.97 10.94 -14.78
N VAL F 33 -39.40 11.86 -15.64
CA VAL F 33 -39.75 11.54 -17.02
C VAL F 33 -38.99 12.51 -17.91
N SER F 34 -37.96 12.01 -18.59
CA SER F 34 -37.17 12.81 -19.52
C SER F 34 -37.71 12.57 -20.93
N ARG F 35 -38.22 13.62 -21.56
CA ARG F 35 -38.90 13.51 -22.85
C ARG F 35 -38.03 14.10 -23.95
N SER F 36 -37.83 13.33 -25.01
CA SER F 36 -37.18 13.80 -26.22
C SER F 36 -38.24 14.04 -27.28
N ILE F 37 -38.32 15.28 -27.76
CA ILE F 37 -39.42 15.73 -28.62
C ILE F 37 -38.84 16.24 -29.94
N TYR F 38 -39.41 15.77 -31.05
CA TYR F 38 -39.13 16.29 -32.38
C TYR F 38 -40.37 17.02 -32.87
N ASN F 39 -40.23 18.32 -33.15
CA ASN F 39 -41.35 19.20 -33.46
C ASN F 39 -42.30 19.17 -32.26
N ARG F 40 -43.53 18.69 -32.41
CA ARG F 40 -44.47 18.59 -31.30
C ARG F 40 -44.76 17.14 -30.94
N GLU F 41 -43.86 16.22 -31.29
CA GLU F 41 -44.06 14.79 -31.11
C GLU F 41 -42.99 14.25 -30.17
N GLU F 42 -43.41 13.73 -29.02
CA GLU F 42 -42.50 13.01 -28.15
C GLU F 42 -42.17 11.67 -28.79
N ILE F 43 -40.88 11.43 -29.03
CA ILE F 43 -40.46 10.26 -29.79
C ILE F 43 -39.86 9.17 -28.89
N VAL F 44 -39.25 9.55 -27.76
CA VAL F 44 -38.65 8.59 -26.85
C VAL F 44 -38.54 9.26 -25.49
N ARG F 45 -38.71 8.47 -24.43
CA ARG F 45 -38.67 9.01 -23.08
C ARG F 45 -37.96 8.03 -22.16
N PHE F 46 -37.40 8.58 -21.09
CA PHE F 46 -36.86 7.79 -19.98
C PHE F 46 -37.74 8.04 -18.77
N ASP F 47 -38.56 7.05 -18.42
CA ASP F 47 -39.40 7.11 -17.23
C ASP F 47 -38.71 6.27 -16.15
N SER F 48 -38.36 6.92 -15.04
CA SER F 48 -37.64 6.23 -13.97
C SER F 48 -38.43 5.08 -13.39
N ASP F 49 -39.76 5.08 -13.55
CA ASP F 49 -40.56 3.99 -13.03
C ASP F 49 -40.31 2.68 -13.79
N VAL F 50 -39.93 2.76 -15.06
CA VAL F 50 -39.63 1.55 -15.83
C VAL F 50 -38.12 1.32 -15.82
N GLY F 51 -37.35 2.39 -15.71
CA GLY F 51 -35.91 2.28 -15.57
C GLY F 51 -35.13 2.08 -16.85
N GLU F 52 -35.77 2.28 -18.01
CA GLU F 52 -35.07 2.19 -19.28
C GLU F 52 -35.84 3.00 -20.31
N PHE F 53 -35.16 3.28 -21.43
CA PHE F 53 -35.78 4.08 -22.48
C PHE F 53 -36.90 3.32 -23.17
N ARG F 54 -37.96 4.04 -23.52
CA ARG F 54 -39.10 3.47 -24.22
C ARG F 54 -39.46 4.41 -25.36
N ALA F 55 -39.52 3.87 -26.58
CA ALA F 55 -39.93 4.68 -27.70
C ALA F 55 -41.41 5.01 -27.60
N VAL F 56 -41.74 6.30 -27.67
CA VAL F 56 -43.13 6.72 -27.70
C VAL F 56 -43.66 6.73 -29.12
N THR F 57 -42.81 7.02 -30.09
CA THR F 57 -43.19 7.12 -31.48
C THR F 57 -42.16 6.38 -32.33
N LEU F 58 -42.54 6.09 -33.58
CA LEU F 58 -41.66 5.33 -34.47
C LEU F 58 -40.29 5.98 -34.61
N LEU F 59 -40.23 7.31 -34.62
CA LEU F 59 -38.97 8.00 -34.84
C LEU F 59 -37.99 7.78 -33.70
N GLY F 60 -38.49 7.58 -32.48
CA GLY F 60 -37.64 7.36 -31.34
C GLY F 60 -37.18 5.94 -31.15
N LEU F 61 -37.52 5.04 -32.09
CA LEU F 61 -37.16 3.64 -31.93
C LEU F 61 -35.66 3.41 -31.99
N PRO F 62 -34.90 3.96 -32.95
CA PRO F 62 -33.44 3.77 -32.91
C PRO F 62 -32.79 4.38 -31.67
N ALA F 63 -33.32 5.50 -31.17
CA ALA F 63 -32.74 6.14 -30.00
C ALA F 63 -32.89 5.26 -28.76
N ALA F 64 -34.08 4.73 -28.51
CA ALA F 64 -34.27 3.86 -27.36
C ALA F 64 -33.46 2.58 -27.48
N GLU F 65 -33.38 2.03 -28.69
CA GLU F 65 -32.55 0.84 -28.92
C GLU F 65 -31.09 1.13 -28.58
N TYR F 66 -30.57 2.26 -29.07
CA TYR F 66 -29.16 2.56 -28.91
C TYR F 66 -28.81 2.87 -27.45
N TRP F 67 -29.63 3.71 -26.80
CA TRP F 67 -29.35 4.09 -25.42
C TRP F 67 -29.45 2.90 -24.47
N ASN F 68 -30.47 2.05 -24.66
CA ASN F 68 -30.65 0.91 -23.77
C ASN F 68 -29.52 -0.11 -23.86
N SER F 69 -28.69 -0.04 -24.90
CA SER F 69 -27.56 -0.94 -25.06
C SER F 69 -26.28 -0.41 -24.41
N GLN F 70 -26.31 0.82 -23.89
CA GLN F 70 -25.17 1.42 -23.21
C GLN F 70 -25.44 1.40 -21.71
N LYS F 71 -24.70 0.57 -20.99
CA LYS F 71 -24.88 0.52 -19.54
C LYS F 71 -24.50 1.84 -18.88
N ASP F 72 -23.50 2.54 -19.42
CA ASP F 72 -23.12 3.83 -18.86
C ASP F 72 -24.26 4.83 -18.95
N ILE F 73 -24.88 4.96 -20.13
CA ILE F 73 -26.01 5.87 -20.28
C ILE F 73 -27.17 5.44 -19.38
N LEU F 74 -27.40 4.12 -19.29
CA LEU F 74 -28.45 3.62 -18.42
C LEU F 74 -28.13 3.86 -16.95
N GLU F 75 -26.84 3.85 -16.58
CA GLU F 75 -26.44 4.11 -15.21
C GLU F 75 -26.78 5.54 -14.81
N ARG F 76 -26.32 6.52 -15.58
CA ARG F 76 -26.53 7.92 -15.23
C ARG F 76 -28.02 8.28 -15.26
N LYS F 77 -28.78 7.69 -16.18
CA LYS F 77 -30.21 7.99 -16.25
C LYS F 77 -30.95 7.47 -15.02
N ARG F 78 -30.63 6.25 -14.59
CA ARG F 78 -31.29 5.71 -13.39
C ARG F 78 -30.89 6.48 -12.14
N ALA F 79 -29.72 7.10 -12.14
CA ALA F 79 -29.27 7.94 -11.02
C ALA F 79 -29.75 9.38 -11.12
N ALA F 80 -30.36 9.76 -12.24
CA ALA F 80 -30.77 11.15 -12.42
C ALA F 80 -31.91 11.54 -11.51
N VAL F 81 -32.73 10.58 -11.06
CA VAL F 81 -33.83 10.88 -10.15
C VAL F 81 -33.29 11.46 -8.85
N ASP F 82 -32.20 10.89 -8.34
CA ASP F 82 -31.60 11.40 -7.10
C ASP F 82 -30.71 12.61 -7.36
N ARG F 83 -29.91 12.56 -8.43
CA ARG F 83 -28.96 13.63 -8.70
C ARG F 83 -29.67 14.95 -9.00
N VAL F 84 -30.81 14.89 -9.71
CA VAL F 84 -31.50 16.08 -10.19
C VAL F 84 -32.77 16.36 -9.37
N CYS F 85 -33.75 15.46 -9.42
CA CYS F 85 -35.05 15.74 -8.84
C CYS F 85 -34.96 15.94 -7.33
N ARG F 86 -34.41 14.96 -6.62
CA ARG F 86 -34.37 15.05 -5.15
C ARG F 86 -33.43 16.15 -4.69
N HIS F 87 -32.29 16.32 -5.36
CA HIS F 87 -31.37 17.40 -4.99
C HIS F 87 -32.04 18.76 -5.13
N ASN F 88 -32.64 19.02 -6.29
CA ASN F 88 -33.26 20.32 -6.51
C ASN F 88 -34.46 20.53 -5.59
N TYR F 89 -35.19 19.46 -5.26
CA TYR F 89 -36.37 19.62 -4.41
C TYR F 89 -35.98 20.12 -3.02
N GLN F 90 -34.80 19.74 -2.52
CA GLN F 90 -34.32 20.31 -1.27
C GLN F 90 -34.06 21.80 -1.41
N LEU F 91 -33.60 22.24 -2.59
CA LEU F 91 -33.44 23.67 -2.83
C LEU F 91 -34.79 24.36 -2.91
N GLU F 92 -35.81 23.69 -3.46
CA GLU F 92 -37.14 24.29 -3.52
C GLU F 92 -37.76 24.44 -2.14
N LEU F 93 -37.41 23.56 -1.21
CA LEU F 93 -37.98 23.62 0.13
C LEU F 93 -37.58 24.90 0.85
N ARG F 94 -36.40 25.45 0.56
CA ARG F 94 -35.96 26.68 1.17
C ARG F 94 -36.27 27.91 0.33
N THR F 95 -36.87 27.74 -0.85
CA THR F 95 -37.11 28.85 -1.76
C THR F 95 -38.56 28.92 -2.24
N THR F 96 -38.84 28.30 -3.38
CA THR F 96 -40.14 28.47 -4.04
C THR F 96 -41.28 27.96 -3.18
N LEU F 97 -41.07 26.87 -2.43
CA LEU F 97 -42.13 26.33 -1.60
C LEU F 97 -42.38 27.16 -0.34
N GLN F 98 -41.48 28.08 0.00
CA GLN F 98 -41.72 29.02 1.08
C GLN F 98 -42.32 30.34 0.61
N ARG F 99 -42.36 30.60 -0.70
CA ARG F 99 -42.82 31.87 -1.21
C ARG F 99 -44.31 32.06 -0.92
N ARG F 100 -44.63 33.11 -0.17
CA ARG F 100 -46.01 33.44 0.20
C ARG F 100 -46.21 34.93 0.00
N VAL F 101 -47.07 35.30 -0.95
CA VAL F 101 -47.34 36.69 -1.29
C VAL F 101 -48.81 36.99 -0.99
N GLU F 102 -49.04 37.97 -0.12
CA GLU F 102 -50.39 38.30 0.31
C GLU F 102 -51.23 38.81 -0.86
N PRO F 103 -52.42 38.27 -1.08
CA PRO F 103 -53.29 38.80 -2.14
C PRO F 103 -53.80 40.19 -1.81
N THR F 104 -53.95 41.00 -2.86
CA THR F 104 -54.48 42.35 -2.73
C THR F 104 -55.93 42.34 -3.19
N VAL F 105 -56.84 42.60 -2.27
CA VAL F 105 -58.28 42.58 -2.55
C VAL F 105 -58.75 43.98 -2.89
N THR F 106 -59.74 44.07 -3.78
CA THR F 106 -60.24 45.35 -4.26
C THR F 106 -61.59 45.16 -4.92
N ILE F 107 -62.57 45.97 -4.52
CA ILE F 107 -63.91 45.94 -5.09
C ILE F 107 -64.08 47.19 -5.95
N SER F 108 -64.56 47.00 -7.19
CA SER F 108 -64.72 48.10 -8.13
C SER F 108 -66.03 47.98 -8.89
N PRO F 109 -66.92 48.97 -8.81
CA PRO F 109 -68.20 48.87 -9.51
C PRO F 109 -68.02 49.05 -11.02
N SER F 110 -68.71 48.20 -11.78
CA SER F 110 -68.66 48.27 -13.23
C SER F 110 -70.05 48.49 -13.81
N HIS F 118 -75.19 51.48 -9.69
CA HIS F 118 -74.41 50.47 -10.37
C HIS F 118 -75.12 49.12 -10.33
N ASN F 119 -74.68 48.19 -11.19
CA ASN F 119 -75.29 46.86 -11.26
C ASN F 119 -74.28 45.72 -11.32
N LEU F 120 -72.99 46.01 -11.43
CA LEU F 120 -71.97 44.98 -11.47
C LEU F 120 -70.86 45.31 -10.47
N LEU F 121 -70.34 44.28 -9.83
CA LEU F 121 -69.31 44.45 -8.80
C LEU F 121 -68.21 43.42 -9.01
N VAL F 122 -66.97 43.88 -9.03
CA VAL F 122 -65.81 43.04 -9.32
C VAL F 122 -64.87 43.06 -8.11
N CYS F 123 -64.67 41.90 -7.50
CA CYS F 123 -63.69 41.74 -6.43
C CYS F 123 -62.40 41.22 -7.05
N SER F 124 -61.38 42.05 -7.07
CA SER F 124 -60.10 41.73 -7.68
C SER F 124 -59.12 41.24 -6.62
N VAL F 125 -58.69 39.99 -6.76
CA VAL F 125 -57.69 39.39 -5.89
C VAL F 125 -56.41 39.28 -6.71
N THR F 126 -55.45 40.17 -6.45
CA THR F 126 -54.29 40.32 -7.33
C THR F 126 -53.00 40.05 -6.59
N ASP F 127 -52.04 39.47 -7.32
CA ASP F 127 -50.65 39.33 -6.91
C ASP F 127 -50.53 38.48 -5.64
N PHE F 128 -50.78 37.19 -5.80
CA PHE F 128 -50.64 36.23 -4.72
C PHE F 128 -49.92 34.98 -5.21
N TYR F 129 -49.30 34.27 -4.26
CA TYR F 129 -48.59 33.03 -4.51
C TYR F 129 -48.53 32.26 -3.20
N PRO F 130 -48.73 30.93 -3.20
CA PRO F 130 -49.01 30.08 -4.37
C PRO F 130 -50.43 30.17 -4.91
N ALA F 131 -50.79 29.18 -5.73
CA ALA F 131 -52.00 29.27 -6.54
C ALA F 131 -53.28 29.01 -5.76
N GLN F 132 -53.21 28.23 -4.68
CA GLN F 132 -54.41 27.84 -3.94
C GLN F 132 -55.13 29.07 -3.39
N ILE F 133 -56.39 29.23 -3.76
CA ILE F 133 -57.17 30.41 -3.38
C ILE F 133 -58.63 30.01 -3.23
N LYS F 134 -59.35 30.75 -2.38
CA LYS F 134 -60.77 30.54 -2.16
C LYS F 134 -61.43 31.89 -1.96
N VAL F 135 -62.39 32.23 -2.81
CA VAL F 135 -63.06 33.53 -2.81
C VAL F 135 -64.56 33.33 -2.65
N ARG F 136 -65.17 34.06 -1.72
CA ARG F 136 -66.60 34.00 -1.46
C ARG F 136 -67.18 35.40 -1.36
N TRP F 137 -68.38 35.58 -1.87
CA TRP F 137 -69.11 36.84 -1.76
C TRP F 137 -70.11 36.78 -0.60
N PHE F 138 -70.38 37.94 -0.02
CA PHE F 138 -71.29 38.05 1.11
C PHE F 138 -72.14 39.31 0.98
N ARG F 139 -73.46 39.14 1.09
CA ARG F 139 -74.40 40.26 1.11
C ARG F 139 -75.15 40.17 2.44
N ASN F 140 -74.77 41.02 3.39
CA ASN F 140 -75.34 41.03 4.74
C ASN F 140 -75.22 39.65 5.41
N ASP F 141 -73.97 39.17 5.47
CA ASP F 141 -73.62 37.91 6.11
C ASP F 141 -74.23 36.70 5.43
N GLN F 142 -75.06 36.92 4.40
CA GLN F 142 -75.66 35.84 3.64
C GLN F 142 -74.82 35.58 2.39
N GLU F 143 -74.35 34.34 2.24
CA GLU F 143 -73.49 33.99 1.12
C GLU F 143 -74.26 34.02 -0.19
N GLU F 144 -73.62 34.57 -1.22
CA GLU F 144 -74.22 34.72 -2.54
C GLU F 144 -73.63 33.68 -3.49
N THR F 145 -74.48 32.79 -3.99
CA THR F 145 -74.11 31.86 -5.05
C THR F 145 -74.94 32.03 -6.30
N ALA F 146 -76.10 32.67 -6.21
CA ALA F 146 -77.02 32.82 -7.33
C ALA F 146 -76.59 33.87 -8.33
N GLY F 147 -75.65 34.76 -7.99
CA GLY F 147 -75.29 35.84 -8.88
C GLY F 147 -73.81 36.03 -9.13
N VAL F 148 -72.99 35.02 -8.85
CA VAL F 148 -71.54 35.13 -8.94
C VAL F 148 -71.04 34.40 -10.18
N VAL F 149 -70.00 34.97 -10.79
CA VAL F 149 -69.28 34.33 -11.89
C VAL F 149 -67.81 34.70 -11.74
N SER F 150 -66.94 33.69 -11.76
CA SER F 150 -65.52 33.88 -11.49
C SER F 150 -64.69 33.46 -12.69
N THR F 151 -63.68 34.26 -13.01
CA THR F 151 -62.71 33.89 -14.02
C THR F 151 -61.86 32.73 -13.51
N PRO F 152 -61.25 31.97 -14.42
CA PRO F 152 -60.29 30.95 -13.98
C PRO F 152 -59.08 31.60 -13.32
N LEU F 153 -58.27 30.76 -12.69
CA LEU F 153 -57.04 31.26 -12.07
C LEU F 153 -56.09 31.74 -13.16
N ILE F 154 -55.70 33.01 -13.08
CA ILE F 154 -54.88 33.65 -14.10
C ILE F 154 -53.44 33.66 -13.63
N ARG F 155 -52.54 33.15 -14.48
CA ARG F 155 -51.11 33.17 -14.20
C ARG F 155 -50.50 34.42 -14.83
N ASN F 156 -49.93 35.28 -14.00
CA ASN F 156 -49.33 36.52 -14.49
C ASN F 156 -47.97 36.30 -15.13
N GLY F 157 -47.32 35.17 -14.88
CA GLY F 157 -46.01 34.89 -15.42
C GLY F 157 -44.87 35.43 -14.60
N ASP F 158 -45.14 36.28 -13.60
CA ASP F 158 -44.12 36.86 -12.73
C ASP F 158 -44.17 36.25 -11.34
N TRP F 159 -44.50 34.95 -11.25
CA TRP F 159 -44.60 34.23 -9.98
C TRP F 159 -45.71 34.77 -9.10
N THR F 160 -46.73 35.39 -9.69
CA THR F 160 -47.92 35.81 -8.97
C THR F 160 -49.15 35.42 -9.78
N PHE F 161 -50.27 35.26 -9.08
CA PHE F 161 -51.54 34.94 -9.71
C PHE F 161 -52.56 36.04 -9.41
N GLN F 162 -53.68 35.99 -10.14
CA GLN F 162 -54.79 36.89 -9.88
C GLN F 162 -56.08 36.18 -10.30
N ILE F 163 -57.18 36.64 -9.71
CA ILE F 163 -58.49 36.07 -10.00
C ILE F 163 -59.54 37.16 -9.79
N LEU F 164 -60.50 37.23 -10.71
CA LEU F 164 -61.54 38.24 -10.69
C LEU F 164 -62.89 37.55 -10.53
N VAL F 165 -63.66 37.98 -9.52
CA VAL F 165 -64.97 37.43 -9.24
C VAL F 165 -65.98 38.56 -9.37
N MET F 166 -66.80 38.51 -10.43
CA MET F 166 -67.85 39.49 -10.63
C MET F 166 -69.13 39.05 -9.92
N LEU F 167 -69.95 40.05 -9.56
CA LEU F 167 -71.18 39.81 -8.82
C LEU F 167 -72.30 40.65 -9.42
N GLU F 168 -73.34 39.99 -9.92
CA GLU F 168 -74.53 40.68 -10.43
C GLU F 168 -75.42 41.06 -9.24
N MET F 169 -75.50 42.35 -8.94
CA MET F 169 -76.17 42.84 -7.74
C MET F 169 -77.17 43.93 -8.10
N THR F 170 -78.01 44.27 -7.13
CA THR F 170 -78.96 45.38 -7.23
C THR F 170 -78.94 46.12 -5.88
N PRO F 171 -78.22 47.23 -5.79
CA PRO F 171 -77.98 47.85 -4.48
C PRO F 171 -79.16 48.65 -3.95
N GLN F 172 -79.23 48.75 -2.62
CA GLN F 172 -80.18 49.60 -1.92
C GLN F 172 -79.46 50.24 -0.74
N ARG F 173 -80.12 51.23 -0.13
CA ARG F 173 -79.52 51.92 1.01
C ARG F 173 -79.52 51.03 2.25
N GLY F 174 -78.33 50.72 2.76
CA GLY F 174 -78.15 49.90 3.93
C GLY F 174 -77.53 48.54 3.66
N ASP F 175 -77.26 48.20 2.41
CA ASP F 175 -76.66 46.91 2.07
C ASP F 175 -75.14 46.98 2.21
N VAL F 176 -74.56 45.89 2.72
CA VAL F 176 -73.11 45.80 2.90
C VAL F 176 -72.64 44.54 2.18
N TYR F 177 -71.95 44.73 1.05
CA TYR F 177 -71.37 43.63 0.29
C TYR F 177 -69.93 43.43 0.73
N THR F 178 -69.56 42.18 1.00
CA THR F 178 -68.25 41.83 1.51
C THR F 178 -67.64 40.73 0.67
N CYS F 179 -66.36 40.89 0.31
CA CYS F 179 -65.61 39.88 -0.42
C CYS F 179 -64.70 39.14 0.56
N HIS F 180 -64.70 37.81 0.49
CA HIS F 180 -64.02 36.96 1.46
C HIS F 180 -62.97 36.13 0.73
N VAL F 181 -61.70 36.30 1.13
CA VAL F 181 -60.57 35.66 0.47
C VAL F 181 -59.78 34.85 1.49
N GLU F 182 -59.40 33.63 1.10
CA GLU F 182 -58.57 32.75 1.92
C GLU F 182 -57.35 32.33 1.13
N HIS F 183 -56.18 32.34 1.79
CA HIS F 183 -54.93 32.08 1.12
C HIS F 183 -53.92 31.55 2.14
N PRO F 184 -53.07 30.59 1.76
CA PRO F 184 -52.13 30.02 2.74
C PRO F 184 -51.16 31.02 3.33
N SER F 185 -50.95 32.17 2.69
CA SER F 185 -50.12 33.21 3.28
C SER F 185 -50.81 33.93 4.43
N LEU F 186 -52.12 33.73 4.60
CA LEU F 186 -52.90 34.49 5.57
C LEU F 186 -53.15 33.64 6.82
N GLN F 187 -52.98 34.26 7.99
CA GLN F 187 -53.40 33.66 9.24
C GLN F 187 -54.91 33.73 9.41
N SER F 188 -55.55 34.71 8.79
CA SER F 188 -56.99 34.92 8.87
C SER F 188 -57.46 35.52 7.56
N PRO F 189 -58.67 35.19 7.11
CA PRO F 189 -59.14 35.68 5.81
C PRO F 189 -59.22 37.20 5.77
N ILE F 190 -59.14 37.73 4.54
CA ILE F 190 -59.27 39.15 4.27
C ILE F 190 -60.71 39.46 3.90
N THR F 191 -61.21 40.61 4.36
CA THR F 191 -62.56 41.07 4.04
C THR F 191 -62.51 42.50 3.55
N VAL F 192 -63.15 42.78 2.42
CA VAL F 192 -63.28 44.12 1.87
C VAL F 192 -64.75 44.40 1.59
N GLU F 193 -65.20 45.59 1.97
CA GLU F 193 -66.61 45.97 1.90
C GLU F 193 -66.86 46.99 0.80
N TRP F 194 -68.14 47.13 0.45
CA TRP F 194 -68.59 48.14 -0.52
C TRP F 194 -69.98 48.60 -0.11
N ARG F 195 -70.18 49.92 -0.08
CA ARG F 195 -71.48 50.49 0.28
C ARG F 195 -71.89 51.51 -0.77
N ALA F 196 -73.20 51.66 -0.93
CA ALA F 196 -73.75 52.59 -1.91
C ALA F 196 -74.16 53.91 -1.25
N ILE G 3 8.12 -46.18 21.83
CA ILE G 3 9.04 -47.17 22.36
C ILE G 3 9.36 -48.21 21.29
N VAL G 4 8.49 -48.29 20.27
CA VAL G 4 8.66 -49.23 19.17
C VAL G 4 8.62 -48.43 17.86
N ALA G 5 9.63 -48.63 17.02
CA ALA G 5 9.74 -47.91 15.76
C ALA G 5 10.72 -48.65 14.87
N ASP G 6 10.82 -48.19 13.62
CA ASP G 6 11.81 -48.73 12.71
C ASP G 6 13.18 -48.12 12.96
N HIS G 7 13.23 -46.82 13.24
CA HIS G 7 14.46 -46.13 13.57
C HIS G 7 14.19 -45.15 14.70
N VAL G 8 15.14 -45.02 15.60
CA VAL G 8 15.07 -44.06 16.70
C VAL G 8 16.29 -43.16 16.62
N ALA G 9 16.07 -41.86 16.75
CA ALA G 9 17.14 -40.88 16.64
C ALA G 9 17.07 -39.92 17.81
N SER G 10 18.23 -39.51 18.29
CA SER G 10 18.33 -38.48 19.33
C SER G 10 18.94 -37.25 18.65
N TYR G 11 18.08 -36.33 18.22
CA TYR G 11 18.54 -35.10 17.58
C TYR G 11 18.77 -34.06 18.68
N GLY G 12 19.85 -34.31 19.42
CA GLY G 12 20.16 -33.60 20.64
C GLY G 12 20.19 -34.53 21.83
N VAL G 13 21.39 -35.01 22.17
CA VAL G 13 21.65 -35.61 23.47
C VAL G 13 22.39 -34.55 24.26
N ASN G 14 21.70 -33.93 25.21
CA ASN G 14 22.21 -32.80 25.96
C ASN G 14 22.56 -33.27 27.36
N LEU G 15 23.82 -33.05 27.76
CA LEU G 15 24.30 -33.46 29.06
C LEU G 15 24.96 -32.27 29.75
N TYR G 16 24.62 -32.06 31.02
CA TYR G 16 25.33 -31.09 31.84
C TYR G 16 25.34 -31.62 33.27
N GLN G 17 26.49 -31.52 33.92
CA GLN G 17 26.64 -32.01 35.27
C GLN G 17 27.49 -31.04 36.08
N SER G 18 27.20 -30.98 37.39
CA SER G 18 27.84 -30.01 38.25
C SER G 18 29.29 -30.33 38.56
N TYR G 19 29.74 -31.57 38.31
CA TYR G 19 31.04 -32.03 38.80
C TYR G 19 32.17 -31.18 38.24
N GLY G 20 32.31 -31.11 36.92
CA GLY G 20 33.39 -30.39 36.28
C GLY G 20 33.46 -28.92 36.67
N PRO G 21 32.43 -28.13 36.31
CA PRO G 21 31.24 -28.53 35.55
C PRO G 21 31.59 -28.85 34.10
N SER G 22 30.95 -29.87 33.56
CA SER G 22 31.23 -30.32 32.20
C SER G 22 29.92 -30.61 31.50
N GLY G 23 29.96 -30.52 30.17
CA GLY G 23 28.79 -30.80 29.37
C GLY G 23 29.17 -31.59 28.13
N GLN G 24 28.14 -32.16 27.49
CA GLN G 24 28.32 -32.92 26.27
C GLN G 24 27.11 -32.72 25.38
N TYR G 25 27.35 -32.59 24.08
CA TYR G 25 26.28 -32.48 23.09
C TYR G 25 26.59 -33.41 21.93
N THR G 26 25.64 -34.31 21.62
CA THR G 26 25.79 -35.29 20.56
C THR G 26 24.46 -35.50 19.86
N HIS G 27 24.53 -36.04 18.65
CA HIS G 27 23.38 -36.56 17.93
C HIS G 27 23.59 -38.05 17.69
N GLU G 28 22.53 -38.82 17.88
CA GLU G 28 22.59 -40.27 17.73
C GLU G 28 21.52 -40.73 16.76
N PHE G 29 21.83 -41.77 15.98
CA PHE G 29 20.88 -42.38 15.06
C PHE G 29 21.07 -43.89 15.12
N ASP G 30 20.00 -44.61 15.49
CA ASP G 30 20.02 -46.06 15.60
C ASP G 30 21.13 -46.56 16.52
N GLY G 31 21.44 -45.78 17.55
CA GLY G 31 22.38 -46.20 18.57
C GLY G 31 23.83 -45.82 18.31
N ASP G 32 24.11 -45.02 17.28
CA ASP G 32 25.47 -44.67 16.92
C ASP G 32 25.62 -43.15 16.91
N GLU G 33 26.83 -42.68 17.23
CA GLU G 33 27.12 -41.26 17.34
C GLU G 33 27.29 -40.67 15.96
N GLN G 34 26.37 -39.78 15.56
CA GLN G 34 26.52 -39.07 14.31
C GLN G 34 27.62 -38.02 14.40
N PHE G 35 27.56 -37.17 15.43
CA PHE G 35 28.60 -36.17 15.65
C PHE G 35 28.53 -35.72 17.11
N TYR G 36 29.60 -35.05 17.54
CA TYR G 36 29.61 -34.33 18.80
C TYR G 36 30.10 -32.91 18.53
N VAL G 37 29.87 -32.03 19.50
CA VAL G 37 30.32 -30.65 19.43
C VAL G 37 31.37 -30.44 20.51
N ASP G 38 32.56 -30.01 20.11
CA ASP G 38 33.60 -29.63 21.07
C ASP G 38 33.22 -28.27 21.63
N LEU G 39 32.64 -28.27 22.82
CA LEU G 39 32.11 -27.03 23.39
C LEU G 39 33.23 -26.02 23.67
N GLY G 40 34.43 -26.51 23.93
CA GLY G 40 35.58 -25.65 24.14
C GLY G 40 36.11 -25.06 22.85
N ARG G 41 36.24 -25.90 21.82
CA ARG G 41 36.73 -25.47 20.51
C ARG G 41 35.63 -24.85 19.64
N LYS G 42 34.36 -25.05 20.01
CA LYS G 42 33.22 -24.49 19.27
C LYS G 42 33.20 -24.96 17.82
N GLU G 43 33.46 -26.26 17.61
CA GLU G 43 33.38 -26.83 16.28
C GLU G 43 32.65 -28.17 16.34
N THR G 44 31.99 -28.50 15.23
CA THR G 44 31.30 -29.77 15.09
C THR G 44 32.24 -30.83 14.53
N VAL G 45 32.34 -31.96 15.23
CA VAL G 45 33.23 -33.06 14.82
C VAL G 45 32.35 -34.22 14.43
N TRP G 46 32.35 -34.56 13.14
CA TRP G 46 31.52 -35.64 12.64
C TRP G 46 32.21 -36.98 12.81
N SER G 47 31.45 -37.99 13.24
CA SER G 47 31.98 -39.32 13.46
C SER G 47 31.83 -40.25 12.26
N LEU G 48 31.06 -39.85 11.26
CA LEU G 48 30.88 -40.65 10.06
C LEU G 48 31.32 -39.85 8.85
N PRO G 49 32.24 -40.38 8.03
CA PRO G 49 32.79 -39.57 6.92
C PRO G 49 31.73 -39.03 5.97
N VAL G 50 30.68 -39.81 5.68
CA VAL G 50 29.66 -39.38 4.74
C VAL G 50 28.90 -38.15 5.25
N LEU G 51 28.89 -37.92 6.55
CA LEU G 51 28.12 -36.84 7.15
C LEU G 51 28.85 -35.50 7.13
N ARG G 52 30.12 -35.46 6.71
CA ARG G 52 30.87 -34.20 6.70
C ARG G 52 30.29 -33.19 5.72
N GLN G 53 29.45 -33.63 4.78
CA GLN G 53 28.81 -32.74 3.82
C GLN G 53 27.80 -31.80 4.46
N PHE G 54 27.45 -32.01 5.72
CA PHE G 54 26.41 -31.23 6.37
C PHE G 54 27.04 -30.15 7.27
N ARG G 55 26.17 -29.30 7.80
CA ARG G 55 26.58 -28.22 8.69
C ARG G 55 25.72 -28.25 9.95
N PHE G 56 26.33 -27.93 11.09
CA PHE G 56 25.60 -27.77 12.33
C PHE G 56 26.26 -26.65 13.14
N ASP G 57 25.50 -25.60 13.42
CA ASP G 57 26.02 -24.46 14.15
C ASP G 57 26.30 -24.84 15.59
N PRO G 58 27.56 -24.80 16.05
CA PRO G 58 27.84 -25.18 17.44
C PRO G 58 27.14 -24.31 18.46
N GLN G 59 26.69 -23.11 18.09
CA GLN G 59 25.99 -22.25 19.03
C GLN G 59 24.66 -22.85 19.46
N PHE G 60 24.06 -23.73 18.66
CA PHE G 60 22.90 -24.47 19.13
C PHE G 60 23.27 -25.35 20.32
N ALA G 61 24.41 -26.02 20.26
CA ALA G 61 24.87 -26.81 21.39
C ALA G 61 25.25 -25.92 22.57
N LEU G 62 25.98 -24.83 22.30
CA LEU G 62 26.42 -23.95 23.39
C LEU G 62 25.24 -23.32 24.12
N THR G 63 24.21 -22.89 23.39
CA THR G 63 23.04 -22.32 24.05
C THR G 63 22.20 -23.40 24.72
N ASN G 64 22.15 -24.60 24.13
CA ASN G 64 21.43 -25.71 24.76
C ASN G 64 22.03 -26.05 26.12
N ILE G 65 23.35 -26.13 26.19
CA ILE G 65 24.00 -26.47 27.45
C ILE G 65 23.79 -25.37 28.48
N ALA G 66 23.76 -24.11 28.04
CA ALA G 66 23.52 -23.00 28.96
C ALA G 66 22.12 -23.06 29.55
N VAL G 67 21.13 -23.56 28.79
CA VAL G 67 19.79 -23.73 29.34
C VAL G 67 19.77 -24.88 30.34
N LEU G 68 20.51 -25.95 30.04
CA LEU G 68 20.59 -27.07 30.98
C LEU G 68 21.24 -26.63 32.30
N LYS G 69 22.32 -25.85 32.22
CA LYS G 69 22.92 -25.28 33.42
C LYS G 69 21.88 -24.53 34.25
N HIS G 70 20.99 -23.80 33.57
CA HIS G 70 19.91 -23.12 34.27
C HIS G 70 18.93 -24.11 34.90
N ASN G 71 18.42 -25.06 34.10
CA ASN G 71 17.45 -26.02 34.63
C ASN G 71 18.05 -26.92 35.70
N LEU G 72 19.35 -27.21 35.62
CA LEU G 72 19.98 -28.03 36.65
C LEU G 72 19.96 -27.33 38.00
N ASN G 73 20.38 -26.06 38.04
CA ASN G 73 20.33 -25.31 39.29
C ASN G 73 18.91 -25.22 39.84
N SER G 74 17.92 -25.20 38.96
CA SER G 74 16.53 -25.20 39.42
C SER G 74 16.16 -26.52 40.08
N LEU G 75 16.57 -27.64 39.46
CA LEU G 75 16.20 -28.95 40.01
C LEU G 75 17.01 -29.30 41.26
N ILE G 76 18.27 -28.86 41.33
CA ILE G 76 19.04 -29.02 42.56
C ILE G 76 18.31 -28.37 43.73
N LYS G 77 17.85 -27.14 43.54
CA LYS G 77 17.13 -26.43 44.59
C LYS G 77 15.80 -27.12 44.92
N ARG G 78 15.03 -27.48 43.88
CA ARG G 78 13.71 -28.05 44.09
C ARG G 78 13.78 -29.40 44.78
N SER G 79 14.81 -30.18 44.52
CA SER G 79 14.93 -31.53 45.07
C SER G 79 15.71 -31.57 46.38
N ASN G 80 15.97 -30.42 46.99
CA ASN G 80 16.76 -30.33 48.22
C ASN G 80 18.11 -31.03 48.06
N SER G 81 18.79 -30.72 46.95
CA SER G 81 20.15 -31.19 46.70
C SER G 81 20.24 -32.72 46.70
N THR G 82 19.35 -33.36 45.94
CA THR G 82 19.41 -34.80 45.76
C THR G 82 20.49 -35.12 44.73
N ALA G 83 21.55 -35.80 45.17
CA ALA G 83 22.70 -36.06 44.33
C ALA G 83 22.52 -37.34 43.51
N ALA G 84 23.42 -37.54 42.56
CA ALA G 84 23.37 -38.71 41.70
C ALA G 84 23.86 -39.94 42.43
N THR G 85 23.28 -41.09 42.06
CA THR G 85 23.69 -42.38 42.60
C THR G 85 24.77 -43.00 41.71
N ASN G 86 25.88 -43.41 42.32
CA ASN G 86 26.95 -44.07 41.58
C ASN G 86 26.53 -45.49 41.21
N GLU G 87 26.54 -45.79 39.92
CA GLU G 87 26.25 -47.14 39.43
C GLU G 87 27.53 -47.90 39.19
N VAL G 88 27.46 -49.21 39.34
CA VAL G 88 28.60 -50.07 39.08
C VAL G 88 28.69 -50.31 37.57
N PRO G 89 29.72 -49.80 36.90
CA PRO G 89 29.84 -50.01 35.46
C PRO G 89 30.19 -51.45 35.15
N GLU G 90 29.85 -51.86 33.93
CA GLU G 90 30.16 -53.20 33.44
C GLU G 90 31.12 -53.06 32.27
N VAL G 91 32.23 -53.79 32.34
CA VAL G 91 33.31 -53.68 31.37
C VAL G 91 33.47 -55.02 30.68
N THR G 92 33.50 -55.01 29.35
CA THR G 92 33.80 -56.18 28.55
C THR G 92 34.75 -55.79 27.44
N VAL G 93 35.72 -56.64 27.16
CA VAL G 93 36.72 -56.38 26.14
C VAL G 93 36.64 -57.48 25.08
N PHE G 94 36.69 -57.06 23.82
CA PHE G 94 36.62 -58.01 22.70
C PHE G 94 37.26 -57.36 21.48
N SER G 95 37.53 -58.18 20.48
CA SER G 95 38.20 -57.76 19.26
C SER G 95 37.18 -57.44 18.17
N LYS G 96 37.51 -56.44 17.35
CA LYS G 96 36.61 -56.02 16.28
C LYS G 96 36.46 -57.12 15.23
N SER G 97 37.54 -57.84 14.95
CA SER G 97 37.56 -58.93 13.99
C SER G 97 38.22 -60.14 14.63
N PRO G 98 38.09 -61.32 14.01
CA PRO G 98 38.76 -62.50 14.58
C PRO G 98 40.26 -62.32 14.71
N VAL G 99 40.82 -62.97 15.74
CA VAL G 99 42.23 -62.83 16.07
C VAL G 99 43.07 -63.69 15.15
N THR G 100 44.01 -63.08 14.44
CA THR G 100 45.03 -63.78 13.68
C THR G 100 46.35 -63.09 13.96
N LEU G 101 47.35 -63.87 14.39
CA LEU G 101 48.58 -63.29 14.95
C LEU G 101 49.25 -62.32 13.99
N GLY G 102 49.11 -62.53 12.69
CA GLY G 102 49.67 -61.58 11.74
C GLY G 102 48.83 -60.35 11.52
N GLN G 103 47.51 -60.54 11.41
CA GLN G 103 46.61 -59.52 10.88
C GLN G 103 46.39 -58.40 11.90
N PRO G 104 46.32 -57.16 11.45
CA PRO G 104 45.92 -56.08 12.35
C PRO G 104 44.50 -56.26 12.86
N ASN G 105 44.24 -55.70 14.03
CA ASN G 105 42.93 -55.82 14.66
C ASN G 105 42.68 -54.56 15.48
N ILE G 106 41.55 -54.55 16.19
CA ILE G 106 41.18 -53.44 17.06
C ILE G 106 40.56 -54.03 18.33
N LEU G 107 41.11 -53.67 19.48
CA LEU G 107 40.56 -54.08 20.76
C LEU G 107 39.46 -53.11 21.18
N ILE G 108 38.29 -53.66 21.50
CA ILE G 108 37.13 -52.86 21.88
C ILE G 108 36.90 -53.07 23.38
N CYS G 109 36.87 -51.98 24.13
CA CYS G 109 36.56 -52.01 25.56
C CYS G 109 35.22 -51.30 25.75
N LEU G 110 34.18 -52.08 26.03
CA LEU G 110 32.85 -51.54 26.25
C LEU G 110 32.63 -51.31 27.73
N VAL G 111 32.37 -50.07 28.11
CA VAL G 111 32.10 -49.68 29.49
C VAL G 111 30.63 -49.30 29.55
N ASP G 112 29.81 -50.20 30.09
CA ASP G 112 28.37 -50.05 30.09
C ASP G 112 27.86 -49.69 31.47
N ASN G 113 26.64 -49.16 31.53
CA ASN G 113 25.96 -48.79 32.77
C ASN G 113 26.78 -47.74 33.55
N ILE G 114 27.16 -46.69 32.85
CA ILE G 114 27.93 -45.60 33.44
C ILE G 114 26.96 -44.56 33.99
N PHE G 115 27.08 -44.26 35.29
CA PHE G 115 26.41 -43.12 35.88
C PHE G 115 27.03 -42.80 37.24
N PRO G 116 27.41 -41.55 37.50
CA PRO G 116 27.31 -40.43 36.55
C PRO G 116 28.34 -40.53 35.42
N PRO G 117 28.12 -39.81 34.32
CA PRO G 117 29.04 -39.91 33.17
C PRO G 117 30.41 -39.30 33.44
N VAL G 118 31.16 -39.94 34.32
CA VAL G 118 32.54 -39.54 34.65
C VAL G 118 33.34 -40.83 34.80
N VAL G 119 34.28 -41.07 33.89
CA VAL G 119 35.01 -42.33 33.87
C VAL G 119 36.38 -42.11 33.27
N ASN G 120 37.34 -42.95 33.67
CA ASN G 120 38.68 -43.01 33.11
C ASN G 120 38.88 -44.37 32.46
N ILE G 121 39.28 -44.38 31.19
CA ILE G 121 39.53 -45.62 30.46
C ILE G 121 40.95 -45.57 29.91
N THR G 122 41.81 -46.46 30.42
CA THR G 122 43.20 -46.53 30.00
C THR G 122 43.58 -47.96 29.65
N TRP G 123 44.54 -48.10 28.75
CA TRP G 123 45.03 -49.39 28.27
C TRP G 123 46.38 -49.73 28.88
N LEU G 124 46.54 -50.98 29.30
CA LEU G 124 47.80 -51.45 29.87
C LEU G 124 48.26 -52.68 29.10
N SER G 125 49.54 -52.68 28.69
CA SER G 125 50.16 -53.85 28.09
C SER G 125 51.53 -54.09 28.70
N ASN G 126 51.71 -55.26 29.32
CA ASN G 126 53.01 -55.70 29.85
C ASN G 126 53.63 -54.67 30.80
N GLY G 127 52.82 -54.08 31.66
CA GLY G 127 53.34 -53.26 32.74
C GLY G 127 53.55 -51.80 32.44
N HIS G 128 53.03 -51.30 31.31
CA HIS G 128 53.10 -49.89 31.02
C HIS G 128 51.83 -49.47 30.28
N SER G 129 51.44 -48.22 30.47
CA SER G 129 50.25 -47.70 29.81
C SER G 129 50.51 -47.55 28.32
N VAL G 130 49.46 -47.77 27.52
CA VAL G 130 49.55 -47.64 26.07
C VAL G 130 48.83 -46.36 25.66
N THR G 131 49.51 -45.55 24.85
CA THR G 131 49.00 -44.26 24.38
C THR G 131 48.77 -44.23 22.88
N GLU G 132 49.69 -44.81 22.10
CA GLU G 132 49.55 -44.81 20.65
C GLU G 132 48.38 -45.66 20.21
N GLY G 133 47.52 -45.10 19.36
CA GLY G 133 46.48 -45.86 18.72
C GLY G 133 45.25 -46.17 19.55
N VAL G 134 44.95 -45.35 20.56
CA VAL G 134 43.73 -45.51 21.35
C VAL G 134 42.81 -44.34 21.05
N SER G 135 41.52 -44.63 20.91
CA SER G 135 40.51 -43.62 20.66
C SER G 135 39.28 -43.94 21.49
N GLU G 136 38.37 -42.97 21.57
CA GLU G 136 37.20 -43.07 22.43
C GLU G 136 35.98 -42.51 21.73
N THR G 137 34.82 -43.07 22.04
CA THR G 137 33.55 -42.46 21.67
C THR G 137 33.10 -41.52 22.78
N SER G 138 32.12 -40.67 22.45
CA SER G 138 31.50 -39.86 23.47
C SER G 138 30.56 -40.72 24.33
N PHE G 139 30.07 -40.14 25.41
CA PHE G 139 29.08 -40.83 26.24
C PHE G 139 27.81 -41.06 25.44
N LEU G 140 27.49 -42.32 25.19
CA LEU G 140 26.33 -42.68 24.37
C LEU G 140 25.14 -42.96 25.27
N SER G 141 23.98 -42.42 24.89
CA SER G 141 22.80 -42.46 25.74
C SER G 141 22.17 -43.85 25.76
N LYS G 142 21.45 -44.12 26.84
CA LYS G 142 20.71 -45.36 27.02
C LYS G 142 19.28 -45.04 27.41
N SER G 143 18.39 -46.01 27.19
CA SER G 143 16.97 -45.82 27.49
C SER G 143 16.76 -45.50 28.97
N ASP G 144 17.51 -46.17 29.85
CA ASP G 144 17.39 -45.95 31.29
C ASP G 144 18.13 -44.72 31.78
N HIS G 145 18.57 -43.86 30.85
CA HIS G 145 19.22 -42.58 31.13
C HIS G 145 20.57 -42.73 31.81
N SER G 146 21.15 -43.92 31.81
CA SER G 146 22.57 -44.09 32.04
C SER G 146 23.29 -43.99 30.68
N PHE G 147 24.61 -44.15 30.70
CA PHE G 147 25.40 -44.08 29.47
C PHE G 147 26.26 -45.32 29.34
N PHE G 148 26.82 -45.48 28.14
CA PHE G 148 27.93 -46.41 27.92
C PHE G 148 28.95 -45.70 27.05
N LYS G 149 30.19 -46.18 27.13
CA LYS G 149 31.30 -45.58 26.41
C LYS G 149 32.22 -46.68 25.93
N ILE G 150 32.78 -46.50 24.74
CA ILE G 150 33.61 -47.52 24.09
C ILE G 150 34.98 -46.93 23.79
N SER G 151 36.03 -47.68 24.13
CA SER G 151 37.40 -47.28 23.85
C SER G 151 38.04 -48.30 22.93
N TYR G 152 38.81 -47.81 21.96
CA TYR G 152 39.44 -48.65 20.96
C TYR G 152 40.96 -48.60 21.12
N LEU G 153 41.61 -49.72 20.81
CA LEU G 153 43.07 -49.77 20.78
C LEU G 153 43.47 -50.60 19.57
N THR G 154 44.06 -49.94 18.57
CA THR G 154 44.58 -50.66 17.42
C THR G 154 45.85 -51.39 17.82
N LEU G 155 45.91 -52.69 17.49
CA LEU G 155 47.01 -53.52 17.93
C LEU G 155 47.35 -54.52 16.83
N LEU G 156 48.53 -55.11 16.97
CA LEU G 156 49.00 -56.20 16.10
C LEU G 156 49.20 -57.41 16.98
N PRO G 157 48.24 -58.35 17.01
CA PRO G 157 48.28 -59.41 18.02
C PRO G 157 49.58 -60.21 17.99
N SER G 158 50.14 -60.43 19.18
CA SER G 158 51.35 -61.23 19.33
C SER G 158 51.12 -62.25 20.44
N ALA G 159 51.81 -63.39 20.32
CA ALA G 159 51.56 -64.50 21.24
C ALA G 159 51.91 -64.15 22.67
N GLU G 160 52.86 -63.22 22.87
CA GLU G 160 53.34 -62.86 24.18
C GLU G 160 52.83 -61.51 24.67
N GLU G 161 51.99 -60.83 23.90
CA GLU G 161 51.47 -59.52 24.27
C GLU G 161 50.02 -59.64 24.73
N SER G 162 49.80 -59.42 26.02
CA SER G 162 48.47 -59.38 26.61
C SER G 162 48.11 -57.95 26.98
N TYR G 163 46.81 -57.67 27.04
CA TYR G 163 46.32 -56.32 27.28
C TYR G 163 45.30 -56.29 28.41
N ASP G 164 45.16 -55.11 29.02
CA ASP G 164 44.20 -54.86 30.08
C ASP G 164 43.49 -53.54 29.78
N CYS G 165 42.20 -53.48 30.09
CA CYS G 165 41.42 -52.25 30.01
C CYS G 165 41.17 -51.78 31.43
N LYS G 166 41.74 -50.63 31.79
CA LYS G 166 41.64 -50.08 33.14
C LYS G 166 40.51 -49.05 33.18
N VAL G 167 39.57 -49.25 34.09
CA VAL G 167 38.38 -48.40 34.20
C VAL G 167 38.31 -47.85 35.62
N GLU G 168 38.21 -46.52 35.71
CA GLU G 168 38.10 -45.82 36.99
C GLU G 168 36.74 -45.13 37.07
N HIS G 169 35.97 -45.46 38.09
CA HIS G 169 34.64 -44.90 38.28
C HIS G 169 34.32 -44.87 39.77
N TRP G 170 33.52 -43.90 40.18
CA TRP G 170 33.18 -43.77 41.59
C TRP G 170 32.33 -44.92 42.11
N GLY G 171 31.61 -45.60 41.23
CA GLY G 171 30.89 -46.80 41.61
C GLY G 171 31.78 -48.00 41.89
N LEU G 172 33.05 -47.92 41.53
CA LEU G 172 34.02 -48.99 41.76
C LEU G 172 34.88 -48.63 42.97
N ASP G 173 35.06 -49.60 43.87
CA ASP G 173 35.91 -49.37 45.04
C ASP G 173 37.39 -49.46 44.71
N LYS G 174 37.73 -50.12 43.61
CA LYS G 174 39.09 -50.14 43.08
C LYS G 174 38.99 -50.17 41.56
N PRO G 175 39.99 -49.65 40.84
CA PRO G 175 39.95 -49.67 39.38
C PRO G 175 39.75 -51.08 38.84
N LEU G 176 38.82 -51.21 37.90
CA LEU G 176 38.50 -52.49 37.28
C LEU G 176 39.39 -52.73 36.07
N LEU G 177 40.06 -53.88 36.05
CA LEU G 177 40.90 -54.30 34.93
C LEU G 177 40.25 -55.50 34.26
N LYS G 178 40.01 -55.40 32.96
CA LYS G 178 39.50 -56.50 32.15
C LYS G 178 40.62 -56.97 31.23
N HIS G 179 41.01 -58.23 31.38
CA HIS G 179 42.13 -58.78 30.65
C HIS G 179 41.70 -59.30 29.28
N TRP G 180 42.62 -59.24 28.33
CA TRP G 180 42.40 -59.79 26.99
C TRP G 180 43.67 -60.51 26.56
N GLU G 181 43.53 -61.77 26.19
CA GLU G 181 44.67 -62.57 25.78
C GLU G 181 44.54 -62.97 24.32
N PRO G 182 45.62 -62.95 23.56
CA PRO G 182 45.52 -63.30 22.13
C PRO G 182 45.09 -64.74 21.89
N GLU G 183 45.28 -65.63 22.86
CA GLU G 183 44.82 -67.02 22.77
C GLU G 183 45.39 -67.74 21.55
N SER H 9 34.84 -39.77 47.27
CA SER H 9 33.76 -39.87 46.28
C SER H 9 33.02 -38.53 46.14
N PRO H 10 33.30 -37.80 45.07
CA PRO H 10 32.69 -36.48 44.90
C PRO H 10 31.20 -36.55 44.66
N GLU H 11 30.53 -35.44 44.96
CA GLU H 11 29.10 -35.27 44.73
C GLU H 11 28.86 -34.76 43.33
N ASP H 12 27.74 -35.15 42.74
CA ASP H 12 27.46 -34.76 41.36
C ASP H 12 25.95 -34.66 41.14
N PHE H 13 25.56 -33.60 40.43
CA PHE H 13 24.17 -33.39 40.02
C PHE H 13 24.15 -33.32 38.49
N VAL H 14 23.33 -34.16 37.88
CA VAL H 14 23.35 -34.37 36.43
C VAL H 14 21.99 -33.99 35.85
N TYR H 15 22.00 -33.37 34.68
CA TYR H 15 20.78 -33.02 33.95
C TYR H 15 20.95 -33.44 32.50
N GLN H 16 19.89 -34.03 31.95
CA GLN H 16 19.89 -34.53 30.57
C GLN H 16 18.67 -34.01 29.83
N PHE H 17 18.85 -33.70 28.54
CA PHE H 17 17.74 -33.38 27.65
C PHE H 17 17.91 -34.16 26.36
N LYS H 18 16.90 -34.95 26.01
CA LYS H 18 16.94 -35.83 24.85
C LYS H 18 15.79 -35.45 23.92
N GLY H 19 16.11 -34.94 22.73
CA GLY H 19 15.11 -34.70 21.72
C GLY H 19 15.03 -35.85 20.74
N MET H 20 14.13 -36.79 21.01
CA MET H 20 14.13 -38.09 20.33
C MET H 20 13.01 -38.15 19.30
N CYS H 21 13.35 -38.64 18.11
CA CYS H 21 12.40 -38.85 17.02
C CYS H 21 12.26 -40.33 16.74
N TYR H 22 11.02 -40.78 16.53
CA TYR H 22 10.71 -42.18 16.31
C TYR H 22 10.07 -42.34 14.94
N PHE H 23 10.73 -43.10 14.06
CA PHE H 23 10.31 -43.26 12.68
C PHE H 23 9.82 -44.68 12.44
N THR H 24 8.72 -44.81 11.71
CA THR H 24 8.13 -46.11 11.41
C THR H 24 7.48 -46.07 10.04
N ASN H 25 7.71 -47.13 9.26
CA ASN H 25 7.11 -47.27 7.93
C ASN H 25 7.42 -46.06 7.05
N GLY H 26 8.70 -45.70 7.01
CA GLY H 26 9.11 -44.51 6.29
C GLY H 26 8.64 -43.26 7.03
N THR H 27 8.03 -42.34 6.29
CA THR H 27 7.48 -41.11 6.87
C THR H 27 6.03 -41.25 7.27
N GLU H 28 5.45 -42.44 7.15
CA GLU H 28 4.05 -42.65 7.53
C GLU H 28 3.82 -42.33 8.99
N ARG H 29 4.74 -42.74 9.86
CA ARG H 29 4.64 -42.51 11.30
C ARG H 29 5.88 -41.77 11.78
N VAL H 30 5.68 -40.59 12.36
CA VAL H 30 6.74 -39.81 12.97
C VAL H 30 6.27 -39.31 14.33
N ARG H 31 7.13 -39.43 15.33
CA ARG H 31 6.78 -39.04 16.69
C ARG H 31 7.98 -38.38 17.35
N LEU H 32 7.76 -37.26 18.03
CA LEU H 32 8.80 -36.53 18.73
C LEU H 32 8.52 -36.58 20.23
N VAL H 33 9.48 -37.06 21.00
CA VAL H 33 9.38 -37.10 22.46
C VAL H 33 10.65 -36.46 23.01
N SER H 34 10.51 -35.26 23.56
CA SER H 34 11.61 -34.54 24.18
C SER H 34 11.57 -34.77 25.69
N ARG H 35 12.62 -35.39 26.22
CA ARG H 35 12.67 -35.82 27.61
C ARG H 35 13.62 -34.93 28.41
N SER H 36 13.13 -34.39 29.53
CA SER H 36 13.95 -33.65 30.47
C SER H 36 14.23 -34.56 31.67
N ILE H 37 15.51 -34.82 31.93
CA ILE H 37 15.92 -35.82 32.93
C ILE H 37 16.81 -35.14 33.97
N TYR H 38 16.49 -35.36 35.23
CA TYR H 38 17.34 -34.99 36.36
C TYR H 38 17.91 -36.26 36.97
N ASN H 39 19.23 -36.37 36.98
CA ASN H 39 19.95 -37.60 37.36
C ASN H 39 19.49 -38.70 36.40
N ARG H 40 18.84 -39.76 36.87
CA ARG H 40 18.35 -40.82 36.00
C ARG H 40 16.82 -40.86 35.95
N GLU H 41 16.17 -39.73 36.25
CA GLU H 41 14.73 -39.66 36.34
C GLU H 41 14.21 -38.68 35.30
N GLU H 42 13.41 -39.17 34.37
CA GLU H 42 12.70 -38.27 33.45
C GLU H 42 11.59 -37.58 34.23
N ILE H 43 11.63 -36.25 34.26
CA ILE H 43 10.74 -35.48 35.11
C ILE H 43 9.61 -34.82 34.33
N VAL H 44 9.84 -34.48 33.06
CA VAL H 44 8.82 -33.84 32.24
C VAL H 44 9.19 -34.08 30.78
N ARG H 45 8.17 -34.27 29.94
CA ARG H 45 8.39 -34.56 28.53
C ARG H 45 7.35 -33.87 27.67
N PHE H 46 7.71 -33.59 26.43
CA PHE H 46 6.78 -33.12 25.41
C PHE H 46 6.65 -34.21 24.35
N ASP H 47 5.51 -34.89 24.35
CA ASP H 47 5.21 -35.92 23.36
C ASP H 47 4.28 -35.33 22.31
N SER H 48 4.73 -35.34 21.06
CA SER H 48 3.95 -34.73 19.98
C SER H 48 2.59 -35.39 19.79
N ASP H 49 2.44 -36.64 20.23
CA ASP H 49 1.14 -37.31 20.11
C ASP H 49 0.10 -36.69 21.04
N VAL H 50 0.53 -36.11 22.16
CA VAL H 50 -0.39 -35.45 23.06
C VAL H 50 -0.42 -33.96 22.75
N GLY H 51 0.69 -33.41 22.27
CA GLY H 51 0.75 -32.04 21.83
C GLY H 51 0.96 -31.01 22.91
N GLU H 52 1.31 -31.41 24.13
CA GLU H 52 1.60 -30.46 25.19
C GLU H 52 2.50 -31.14 26.21
N PHE H 53 3.09 -30.32 27.08
CA PHE H 53 4.01 -30.87 28.08
C PHE H 53 3.26 -31.70 29.10
N ARG H 54 3.91 -32.78 29.54
CA ARG H 54 3.36 -33.68 30.54
C ARG H 54 4.44 -33.99 31.57
N ALA H 55 4.14 -33.76 32.83
CA ALA H 55 5.07 -34.12 33.90
C ALA H 55 5.14 -35.63 34.01
N VAL H 56 6.36 -36.16 33.98
CA VAL H 56 6.55 -37.59 34.21
C VAL H 56 6.73 -37.91 35.69
N THR H 57 7.32 -37.00 36.45
CA THR H 57 7.59 -37.21 37.85
C THR H 57 7.19 -35.97 38.63
N LEU H 58 7.08 -36.12 39.95
CA LEU H 58 6.63 -35.02 40.81
C LEU H 58 7.49 -33.77 40.62
N LEU H 59 8.80 -33.94 40.41
CA LEU H 59 9.69 -32.80 40.27
C LEU H 59 9.42 -32.00 39.01
N GLY H 60 8.94 -32.65 37.95
CA GLY H 60 8.70 -31.95 36.71
C GLY H 60 7.38 -31.23 36.63
N LEU H 61 6.62 -31.22 37.72
CA LEU H 61 5.31 -30.56 37.70
C LEU H 61 5.41 -29.05 37.54
N PRO H 62 6.27 -28.33 38.27
CA PRO H 62 6.36 -26.87 38.04
C PRO H 62 6.81 -26.52 36.64
N ALA H 63 7.69 -27.33 36.04
CA ALA H 63 8.15 -27.03 34.68
C ALA H 63 7.01 -27.17 33.67
N ALA H 64 6.25 -28.26 33.76
CA ALA H 64 5.14 -28.46 32.84
C ALA H 64 4.08 -27.39 33.00
N GLU H 65 3.81 -26.98 34.24
CA GLU H 65 2.85 -25.90 34.49
C GLU H 65 3.27 -24.62 33.78
N TYR H 66 4.54 -24.25 33.90
CA TYR H 66 5.02 -22.99 33.36
C TYR H 66 5.05 -23.01 31.83
N TRP H 67 5.60 -24.07 31.26
CA TRP H 67 5.73 -24.15 29.79
C TRP H 67 4.37 -24.20 29.11
N ASN H 68 3.43 -25.00 29.66
CA ASN H 68 2.12 -25.12 29.05
C ASN H 68 1.32 -23.83 29.09
N SER H 69 1.72 -22.86 29.90
CA SER H 69 1.03 -21.59 29.98
C SER H 69 1.58 -20.57 28.99
N GLN H 70 2.64 -20.90 28.27
CA GLN H 70 3.21 -20.01 27.27
C GLN H 70 2.84 -20.54 25.89
N LYS H 71 1.94 -19.84 25.20
CA LYS H 71 1.54 -20.27 23.86
C LYS H 71 2.71 -20.21 22.89
N ASP H 72 3.64 -19.27 23.06
CA ASP H 72 4.80 -19.17 22.18
C ASP H 72 5.66 -20.42 22.29
N ILE H 73 5.99 -20.83 23.53
CA ILE H 73 6.78 -22.03 23.73
C ILE H 73 6.05 -23.24 23.18
N LEU H 74 4.73 -23.30 23.39
CA LEU H 74 3.94 -24.41 22.87
C LEU H 74 3.93 -24.43 21.35
N GLU H 75 4.02 -23.28 20.69
CA GLU H 75 4.05 -23.24 19.24
C GLU H 75 5.29 -23.95 18.69
N ARG H 76 6.47 -23.56 19.16
CA ARG H 76 7.71 -24.11 18.61
C ARG H 76 7.83 -25.61 18.86
N LYS H 77 7.34 -26.09 19.99
CA LYS H 77 7.43 -27.53 20.28
C LYS H 77 6.58 -28.34 19.33
N ARG H 78 5.36 -27.88 19.05
CA ARG H 78 4.48 -28.59 18.12
C ARG H 78 5.02 -28.58 16.70
N ALA H 79 5.80 -27.57 16.34
CA ALA H 79 6.43 -27.52 15.03
C ALA H 79 7.77 -28.25 14.98
N ALA H 80 8.29 -28.68 16.13
CA ALA H 80 9.61 -29.32 16.15
C ALA H 80 9.57 -30.68 15.48
N VAL H 81 8.40 -31.32 15.43
CA VAL H 81 8.29 -32.59 14.72
C VAL H 81 8.60 -32.38 13.24
N ASP H 82 8.13 -31.27 12.68
CA ASP H 82 8.41 -30.96 11.28
C ASP H 82 9.79 -30.30 11.12
N ARG H 83 10.12 -29.37 12.02
CA ARG H 83 11.38 -28.63 11.90
C ARG H 83 12.58 -29.53 12.11
N VAL H 84 12.49 -30.49 13.03
CA VAL H 84 13.63 -31.31 13.44
C VAL H 84 13.53 -32.72 12.87
N CYS H 85 12.50 -33.47 13.27
CA CYS H 85 12.43 -34.90 12.94
C CYS H 85 12.34 -35.12 11.42
N ARG H 86 11.33 -34.51 10.79
CA ARG H 86 11.11 -34.75 9.36
C ARG H 86 12.24 -34.16 8.51
N HIS H 87 12.74 -32.98 8.89
CA HIS H 87 13.85 -32.38 8.16
C HIS H 87 15.08 -33.29 8.18
N ASN H 88 15.48 -33.75 9.37
CA ASN H 88 16.66 -34.59 9.48
C ASN H 88 16.46 -35.95 8.80
N TYR H 89 15.24 -36.48 8.82
CA TYR H 89 15.00 -37.78 8.21
C TYR H 89 15.27 -37.76 6.71
N GLN H 90 15.01 -36.62 6.04
CA GLN H 90 15.39 -36.49 4.65
C GLN H 90 16.90 -36.52 4.48
N LEU H 91 17.64 -36.00 5.45
CA LEU H 91 19.10 -36.12 5.41
C LEU H 91 19.54 -37.55 5.64
N GLU H 92 18.82 -38.29 6.50
CA GLU H 92 19.18 -39.68 6.76
C GLU H 92 18.91 -40.57 5.56
N LEU H 93 17.91 -40.23 4.75
CA LEU H 93 17.59 -41.07 3.59
C LEU H 93 18.73 -41.10 2.59
N ARG H 94 19.50 -40.02 2.50
CA ARG H 94 20.64 -39.93 1.59
C ARG H 94 21.96 -40.30 2.25
N THR H 95 21.98 -40.62 3.55
CA THR H 95 23.22 -40.88 4.25
C THR H 95 23.20 -42.20 5.01
N THR H 96 22.80 -42.17 6.29
CA THR H 96 22.92 -43.35 7.14
C THR H 96 22.06 -44.50 6.62
N LEU H 97 20.88 -44.18 6.06
CA LEU H 97 20.03 -45.23 5.54
C LEU H 97 20.53 -45.79 4.21
N GLN H 98 21.51 -45.14 3.59
CA GLN H 98 22.17 -45.67 2.40
C GLN H 98 23.40 -46.51 2.74
N ARG H 99 23.88 -46.44 3.98
CA ARG H 99 25.12 -47.09 4.36
C ARG H 99 24.95 -48.60 4.31
N ARG H 100 25.80 -49.26 3.52
CA ARG H 100 25.77 -50.70 3.36
C ARG H 100 27.20 -51.20 3.44
N VAL H 101 27.51 -51.96 4.49
CA VAL H 101 28.84 -52.53 4.70
C VAL H 101 28.70 -54.04 4.64
N GLU H 102 29.38 -54.66 3.69
CA GLU H 102 29.27 -56.11 3.51
C GLU H 102 29.87 -56.84 4.70
N PRO H 103 29.16 -57.79 5.30
CA PRO H 103 29.75 -58.55 6.41
C PRO H 103 30.91 -59.42 5.94
N THR H 104 31.91 -59.55 6.79
CA THR H 104 33.09 -60.38 6.53
C THR H 104 32.96 -61.67 7.30
N VAL H 105 32.86 -62.78 6.57
CA VAL H 105 32.67 -64.10 7.16
C VAL H 105 34.02 -64.77 7.35
N THR H 106 34.11 -65.58 8.41
CA THR H 106 35.36 -66.24 8.79
C THR H 106 35.02 -67.38 9.73
N ILE H 107 35.51 -68.57 9.41
CA ILE H 107 35.30 -69.77 10.22
C ILE H 107 36.61 -70.12 10.90
N SER H 108 36.54 -70.39 12.21
CA SER H 108 37.72 -70.67 13.02
C SER H 108 37.44 -71.86 13.93
N PRO H 109 38.22 -72.93 13.82
CA PRO H 109 37.96 -74.13 14.64
C PRO H 109 38.28 -73.89 16.11
N SER H 110 37.39 -74.36 16.97
CA SER H 110 37.59 -74.24 18.42
C SER H 110 37.60 -75.63 19.07
N HIS H 118 38.38 -81.81 16.55
CA HIS H 118 37.70 -80.65 17.11
C HIS H 118 36.22 -80.94 17.30
N ASN H 119 35.55 -80.09 18.09
CA ASN H 119 34.13 -80.28 18.36
C ASN H 119 33.31 -79.01 18.29
N LEU H 120 33.92 -77.83 18.12
CA LEU H 120 33.19 -76.57 18.05
C LEU H 120 33.67 -75.77 16.84
N LEU H 121 32.74 -75.06 16.19
CA LEU H 121 33.04 -74.29 14.99
C LEU H 121 32.39 -72.92 15.12
N VAL H 122 33.15 -71.87 14.88
CA VAL H 122 32.71 -70.49 15.09
C VAL H 122 32.75 -69.75 13.76
N CYS H 123 31.58 -69.30 13.31
CA CYS H 123 31.46 -68.45 12.13
C CYS H 123 31.39 -67.00 12.59
N SER H 124 32.42 -66.22 12.26
CA SER H 124 32.50 -64.83 12.69
C SER H 124 32.00 -63.93 11.56
N VAL H 125 30.92 -63.21 11.82
CA VAL H 125 30.34 -62.25 10.89
C VAL H 125 30.67 -60.87 11.44
N THR H 126 31.66 -60.21 10.84
CA THR H 126 32.22 -58.99 11.40
C THR H 126 32.08 -57.82 10.44
N ASP H 127 31.89 -56.62 11.02
CA ASP H 127 31.95 -55.35 10.31
C ASP H 127 30.89 -55.27 9.21
N PHE H 128 29.63 -55.17 9.65
CA PHE H 128 28.52 -54.99 8.74
C PHE H 128 27.57 -53.92 9.25
N TYR H 129 26.83 -53.32 8.32
CA TYR H 129 25.81 -52.32 8.60
C TYR H 129 24.85 -52.32 7.43
N PRO H 130 23.52 -52.23 7.67
CA PRO H 130 22.88 -52.10 8.98
C PRO H 130 22.82 -53.39 9.80
N ALA H 131 21.99 -53.39 10.83
CA ALA H 131 22.03 -54.44 11.84
C ALA H 131 21.37 -55.73 11.38
N GLN H 132 20.41 -55.66 10.46
CA GLN H 132 19.69 -56.86 10.06
C GLN H 132 20.64 -57.90 9.48
N ILE H 133 20.62 -59.09 10.05
CA ILE H 133 21.53 -60.15 9.67
C ILE H 133 20.81 -61.48 9.83
N LYS H 134 21.22 -62.47 9.05
CA LYS H 134 20.64 -63.81 9.11
C LYS H 134 21.76 -64.80 8.88
N VAL H 135 22.02 -65.67 9.86
CA VAL H 135 23.13 -66.60 9.82
C VAL H 135 22.59 -68.01 9.98
N ARG H 136 23.00 -68.90 9.09
CA ARG H 136 22.61 -70.31 9.12
C ARG H 136 23.85 -71.17 8.91
N TRP H 137 23.90 -72.30 9.63
CA TRP H 137 24.96 -73.28 9.44
C TRP H 137 24.47 -74.40 8.52
N PHE H 138 25.42 -75.03 7.82
CA PHE H 138 25.10 -76.08 6.87
C PHE H 138 26.12 -77.19 6.97
N ARG H 139 25.63 -78.42 7.17
CA ARG H 139 26.45 -79.63 7.19
C ARG H 139 25.96 -80.57 6.09
N ASN H 140 26.71 -80.66 5.00
CA ASN H 140 26.38 -81.52 3.86
C ASN H 140 24.99 -81.20 3.34
N ASP H 141 24.79 -79.92 2.99
CA ASP H 141 23.55 -79.40 2.43
C ASP H 141 22.36 -79.53 3.39
N GLN H 142 22.57 -80.18 4.53
CA GLN H 142 21.54 -80.29 5.56
C GLN H 142 21.80 -79.23 6.63
N GLU H 143 20.82 -78.36 6.84
CA GLU H 143 20.97 -77.29 7.82
C GLU H 143 20.94 -77.86 9.24
N GLU H 144 21.85 -77.37 10.08
CA GLU H 144 21.98 -77.82 11.45
C GLU H 144 21.42 -76.74 12.37
N THR H 145 20.39 -77.09 13.15
CA THR H 145 19.81 -76.20 14.14
C THR H 145 19.91 -76.70 15.56
N ALA H 146 20.09 -78.01 15.77
CA ALA H 146 20.12 -78.58 17.11
C ALA H 146 21.42 -78.32 17.85
N GLY H 147 22.47 -77.87 17.17
CA GLY H 147 23.77 -77.74 17.79
C GLY H 147 24.42 -76.39 17.65
N VAL H 148 23.64 -75.36 17.35
CA VAL H 148 24.16 -74.01 17.10
C VAL H 148 23.85 -73.15 18.32
N VAL H 149 24.77 -72.25 18.64
CA VAL H 149 24.57 -71.25 19.70
C VAL H 149 25.23 -69.96 19.24
N SER H 150 24.48 -68.86 19.30
CA SER H 150 24.92 -67.58 18.76
C SER H 150 24.96 -66.54 19.84
N THR H 151 26.01 -65.71 19.81
CA THR H 151 26.08 -64.55 20.67
C THR H 151 25.04 -63.52 20.26
N PRO H 152 24.65 -62.63 21.16
CA PRO H 152 23.75 -61.54 20.76
C PRO H 152 24.40 -60.62 19.74
N LEU H 153 23.58 -59.76 19.15
CA LEU H 153 24.08 -58.80 18.18
C LEU H 153 24.98 -57.79 18.89
N ILE H 154 26.24 -57.71 18.46
CA ILE H 154 27.23 -56.87 19.11
C ILE H 154 27.39 -55.57 18.33
N ARG H 155 27.28 -54.46 19.03
CA ARG H 155 27.51 -53.14 18.43
C ARG H 155 28.95 -52.73 18.69
N ASN H 156 29.73 -52.55 17.61
CA ASN H 156 31.13 -52.17 17.76
C ASN H 156 31.31 -50.70 18.08
N GLY H 157 30.29 -49.87 17.88
CA GLY H 157 30.37 -48.45 18.15
C GLY H 157 30.94 -47.60 17.04
N ASP H 158 31.52 -48.20 16.01
CA ASP H 158 32.08 -47.48 14.88
C ASP H 158 31.20 -47.64 13.64
N TRP H 159 29.88 -47.67 13.86
CA TRP H 159 28.90 -47.82 12.79
C TRP H 159 29.03 -49.16 12.07
N THR H 160 29.54 -50.17 12.77
CA THR H 160 29.56 -51.54 12.28
C THR H 160 29.10 -52.47 13.39
N PHE H 161 28.58 -53.62 12.99
CA PHE H 161 28.14 -54.66 13.91
C PHE H 161 28.93 -55.93 13.66
N GLN H 162 28.82 -56.86 14.61
CA GLN H 162 29.40 -58.18 14.44
C GLN H 162 28.58 -59.17 15.25
N ILE H 163 28.64 -60.43 14.84
CA ILE H 163 27.91 -61.51 15.50
C ILE H 163 28.66 -62.80 15.27
N LEU H 164 28.76 -63.61 16.32
CA LEU H 164 29.50 -64.87 16.29
C LEU H 164 28.51 -66.00 16.54
N VAL H 165 28.52 -66.99 15.65
CA VAL H 165 27.64 -68.16 15.76
C VAL H 165 28.51 -69.39 15.94
N MET H 166 28.46 -69.98 17.12
CA MET H 166 29.20 -71.20 17.41
C MET H 166 28.38 -72.41 16.97
N LEU H 167 29.10 -73.51 16.70
CA LEU H 167 28.49 -74.72 16.18
C LEU H 167 29.02 -75.94 16.93
N GLU H 168 28.12 -76.63 17.64
CA GLU H 168 28.47 -77.90 18.28
C GLU H 168 28.41 -78.99 17.21
N MET H 169 29.57 -79.51 16.83
CA MET H 169 29.67 -80.43 15.70
C MET H 169 30.37 -81.71 16.11
N THR H 170 30.29 -82.70 15.22
CA THR H 170 30.99 -83.97 15.39
C THR H 170 31.56 -84.34 14.02
N PRO H 171 32.86 -84.14 13.81
CA PRO H 171 33.42 -84.26 12.46
C PRO H 171 33.63 -85.71 12.03
N GLN H 172 33.56 -85.91 10.72
CA GLN H 172 33.87 -87.20 10.11
C GLN H 172 34.67 -86.95 8.85
N ARG H 173 35.23 -88.02 8.29
CA ARG H 173 36.01 -87.88 7.07
C ARG H 173 35.07 -87.62 5.89
N GLY H 174 35.20 -86.45 5.28
CA GLY H 174 34.34 -86.07 4.17
C GLY H 174 33.34 -84.98 4.46
N ASP H 175 33.33 -84.42 5.67
CA ASP H 175 32.35 -83.41 6.03
C ASP H 175 32.72 -82.03 5.48
N VAL H 176 31.72 -81.31 5.03
CA VAL H 176 31.86 -79.95 4.51
C VAL H 176 30.93 -79.06 5.31
N TYR H 177 31.49 -78.24 6.19
CA TYR H 177 30.71 -77.30 6.98
C TYR H 177 30.65 -75.95 6.27
N THR H 178 29.44 -75.40 6.15
CA THR H 178 29.22 -74.15 5.43
C THR H 178 28.42 -73.18 6.29
N CYS H 179 28.87 -71.94 6.34
CA CYS H 179 28.16 -70.87 7.03
C CYS H 179 27.40 -70.04 6.02
N HIS H 180 26.14 -69.76 6.30
CA HIS H 180 25.23 -69.10 5.37
C HIS H 180 24.77 -67.79 6.01
N VAL H 181 25.09 -66.67 5.36
CA VAL H 181 24.83 -65.34 5.90
C VAL H 181 24.01 -64.54 4.89
N GLU H 182 22.99 -63.84 5.37
CA GLU H 182 22.16 -62.97 4.56
C GLU H 182 22.15 -61.57 5.18
N HIS H 183 22.27 -60.55 4.32
CA HIS H 183 22.44 -59.18 4.75
C HIS H 183 21.90 -58.26 3.67
N PRO H 184 21.25 -57.14 4.03
CA PRO H 184 20.68 -56.26 3.00
C PRO H 184 21.70 -55.68 2.04
N SER H 185 22.99 -55.66 2.41
CA SER H 185 24.03 -55.24 1.49
C SER H 185 24.29 -56.26 0.39
N LEU H 186 23.75 -57.47 0.52
CA LEU H 186 24.04 -58.58 -0.38
C LEU H 186 22.92 -58.76 -1.39
N GLN H 187 23.27 -58.92 -2.65
CA GLN H 187 22.31 -59.38 -3.66
C GLN H 187 22.06 -60.88 -3.55
N SER H 188 23.00 -61.62 -3.00
CA SER H 188 22.91 -63.07 -2.82
C SER H 188 23.65 -63.41 -1.54
N PRO H 189 23.21 -64.43 -0.81
CA PRO H 189 23.85 -64.76 0.47
C PRO H 189 25.32 -65.13 0.30
N ILE H 190 26.08 -64.96 1.38
CA ILE H 190 27.48 -65.34 1.44
C ILE H 190 27.60 -66.75 1.98
N THR H 191 28.50 -67.53 1.42
CA THR H 191 28.77 -68.89 1.86
C THR H 191 30.27 -69.07 2.06
N VAL H 192 30.65 -69.59 3.22
CA VAL H 192 32.05 -69.91 3.50
C VAL H 192 32.09 -71.35 4.01
N GLU H 193 33.03 -72.14 3.49
CA GLU H 193 33.12 -73.56 3.79
C GLU H 193 34.34 -73.83 4.65
N TRP H 194 34.35 -75.01 5.26
CA TRP H 194 35.48 -75.47 6.05
C TRP H 194 35.59 -76.98 5.95
N ARG H 195 36.79 -77.47 5.66
CA ARG H 195 37.07 -78.90 5.54
C ARG H 195 38.30 -79.23 6.35
N ALA H 196 38.35 -80.48 6.84
CA ALA H 196 39.48 -80.94 7.64
C ALA H 196 40.45 -81.74 6.79
N ALA I 1 23.09 -28.31 3.14
CA ALA I 1 22.07 -28.82 4.05
C ALA I 1 22.51 -28.67 5.50
N VAL I 2 21.59 -28.27 6.37
CA VAL I 2 21.88 -28.01 7.77
C VAL I 2 21.07 -28.98 8.63
N VAL I 3 21.69 -29.47 9.70
CA VAL I 3 21.02 -30.37 10.63
C VAL I 3 20.24 -29.53 11.66
N GLN I 4 19.01 -29.95 11.95
CA GLN I 4 18.16 -29.26 12.90
C GLN I 4 18.18 -29.99 14.24
N SER I 5 18.07 -29.22 15.33
CA SER I 5 18.16 -29.77 16.68
C SER I 5 17.00 -29.27 17.53
N GLU I 6 16.52 -30.13 18.41
CA GLU I 6 15.49 -29.73 19.36
C GLU I 6 16.10 -28.88 20.46
N LEU I 7 15.31 -27.95 21.00
CA LEU I 7 15.80 -26.97 21.94
C LEU I 7 15.08 -27.09 23.27
N PRO I 8 15.79 -27.18 24.39
CA PRO I 8 15.13 -27.13 25.70
C PRO I 8 14.87 -25.68 26.12
N TYR I 9 13.89 -25.53 26.99
CA TYR I 9 13.54 -24.20 27.45
C TYR I 9 13.83 -24.04 28.94
N PRO I 10 14.20 -22.83 29.38
CA PRO I 10 14.53 -22.62 30.78
C PRO I 10 13.30 -22.73 31.68
N GLU I 11 13.57 -22.92 32.97
CA GLU I 11 12.53 -23.10 33.96
C GLU I 11 13.10 -22.79 35.34
N GLY I 12 12.30 -22.12 36.18
CA GLY I 12 12.74 -21.84 37.54
C GLY I 12 13.89 -20.85 37.56
N SER I 13 14.86 -21.09 38.44
CA SER I 13 16.03 -20.25 38.56
C SER I 13 17.27 -21.07 38.89
N ALA J 1 -25.03 26.24 -2.56
CA ALA J 1 -25.85 25.21 -3.17
C ALA J 1 -25.89 25.40 -4.69
N VAL J 2 -25.83 24.29 -5.41
CA VAL J 2 -25.78 24.29 -6.87
C VAL J 2 -27.02 23.57 -7.39
N VAL J 3 -27.59 24.10 -8.47
CA VAL J 3 -28.76 23.48 -9.11
C VAL J 3 -28.27 22.41 -10.08
N GLN J 4 -28.92 21.25 -10.04
CA GLN J 4 -28.59 20.13 -10.92
C GLN J 4 -29.61 20.04 -12.05
N SER J 5 -29.13 19.59 -13.22
CA SER J 5 -29.93 19.53 -14.42
C SER J 5 -29.82 18.16 -15.07
N GLU J 6 -30.92 17.71 -15.66
CA GLU J 6 -30.91 16.46 -16.42
C GLU J 6 -30.19 16.67 -17.75
N LEU J 7 -29.56 15.61 -18.24
CA LEU J 7 -28.71 15.69 -19.41
C LEU J 7 -29.23 14.80 -20.53
N PRO J 8 -29.44 15.33 -21.73
CA PRO J 8 -29.77 14.47 -22.87
C PRO J 8 -28.50 13.88 -23.49
N TYR J 9 -28.69 12.76 -24.16
CA TYR J 9 -27.53 12.11 -24.78
C TYR J 9 -27.68 12.09 -26.30
N PRO J 10 -26.56 12.15 -27.03
CA PRO J 10 -26.64 12.17 -28.49
C PRO J 10 -27.13 10.84 -29.06
N GLU J 11 -27.55 10.90 -30.32
CA GLU J 11 -28.11 9.74 -30.99
C GLU J 11 -28.00 9.96 -32.50
N GLY J 12 -27.68 8.89 -33.23
CA GLY J 12 -27.60 8.99 -34.68
C GLY J 12 -26.44 9.86 -35.12
N SER J 13 -26.68 10.67 -36.14
CA SER J 13 -25.66 11.58 -36.67
C SER J 13 -26.27 12.91 -37.13
#